data_5I22
#
_entry.id   5I22
#
loop_
_entity.id
_entity.type
_entity.pdbx_description
1 polymer 'Myc box-dependent-interacting protein 1'
2 polymer 'CHIKV nsP3 peptide'
#
loop_
_entity_poly.entity_id
_entity_poly.type
_entity_poly.pdbx_seq_one_letter_code
_entity_poly.pdbx_strand_id
1 'polypeptide(L)'
;GRLDLPPGFMFKVQAQHDYTATDTDELQLKAGDVVLVIPFQNPEEQDEGWLMGVKESDWNQHKELEKCRGVFPENFTERV
P
;
A
2 'polypeptide(L)' STVPVAPPRRRRGRNLT B
#
# COMPACT_ATOMS: atom_id res chain seq x y z
N GLY A 1 4.64 8.23 14.70
CA GLY A 1 3.99 8.48 13.41
C GLY A 1 3.74 9.96 13.20
N ARG A 2 3.45 10.36 11.96
CA ARG A 2 3.27 11.75 11.51
C ARG A 2 1.81 12.18 11.33
N LEU A 3 1.56 13.47 11.52
CA LEU A 3 0.24 14.09 11.33
C LEU A 3 0.22 15.13 10.18
N ASP A 4 1.38 15.63 9.75
CA ASP A 4 1.61 16.13 8.39
C ASP A 4 1.88 15.01 7.37
N LEU A 5 1.00 14.90 6.38
CA LEU A 5 0.71 13.65 5.63
C LEU A 5 0.79 13.85 4.11
N PRO A 6 0.87 12.78 3.30
CA PRO A 6 1.05 12.86 1.85
C PRO A 6 -0.14 13.48 1.11
N PRO A 7 0.07 13.96 -0.12
CA PRO A 7 -0.97 14.62 -0.91
C PRO A 7 -2.16 13.68 -1.12
N GLY A 8 -3.37 14.19 -0.90
CA GLY A 8 -4.60 13.41 -1.04
C GLY A 8 -4.85 12.33 0.02
N PHE A 9 -3.99 12.17 1.03
CA PHE A 9 -4.13 11.17 2.11
C PHE A 9 -5.56 10.83 2.59
N MET A 10 -5.89 9.53 2.70
CA MET A 10 -7.25 9.07 3.06
C MET A 10 -7.36 8.66 4.53
N PHE A 11 -6.53 7.71 4.96
CA PHE A 11 -6.48 7.07 6.29
C PHE A 11 -5.21 6.26 6.45
N LYS A 12 -4.95 5.73 7.64
CA LYS A 12 -3.83 4.79 7.86
C LYS A 12 -4.33 3.35 8.03
N VAL A 13 -3.42 2.40 7.82
CA VAL A 13 -3.55 0.98 8.21
C VAL A 13 -2.30 0.54 8.96
N GLN A 14 -2.33 -0.55 9.72
CA GLN A 14 -1.13 -1.13 10.34
C GLN A 14 -0.99 -2.63 10.02
N ALA A 15 0.18 -3.07 9.53
CA ALA A 15 0.44 -4.47 9.19
C ALA A 15 0.30 -5.38 10.42
N GLN A 16 -0.50 -6.44 10.28
CA GLN A 16 -0.67 -7.52 11.26
C GLN A 16 0.27 -8.70 10.96
N HIS A 17 0.66 -8.86 9.69
CA HIS A 17 1.51 -9.92 9.15
C HIS A 17 2.54 -9.29 8.18
N ASP A 18 3.63 -10.00 7.84
CA ASP A 18 4.64 -9.49 6.89
C ASP A 18 4.35 -9.87 5.43
N TYR A 19 4.65 -8.97 4.49
CA TYR A 19 4.41 -9.14 3.05
C TYR A 19 5.57 -8.70 2.16
N THR A 20 6.06 -9.58 1.29
CA THR A 20 7.09 -9.26 0.28
C THR A 20 6.53 -8.95 -1.11
N ALA A 21 6.80 -7.75 -1.62
CA ALA A 21 6.27 -7.28 -2.90
C ALA A 21 6.81 -8.11 -4.08
N THR A 22 5.90 -8.79 -4.78
CA THR A 22 6.24 -9.73 -5.85
C THR A 22 6.52 -9.05 -7.20
N ASP A 23 5.91 -7.90 -7.43
CA ASP A 23 5.79 -7.23 -8.75
C ASP A 23 5.95 -5.70 -8.75
N THR A 24 5.91 -5.12 -9.96
CA THR A 24 6.40 -3.76 -10.23
C THR A 24 5.55 -2.57 -9.78
N ASP A 25 4.35 -2.79 -9.25
CA ASP A 25 3.56 -1.77 -8.52
C ASP A 25 3.41 -2.01 -7.00
N GLU A 26 3.81 -3.19 -6.52
CA GLU A 26 3.51 -3.68 -5.18
C GLU A 26 4.43 -3.11 -4.05
N LEU A 27 3.88 -2.89 -2.85
CA LEU A 27 4.49 -2.33 -1.63
C LEU A 27 4.93 -3.45 -0.67
N GLN A 28 6.11 -3.33 -0.04
CA GLN A 28 6.60 -4.28 0.98
C GLN A 28 6.18 -3.87 2.41
N LEU A 29 5.70 -4.82 3.22
CA LEU A 29 5.25 -4.61 4.60
C LEU A 29 5.93 -5.56 5.60
N LYS A 30 6.19 -5.09 6.82
CA LYS A 30 6.59 -5.90 7.98
C LYS A 30 5.47 -5.88 9.01
N ALA A 31 5.18 -7.00 9.68
CA ALA A 31 4.21 -7.05 10.77
C ALA A 31 4.51 -5.96 11.83
N GLY A 32 3.65 -4.95 11.89
CA GLY A 32 3.79 -3.75 12.72
C GLY A 32 3.94 -2.43 11.95
N ASP A 33 4.10 -2.46 10.63
CA ASP A 33 4.27 -1.26 9.80
C ASP A 33 2.98 -0.44 9.62
N VAL A 34 2.96 0.83 10.03
CA VAL A 34 1.91 1.76 9.60
C VAL A 34 2.07 2.12 8.13
N VAL A 35 0.97 2.12 7.36
CA VAL A 35 0.90 2.53 5.96
C VAL A 35 -0.12 3.63 5.78
N LEU A 36 0.31 4.75 5.22
CA LEU A 36 -0.53 5.90 4.94
C LEU A 36 -1.28 5.64 3.63
N VAL A 37 -2.55 5.24 3.70
CA VAL A 37 -3.41 5.08 2.50
C VAL A 37 -3.60 6.38 1.70
N ILE A 38 -3.39 6.32 0.38
CA ILE A 38 -3.57 7.42 -0.59
C ILE A 38 -4.47 6.97 -1.77
N PRO A 39 -5.12 7.90 -2.48
CA PRO A 39 -5.87 7.61 -3.70
C PRO A 39 -4.92 7.35 -4.90
N PHE A 40 -5.40 6.53 -5.84
CA PHE A 40 -4.67 6.09 -7.05
C PHE A 40 -4.36 7.13 -8.13
N GLN A 41 -3.32 6.91 -8.94
CA GLN A 41 -3.03 7.73 -10.13
C GLN A 41 -3.94 7.44 -11.34
N ASN A 42 -4.67 6.33 -11.32
CA ASN A 42 -5.76 6.00 -12.27
C ASN A 42 -6.69 4.94 -11.65
N PRO A 43 -7.98 4.89 -12.02
CA PRO A 43 -8.94 3.92 -11.50
C PRO A 43 -8.69 2.48 -12.00
N GLU A 44 -8.12 2.33 -13.21
CA GLU A 44 -7.73 1.02 -13.75
C GLU A 44 -6.51 0.40 -13.03
N GLU A 45 -5.71 1.23 -12.36
CA GLU A 45 -4.53 0.79 -11.61
C GLU A 45 -4.86 0.20 -10.24
N GLN A 46 -6.04 0.55 -9.69
CA GLN A 46 -6.61 -0.04 -8.48
C GLN A 46 -7.06 -1.48 -8.72
N ASP A 47 -6.22 -2.38 -8.21
CA ASP A 47 -6.46 -3.82 -8.18
C ASP A 47 -7.53 -4.27 -7.17
N GLU A 48 -8.38 -5.22 -7.55
CA GLU A 48 -9.53 -5.62 -6.73
C GLU A 48 -9.05 -6.38 -5.47
N GLY A 49 -9.45 -5.92 -4.28
CA GLY A 49 -8.94 -6.43 -3.00
C GLY A 49 -7.63 -5.77 -2.52
N TRP A 50 -7.07 -4.82 -3.28
CA TRP A 50 -5.82 -4.10 -2.96
C TRP A 50 -6.06 -2.69 -2.39
N LEU A 51 -5.03 -2.10 -1.77
CA LEU A 51 -4.97 -0.70 -1.34
C LEU A 51 -3.63 -0.08 -1.77
N MET A 52 -3.58 1.23 -2.04
CA MET A 52 -2.34 1.99 -2.25
C MET A 52 -2.00 2.88 -1.05
N GLY A 53 -0.71 2.95 -0.72
CA GLY A 53 -0.18 3.83 0.30
C GLY A 53 1.33 3.95 0.23
N VAL A 54 1.89 4.63 1.24
CA VAL A 54 3.33 4.69 1.53
C VAL A 54 3.56 4.38 3.00
N LYS A 55 4.61 3.64 3.34
CA LYS A 55 4.94 3.36 4.73
C LYS A 55 5.17 4.63 5.52
N GLU A 56 4.62 4.69 6.73
CA GLU A 56 4.74 5.87 7.56
C GLU A 56 6.20 6.18 7.88
N SER A 57 7.05 5.20 8.18
CA SER A 57 8.48 5.49 8.42
C SER A 57 9.20 5.94 7.15
N ASP A 58 8.83 5.39 5.99
CA ASP A 58 9.31 5.84 4.68
C ASP A 58 8.98 7.31 4.36
N TRP A 59 7.83 7.77 4.86
CA TRP A 59 7.36 9.15 4.80
C TRP A 59 7.91 10.06 5.92
N ASN A 60 8.13 9.54 7.13
CA ASN A 60 8.74 10.23 8.28
C ASN A 60 10.27 10.44 8.09
N GLN A 61 10.89 9.65 7.21
CA GLN A 61 12.25 9.84 6.67
C GLN A 61 12.29 10.77 5.44
N HIS A 62 11.11 11.17 4.95
CA HIS A 62 10.87 12.16 3.89
C HIS A 62 11.54 11.79 2.55
N LYS A 63 11.53 10.49 2.23
CA LYS A 63 12.06 9.89 1.01
C LYS A 63 11.17 10.14 -0.21
N GLU A 64 11.69 9.89 -1.41
CA GLU A 64 11.00 10.02 -2.71
C GLU A 64 9.64 9.29 -2.79
N LEU A 65 8.54 10.02 -2.56
CA LEU A 65 7.17 9.50 -2.39
C LEU A 65 6.72 8.62 -3.57
N GLU A 66 6.89 9.12 -4.80
CA GLU A 66 6.42 8.43 -6.01
C GLU A 66 7.18 7.12 -6.33
N LYS A 67 8.31 6.88 -5.67
CA LYS A 67 9.09 5.64 -5.71
C LYS A 67 8.93 4.79 -4.44
N CYS A 68 8.61 5.41 -3.31
CA CYS A 68 8.39 4.73 -2.03
C CYS A 68 6.97 4.13 -1.87
N ARG A 69 5.96 4.71 -2.53
CA ARG A 69 4.56 4.21 -2.52
C ARG A 69 4.40 2.90 -3.30
N GLY A 70 3.30 2.20 -3.03
CA GLY A 70 2.91 0.96 -3.71
C GLY A 70 1.54 0.43 -3.32
N VAL A 71 1.11 -0.64 -4.00
CA VAL A 71 -0.09 -1.42 -3.69
C VAL A 71 0.19 -2.62 -2.79
N PHE A 72 -0.66 -2.85 -1.80
CA PHE A 72 -0.58 -3.97 -0.86
C PHE A 72 -1.91 -4.73 -0.65
N PRO A 73 -1.87 -6.01 -0.24
CA PRO A 73 -3.07 -6.72 0.20
C PRO A 73 -3.58 -6.11 1.50
N GLU A 74 -4.71 -5.39 1.42
CA GLU A 74 -5.37 -4.75 2.57
C GLU A 74 -5.61 -5.71 3.74
N ASN A 75 -5.81 -7.00 3.45
CA ASN A 75 -6.05 -8.10 4.38
C ASN A 75 -4.82 -8.49 5.22
N PHE A 76 -3.61 -8.04 4.86
CA PHE A 76 -2.43 -8.09 5.73
C PHE A 76 -2.35 -7.03 6.85
N THR A 77 -3.20 -6.00 6.76
CA THR A 77 -3.21 -4.83 7.65
C THR A 77 -4.56 -4.67 8.37
N GLU A 78 -4.64 -3.74 9.30
CA GLU A 78 -5.89 -3.32 9.94
C GLU A 78 -6.08 -1.81 9.82
N ARG A 79 -7.32 -1.37 9.56
CA ARG A 79 -7.72 0.05 9.58
C ARG A 79 -7.54 0.62 10.99
N VAL A 80 -6.62 1.58 11.13
CA VAL A 80 -6.34 2.30 12.38
C VAL A 80 -7.12 3.62 12.39
N PRO A 81 -7.45 4.19 13.57
CA PRO A 81 -8.24 5.41 13.72
C PRO A 81 -7.50 6.67 13.21
N SER B 1 1.47 -20.89 10.64
CA SER B 1 0.01 -21.09 10.79
C SER B 1 -0.79 -19.81 10.55
N THR B 2 -2.02 -19.95 10.03
CA THR B 2 -3.10 -18.93 10.02
C THR B 2 -2.74 -17.60 9.37
N VAL B 3 -1.88 -17.65 8.35
CA VAL B 3 -1.48 -16.47 7.55
C VAL B 3 -2.49 -16.04 6.47
N PRO B 4 -2.66 -14.74 6.18
CA PRO B 4 -3.50 -14.26 5.07
C PRO B 4 -2.87 -14.54 3.68
N VAL B 5 -3.66 -14.33 2.61
CA VAL B 5 -3.25 -14.55 1.21
C VAL B 5 -3.62 -13.36 0.31
N ALA B 6 -2.65 -12.83 -0.46
CA ALA B 6 -2.87 -11.66 -1.31
C ALA B 6 -3.85 -11.95 -2.48
N PRO B 7 -4.80 -11.05 -2.80
CA PRO B 7 -5.81 -11.29 -3.83
C PRO B 7 -5.28 -11.11 -5.27
N PRO B 8 -5.98 -11.64 -6.31
CA PRO B 8 -5.55 -11.55 -7.70
C PRO B 8 -5.68 -10.13 -8.28
N ARG B 9 -4.58 -9.61 -8.83
CA ARG B 9 -4.52 -8.33 -9.58
C ARG B 9 -5.07 -8.50 -11.00
N ARG B 10 -5.54 -7.42 -11.62
CA ARG B 10 -6.38 -7.49 -12.84
C ARG B 10 -5.75 -6.76 -14.05
N ARG B 11 -6.19 -7.08 -15.26
CA ARG B 11 -5.70 -6.44 -16.51
C ARG B 11 -5.89 -4.92 -16.50
N ARG B 12 -4.96 -4.14 -17.07
CA ARG B 12 -5.18 -2.73 -17.42
C ARG B 12 -4.30 -2.25 -18.59
N GLY B 13 -4.79 -1.22 -19.31
CA GLY B 13 -4.08 -0.62 -20.46
C GLY B 13 -3.93 -1.55 -21.67
N ARG B 14 -4.79 -2.56 -21.84
CA ARG B 14 -4.69 -3.60 -22.87
C ARG B 14 -5.06 -3.07 -24.26
N ASN B 15 -4.20 -3.32 -25.25
CA ASN B 15 -4.36 -2.86 -26.64
C ASN B 15 -3.60 -3.75 -27.64
N LEU B 16 -4.22 -4.04 -28.79
CA LEU B 16 -3.67 -4.81 -29.92
C LEU B 16 -4.08 -4.20 -31.26
N THR B 17 -3.40 -4.56 -32.35
CA THR B 17 -3.66 -4.05 -33.72
C THR B 17 -5.08 -4.18 -34.26
N GLY A 1 3.80 8.48 15.06
CA GLY A 1 4.01 8.53 13.61
C GLY A 1 4.20 9.96 13.13
N ARG A 2 3.39 10.37 12.15
CA ARG A 2 3.33 11.73 11.57
C ARG A 2 1.90 12.22 11.32
N LEU A 3 1.73 13.54 11.34
CA LEU A 3 0.48 14.25 11.01
C LEU A 3 0.64 15.23 9.83
N ASP A 4 1.85 15.68 9.50
CA ASP A 4 2.18 16.00 8.11
C ASP A 4 2.18 14.78 7.19
N LEU A 5 1.21 14.73 6.27
CA LEU A 5 0.79 13.51 5.57
C LEU A 5 0.78 13.72 4.06
N PRO A 6 0.81 12.63 3.27
CA PRO A 6 0.94 12.70 1.82
C PRO A 6 -0.27 13.38 1.14
N PRO A 7 -0.09 13.88 -0.09
CA PRO A 7 -1.18 14.50 -0.85
C PRO A 7 -2.28 13.46 -1.11
N GLY A 8 -3.53 13.87 -0.92
CA GLY A 8 -4.72 13.04 -1.10
C GLY A 8 -5.00 12.04 0.02
N PHE A 9 -4.14 11.93 1.05
CA PHE A 9 -4.27 10.97 2.15
C PHE A 9 -5.69 10.62 2.62
N MET A 10 -6.04 9.33 2.64
CA MET A 10 -7.38 8.88 3.03
C MET A 10 -7.45 8.50 4.51
N PHE A 11 -6.53 7.65 4.95
CA PHE A 11 -6.45 6.99 6.25
C PHE A 11 -5.14 6.26 6.48
N LYS A 12 -4.84 5.84 7.70
CA LYS A 12 -3.75 4.89 7.94
C LYS A 12 -4.29 3.46 8.06
N VAL A 13 -3.40 2.49 7.87
CA VAL A 13 -3.60 1.07 8.20
C VAL A 13 -2.34 0.56 8.91
N GLN A 14 -2.42 -0.54 9.67
CA GLN A 14 -1.24 -1.17 10.29
C GLN A 14 -1.12 -2.66 9.93
N ALA A 15 0.07 -3.11 9.48
CA ALA A 15 0.32 -4.49 9.04
C ALA A 15 0.19 -5.46 10.21
N GLN A 16 -0.75 -6.39 10.10
CA GLN A 16 -0.92 -7.48 11.06
C GLN A 16 0.06 -8.64 10.77
N HIS A 17 0.46 -8.81 9.51
CA HIS A 17 1.35 -9.88 9.03
C HIS A 17 2.39 -9.32 8.03
N ASP A 18 3.49 -10.05 7.82
CA ASP A 18 4.57 -9.68 6.89
C ASP A 18 4.33 -10.05 5.42
N TYR A 19 4.64 -9.13 4.49
CA TYR A 19 4.47 -9.27 3.04
C TYR A 19 5.64 -8.67 2.24
N THR A 20 6.22 -9.42 1.29
CA THR A 20 7.29 -8.97 0.38
C THR A 20 6.81 -8.70 -1.04
N ALA A 21 7.25 -7.59 -1.65
CA ALA A 21 6.76 -7.13 -2.95
C ALA A 21 7.29 -7.98 -4.12
N THR A 22 6.36 -8.48 -4.93
CA THR A 22 6.57 -9.29 -6.16
C THR A 22 6.69 -8.50 -7.48
N ASP A 23 6.53 -7.18 -7.41
CA ASP A 23 6.41 -6.28 -8.56
C ASP A 23 7.01 -4.92 -8.17
N THR A 24 7.38 -4.11 -9.16
CA THR A 24 7.74 -2.71 -8.93
C THR A 24 6.60 -1.79 -8.49
N ASP A 25 5.35 -2.21 -8.75
CA ASP A 25 4.15 -1.45 -8.33
C ASP A 25 3.81 -1.77 -6.85
N GLU A 26 4.28 -2.89 -6.29
CA GLU A 26 3.93 -3.39 -4.96
C GLU A 26 4.72 -2.73 -3.79
N LEU A 27 4.09 -2.70 -2.61
CA LEU A 27 4.61 -2.21 -1.33
C LEU A 27 5.12 -3.39 -0.48
N GLN A 28 6.26 -3.21 0.20
CA GLN A 28 6.79 -4.16 1.18
C GLN A 28 6.29 -3.84 2.60
N LEU A 29 5.76 -4.81 3.34
CA LEU A 29 5.20 -4.64 4.68
C LEU A 29 5.78 -5.63 5.70
N LYS A 30 6.05 -5.18 6.92
CA LYS A 30 6.45 -5.99 8.09
C LYS A 30 5.32 -6.00 9.12
N ALA A 31 5.11 -7.10 9.85
CA ALA A 31 4.10 -7.22 10.90
C ALA A 31 4.29 -6.18 12.03
N GLY A 32 3.60 -5.05 11.90
CA GLY A 32 3.70 -3.86 12.75
C GLY A 32 3.84 -2.53 11.99
N ASP A 33 4.03 -2.55 10.67
CA ASP A 33 4.20 -1.33 9.88
C ASP A 33 2.92 -0.50 9.74
N VAL A 34 2.95 0.77 10.15
CA VAL A 34 1.92 1.74 9.74
C VAL A 34 2.12 2.12 8.27
N VAL A 35 1.03 2.16 7.52
CA VAL A 35 0.95 2.56 6.10
C VAL A 35 -0.06 3.67 5.91
N LEU A 36 0.39 4.77 5.35
CA LEU A 36 -0.43 5.93 5.04
C LEU A 36 -1.17 5.65 3.72
N VAL A 37 -2.43 5.23 3.79
CA VAL A 37 -3.27 5.04 2.59
C VAL A 37 -3.54 6.32 1.78
N ILE A 38 -3.35 6.24 0.46
CA ILE A 38 -3.61 7.31 -0.52
C ILE A 38 -4.52 6.80 -1.65
N PRO A 39 -5.27 7.69 -2.32
CA PRO A 39 -6.13 7.34 -3.44
C PRO A 39 -5.33 7.08 -4.72
N PHE A 40 -5.79 6.10 -5.51
CA PHE A 40 -5.17 5.72 -6.77
C PHE A 40 -5.14 6.82 -7.85
N GLN A 41 -4.13 6.78 -8.69
CA GLN A 41 -3.97 7.67 -9.85
C GLN A 41 -5.02 7.43 -10.96
N ASN A 42 -5.51 6.19 -11.09
CA ASN A 42 -6.67 5.83 -11.92
C ASN A 42 -7.44 4.63 -11.36
N PRO A 43 -8.77 4.55 -11.60
CA PRO A 43 -9.58 3.39 -11.23
C PRO A 43 -9.21 2.15 -12.04
N GLU A 44 -8.88 2.28 -13.35
CA GLU A 44 -8.43 1.16 -14.18
C GLU A 44 -7.04 0.61 -13.81
N GLU A 45 -6.28 1.32 -12.96
CA GLU A 45 -5.00 0.83 -12.43
C GLU A 45 -5.16 0.06 -11.11
N GLN A 46 -6.22 0.38 -10.35
CA GLN A 46 -6.54 -0.25 -9.06
C GLN A 46 -6.94 -1.71 -9.21
N ASP A 47 -6.23 -2.56 -8.48
CA ASP A 47 -6.46 -3.99 -8.37
C ASP A 47 -7.59 -4.26 -7.35
N GLU A 48 -8.46 -5.23 -7.61
CA GLU A 48 -9.63 -5.53 -6.76
C GLU A 48 -9.19 -6.30 -5.50
N GLY A 49 -9.56 -5.80 -4.32
CA GLY A 49 -9.09 -6.31 -3.03
C GLY A 49 -7.73 -5.74 -2.56
N TRP A 50 -7.18 -4.74 -3.26
CA TRP A 50 -5.90 -4.09 -2.96
C TRP A 50 -6.04 -2.63 -2.49
N LEU A 51 -5.03 -2.13 -1.74
CA LEU A 51 -4.91 -0.72 -1.35
C LEU A 51 -3.57 -0.15 -1.80
N MET A 52 -3.48 1.18 -1.90
CA MET A 52 -2.25 1.93 -2.18
C MET A 52 -1.89 2.87 -1.02
N GLY A 53 -0.60 3.01 -0.74
CA GLY A 53 -0.08 3.88 0.30
C GLY A 53 1.45 3.95 0.30
N VAL A 54 1.98 4.53 1.37
CA VAL A 54 3.41 4.58 1.68
C VAL A 54 3.62 4.26 3.16
N LYS A 55 4.68 3.53 3.51
CA LYS A 55 5.02 3.26 4.92
C LYS A 55 5.22 4.56 5.68
N GLU A 56 4.66 4.65 6.88
CA GLU A 56 4.84 5.82 7.72
C GLU A 56 6.31 6.06 8.03
N SER A 57 7.12 5.03 8.30
CA SER A 57 8.55 5.23 8.59
C SER A 57 9.31 5.73 7.35
N ASP A 58 8.93 5.26 6.16
CA ASP A 58 9.43 5.74 4.86
C ASP A 58 9.06 7.21 4.52
N TRP A 59 7.87 7.65 4.97
CA TRP A 59 7.38 9.02 4.83
C TRP A 59 7.90 9.97 5.93
N ASN A 60 8.11 9.45 7.15
CA ASN A 60 8.74 10.12 8.30
C ASN A 60 10.27 10.23 8.14
N GLN A 61 10.86 9.50 7.18
CA GLN A 61 12.20 9.70 6.62
C GLN A 61 12.26 10.77 5.51
N HIS A 62 11.10 11.33 5.11
CA HIS A 62 10.95 12.35 4.07
C HIS A 62 11.49 11.95 2.68
N LYS A 63 11.50 10.64 2.40
CA LYS A 63 11.96 10.03 1.14
C LYS A 63 11.00 10.26 -0.03
N GLU A 64 11.49 10.07 -1.26
CA GLU A 64 10.72 10.22 -2.50
C GLU A 64 9.50 9.29 -2.60
N LEU A 65 8.30 9.86 -2.41
CA LEU A 65 7.02 9.16 -2.34
C LEU A 65 6.74 8.32 -3.61
N GLU A 66 7.03 8.88 -4.78
CA GLU A 66 6.87 8.22 -6.08
C GLU A 66 7.61 6.87 -6.22
N LYS A 67 8.77 6.74 -5.57
CA LYS A 67 9.59 5.53 -5.54
C LYS A 67 9.18 4.61 -4.39
N CYS A 68 8.95 5.21 -3.22
CA CYS A 68 8.67 4.55 -1.95
C CYS A 68 7.26 3.95 -1.82
N ARG A 69 6.26 4.47 -2.56
CA ARG A 69 4.87 3.98 -2.57
C ARG A 69 4.74 2.55 -3.10
N GLY A 70 3.57 1.96 -2.85
CA GLY A 70 3.14 0.75 -3.53
C GLY A 70 1.71 0.34 -3.25
N VAL A 71 1.27 -0.72 -3.94
CA VAL A 71 0.04 -1.46 -3.63
C VAL A 71 0.33 -2.63 -2.69
N PHE A 72 -0.61 -2.91 -1.80
CA PHE A 72 -0.55 -4.03 -0.85
C PHE A 72 -1.90 -4.75 -0.69
N PRO A 73 -1.91 -6.05 -0.30
CA PRO A 73 -3.13 -6.73 0.07
C PRO A 73 -3.69 -6.11 1.36
N GLU A 74 -4.78 -5.37 1.26
CA GLU A 74 -5.42 -4.69 2.40
C GLU A 74 -5.84 -5.64 3.54
N ASN A 75 -6.01 -6.93 3.22
CA ASN A 75 -6.29 -8.01 4.16
C ASN A 75 -5.07 -8.43 5.02
N PHE A 76 -3.87 -7.91 4.73
CA PHE A 76 -2.69 -8.02 5.60
C PHE A 76 -2.61 -6.99 6.73
N THR A 77 -3.38 -5.92 6.63
CA THR A 77 -3.33 -4.75 7.51
C THR A 77 -4.72 -4.57 8.15
N GLU A 78 -4.86 -3.53 8.98
CA GLU A 78 -6.15 -3.10 9.53
C GLU A 78 -6.22 -1.57 9.59
N ARG A 79 -7.39 -0.98 9.31
CA ARG A 79 -7.67 0.47 9.46
C ARG A 79 -7.30 0.94 10.87
N VAL A 80 -6.64 2.10 10.96
CA VAL A 80 -6.28 2.79 12.21
C VAL A 80 -6.58 4.30 12.06
N PRO A 81 -6.88 5.00 13.18
CA PRO A 81 -7.16 6.44 13.21
C PRO A 81 -5.90 7.30 13.06
N SER B 1 -5.83 -22.12 5.44
CA SER B 1 -4.83 -21.52 6.35
C SER B 1 -5.45 -20.40 7.17
N THR B 2 -5.04 -20.23 8.44
CA THR B 2 -5.54 -19.14 9.31
C THR B 2 -5.04 -17.75 8.92
N VAL B 3 -3.81 -17.70 8.38
CA VAL B 3 -3.11 -16.50 7.91
C VAL B 3 -3.67 -15.95 6.58
N PRO B 4 -3.55 -14.64 6.30
CA PRO B 4 -4.12 -14.03 5.10
C PRO B 4 -3.39 -14.43 3.79
N VAL B 5 -4.08 -14.22 2.66
CA VAL B 5 -3.64 -14.55 1.30
C VAL B 5 -3.93 -13.39 0.35
N ALA B 6 -2.92 -12.92 -0.38
CA ALA B 6 -3.03 -11.76 -1.26
C ALA B 6 -4.00 -12.03 -2.43
N PRO B 7 -4.90 -11.08 -2.77
CA PRO B 7 -5.81 -11.25 -3.90
C PRO B 7 -5.07 -11.20 -5.26
N PRO B 8 -5.71 -11.68 -6.34
CA PRO B 8 -5.21 -11.47 -7.69
C PRO B 8 -5.20 -9.98 -8.07
N ARG B 9 -4.32 -9.60 -9.01
CA ARG B 9 -4.18 -8.24 -9.54
C ARG B 9 -4.55 -8.12 -11.03
N ARG B 10 -4.62 -6.89 -11.53
CA ARG B 10 -4.86 -6.54 -12.93
C ARG B 10 -3.68 -5.79 -13.53
N ARG B 11 -3.29 -6.18 -14.74
CA ARG B 11 -2.44 -5.39 -15.64
C ARG B 11 -3.17 -4.10 -16.06
N ARG B 12 -4.47 -4.21 -16.36
CA ARG B 12 -5.45 -3.11 -16.38
C ARG B 12 -6.85 -3.65 -16.06
N GLY B 13 -7.65 -2.89 -15.33
CA GLY B 13 -8.96 -3.31 -14.84
C GLY B 13 -9.99 -3.61 -15.93
N ARG B 14 -11.01 -4.42 -15.61
CA ARG B 14 -12.15 -4.74 -16.48
C ARG B 14 -13.46 -4.22 -15.87
N ASN B 15 -14.12 -3.30 -16.54
CA ASN B 15 -15.47 -2.86 -16.17
C ASN B 15 -16.53 -3.85 -16.71
N LEU B 16 -17.55 -4.14 -15.89
CA LEU B 16 -18.78 -4.82 -16.29
C LEU B 16 -19.97 -4.03 -15.74
N THR B 17 -20.87 -3.61 -16.62
CA THR B 17 -21.94 -2.64 -16.31
C THR B 17 -23.11 -3.13 -15.48
N GLY A 1 4.68 9.34 14.91
CA GLY A 1 4.89 9.42 13.45
C GLY A 1 5.29 10.82 13.04
N ARG A 2 4.54 11.42 12.11
CA ARG A 2 4.73 12.79 11.58
C ARG A 2 3.44 13.61 11.58
N LEU A 3 3.60 14.92 11.80
CA LEU A 3 2.52 15.92 11.87
C LEU A 3 1.89 16.27 10.50
N ASP A 4 2.59 16.01 9.40
CA ASP A 4 2.09 16.20 8.02
C ASP A 4 1.93 14.86 7.29
N LEU A 5 0.92 14.79 6.42
CA LEU A 5 0.51 13.60 5.67
C LEU A 5 0.55 13.86 4.15
N PRO A 6 0.58 12.78 3.33
CA PRO A 6 0.76 12.88 1.89
C PRO A 6 -0.44 13.52 1.16
N PRO A 7 -0.22 14.03 -0.06
CA PRO A 7 -1.26 14.71 -0.86
C PRO A 7 -2.39 13.75 -1.21
N GLY A 8 -3.62 14.15 -0.90
CA GLY A 8 -4.83 13.35 -1.09
C GLY A 8 -5.09 12.26 -0.04
N PHE A 9 -4.23 12.10 0.99
CA PHE A 9 -4.38 11.11 2.05
C PHE A 9 -5.82 10.77 2.51
N MET A 10 -6.12 9.48 2.72
CA MET A 10 -7.44 9.00 3.11
C MET A 10 -7.48 8.57 4.60
N PHE A 11 -6.67 7.57 4.92
CA PHE A 11 -6.62 6.86 6.20
C PHE A 11 -5.30 6.11 6.38
N LYS A 12 -5.02 5.59 7.56
CA LYS A 12 -3.89 4.68 7.77
C LYS A 12 -4.37 3.23 7.93
N VAL A 13 -3.43 2.29 7.79
CA VAL A 13 -3.56 0.87 8.17
C VAL A 13 -2.31 0.44 8.97
N GLN A 14 -2.39 -0.60 9.80
CA GLN A 14 -1.21 -1.23 10.43
C GLN A 14 -1.05 -2.70 10.01
N ALA A 15 0.14 -3.12 9.56
CA ALA A 15 0.44 -4.49 9.18
C ALA A 15 0.29 -5.46 10.37
N GLN A 16 -0.57 -6.46 10.22
CA GLN A 16 -0.78 -7.57 11.15
C GLN A 16 0.15 -8.77 10.83
N HIS A 17 0.68 -8.78 9.60
CA HIS A 17 1.51 -9.82 9.00
C HIS A 17 2.57 -9.18 8.09
N ASP A 18 3.63 -9.93 7.77
CA ASP A 18 4.73 -9.46 6.92
C ASP A 18 4.36 -9.80 5.47
N TYR A 19 4.52 -8.84 4.56
CA TYR A 19 4.26 -9.00 3.13
C TYR A 19 5.48 -8.68 2.26
N THR A 20 6.10 -9.73 1.72
CA THR A 20 7.15 -9.60 0.70
C THR A 20 6.61 -9.37 -0.71
N ALA A 21 6.86 -8.19 -1.28
CA ALA A 21 6.43 -7.79 -2.62
C ALA A 21 7.19 -8.54 -3.72
N THR A 22 6.45 -8.88 -4.75
CA THR A 22 6.92 -9.56 -5.97
C THR A 22 6.90 -8.67 -7.21
N ASP A 23 5.90 -7.79 -7.35
CA ASP A 23 5.74 -6.91 -8.52
C ASP A 23 6.31 -5.49 -8.41
N THR A 24 6.68 -4.90 -9.54
CA THR A 24 7.24 -3.53 -9.64
C THR A 24 6.38 -2.40 -9.06
N ASP A 25 5.06 -2.58 -9.03
CA ASP A 25 4.09 -1.65 -8.42
C ASP A 25 3.71 -1.93 -6.95
N GLU A 26 4.11 -3.07 -6.40
CA GLU A 26 3.77 -3.46 -5.04
C GLU A 26 4.57 -2.72 -3.95
N LEU A 27 3.95 -2.58 -2.78
CA LEU A 27 4.51 -2.08 -1.53
C LEU A 27 4.93 -3.26 -0.64
N GLN A 28 6.14 -3.24 -0.07
CA GLN A 28 6.62 -4.25 0.88
C GLN A 28 6.28 -3.86 2.33
N LEU A 29 5.77 -4.81 3.14
CA LEU A 29 5.36 -4.59 4.54
C LEU A 29 5.99 -5.59 5.51
N LYS A 30 6.11 -5.22 6.78
CA LYS A 30 6.57 -6.07 7.89
C LYS A 30 5.57 -5.99 9.06
N ALA A 31 5.31 -7.08 9.76
CA ALA A 31 4.31 -7.17 10.83
C ALA A 31 4.54 -6.10 11.92
N GLY A 32 3.68 -5.08 11.91
CA GLY A 32 3.71 -3.89 12.77
C GLY A 32 3.71 -2.57 12.01
N ASP A 33 4.00 -2.57 10.71
CA ASP A 33 4.22 -1.37 9.92
C ASP A 33 2.95 -0.56 9.61
N VAL A 34 2.89 0.69 10.06
CA VAL A 34 1.83 1.63 9.63
C VAL A 34 2.03 2.04 8.15
N VAL A 35 0.94 2.10 7.39
CA VAL A 35 0.88 2.57 5.99
C VAL A 35 -0.15 3.66 5.82
N LEU A 36 0.27 4.78 5.24
CA LEU A 36 -0.58 5.91 4.93
C LEU A 36 -1.30 5.66 3.60
N VAL A 37 -2.58 5.25 3.63
CA VAL A 37 -3.41 5.09 2.43
C VAL A 37 -3.67 6.40 1.66
N ILE A 38 -3.45 6.34 0.34
CA ILE A 38 -3.67 7.44 -0.62
C ILE A 38 -4.57 6.97 -1.78
N PRO A 39 -5.26 7.89 -2.50
CA PRO A 39 -6.05 7.57 -3.69
C PRO A 39 -5.15 7.22 -4.88
N PHE A 40 -5.70 6.47 -5.82
CA PHE A 40 -5.02 6.10 -7.08
C PHE A 40 -4.84 7.24 -8.10
N GLN A 41 -3.79 7.18 -8.92
CA GLN A 41 -3.64 8.08 -10.08
C GLN A 41 -4.76 7.89 -11.13
N ASN A 42 -5.32 6.67 -11.25
CA ASN A 42 -6.31 6.29 -12.25
C ASN A 42 -7.16 5.08 -11.80
N PRO A 43 -8.41 4.93 -12.27
CA PRO A 43 -9.31 3.85 -11.88
C PRO A 43 -8.86 2.48 -12.44
N GLU A 44 -8.20 2.47 -13.60
CA GLU A 44 -7.64 1.27 -14.24
C GLU A 44 -6.38 0.75 -13.52
N GLU A 45 -5.77 1.54 -12.64
CA GLU A 45 -4.54 1.19 -11.92
C GLU A 45 -4.80 0.37 -10.64
N GLN A 46 -6.03 0.45 -10.10
CA GLN A 46 -6.50 -0.32 -8.94
C GLN A 46 -6.79 -1.80 -9.25
N ASP A 47 -6.55 -2.67 -8.28
CA ASP A 47 -6.76 -4.13 -8.28
C ASP A 47 -7.74 -4.68 -7.22
N GLU A 48 -8.34 -5.85 -7.46
CA GLU A 48 -9.50 -6.32 -6.69
C GLU A 48 -9.15 -6.75 -5.24
N GLY A 49 -9.62 -5.98 -4.25
CA GLY A 49 -9.30 -6.20 -2.83
C GLY A 49 -7.95 -5.60 -2.38
N TRP A 50 -7.29 -4.83 -3.24
CA TRP A 50 -6.03 -4.12 -2.98
C TRP A 50 -6.24 -2.70 -2.42
N LEU A 51 -5.18 -2.10 -1.88
CA LEU A 51 -5.09 -0.68 -1.48
C LEU A 51 -3.73 -0.10 -1.88
N MET A 52 -3.64 1.22 -2.01
CA MET A 52 -2.41 1.97 -2.26
C MET A 52 -2.03 2.89 -1.10
N GLY A 53 -0.73 3.01 -0.82
CA GLY A 53 -0.21 3.87 0.24
C GLY A 53 1.32 3.98 0.23
N VAL A 54 1.85 4.66 1.24
CA VAL A 54 3.29 4.76 1.56
C VAL A 54 3.52 4.40 3.02
N LYS A 55 4.58 3.68 3.36
CA LYS A 55 4.91 3.38 4.76
C LYS A 55 5.09 4.65 5.58
N GLU A 56 4.53 4.66 6.79
CA GLU A 56 4.67 5.77 7.71
C GLU A 56 6.14 6.05 8.02
N SER A 57 6.96 5.01 8.26
CA SER A 57 8.40 5.18 8.51
C SER A 57 9.16 5.73 7.29
N ASP A 58 8.78 5.33 6.08
CA ASP A 58 9.33 5.87 4.84
C ASP A 58 9.01 7.36 4.59
N TRP A 59 7.76 7.73 4.86
CA TRP A 59 7.29 9.12 4.83
C TRP A 59 7.88 9.99 5.94
N ASN A 60 8.09 9.41 7.12
CA ASN A 60 8.75 9.98 8.29
C ASN A 60 10.27 10.17 8.07
N GLN A 61 10.90 9.32 7.26
CA GLN A 61 12.29 9.45 6.81
C GLN A 61 12.48 10.39 5.60
N HIS A 62 11.38 10.99 5.11
CA HIS A 62 11.32 11.94 3.99
C HIS A 62 11.91 11.40 2.68
N LYS A 63 11.65 10.11 2.42
CA LYS A 63 12.10 9.37 1.23
C LYS A 63 11.11 9.53 0.08
N GLU A 64 11.56 9.30 -1.16
CA GLU A 64 10.87 9.66 -2.41
C GLU A 64 9.44 9.08 -2.55
N LEU A 65 8.41 9.88 -2.25
CA LEU A 65 7.00 9.46 -2.20
C LEU A 65 6.56 8.69 -3.45
N GLU A 66 6.88 9.22 -4.64
CA GLU A 66 6.44 8.69 -5.93
C GLU A 66 7.00 7.31 -6.28
N LYS A 67 8.01 6.83 -5.54
CA LYS A 67 8.65 5.51 -5.70
C LYS A 67 8.50 4.62 -4.46
N CYS A 68 8.48 5.24 -3.28
CA CYS A 68 8.21 4.61 -2.00
C CYS A 68 6.77 4.09 -1.89
N ARG A 69 5.80 4.75 -2.56
CA ARG A 69 4.42 4.27 -2.67
C ARG A 69 4.32 2.92 -3.38
N GLY A 70 3.23 2.21 -3.12
CA GLY A 70 2.90 0.95 -3.80
C GLY A 70 1.51 0.45 -3.46
N VAL A 71 1.09 -0.62 -4.15
CA VAL A 71 -0.11 -1.39 -3.81
C VAL A 71 0.22 -2.54 -2.87
N PHE A 72 -0.67 -2.80 -1.92
CA PHE A 72 -0.56 -3.91 -0.97
C PHE A 72 -1.90 -4.63 -0.74
N PRO A 73 -1.87 -5.92 -0.35
CA PRO A 73 -3.07 -6.64 0.06
C PRO A 73 -3.56 -6.10 1.40
N GLU A 74 -4.71 -5.40 1.43
CA GLU A 74 -5.26 -4.82 2.65
C GLU A 74 -5.47 -5.88 3.77
N ASN A 75 -5.70 -7.15 3.39
CA ASN A 75 -5.88 -8.29 4.27
C ASN A 75 -4.65 -8.64 5.13
N PHE A 76 -3.47 -8.12 4.79
CA PHE A 76 -2.29 -8.12 5.64
C PHE A 76 -2.25 -7.06 6.76
N THR A 77 -3.18 -6.09 6.75
CA THR A 77 -3.22 -4.91 7.63
C THR A 77 -4.60 -4.71 8.27
N GLU A 78 -4.72 -3.81 9.24
CA GLU A 78 -6.00 -3.38 9.83
C GLU A 78 -6.15 -1.86 9.75
N ARG A 79 -7.35 -1.35 9.49
CA ARG A 79 -7.71 0.08 9.54
C ARG A 79 -7.42 0.67 10.93
N VAL A 80 -6.80 1.84 10.98
CA VAL A 80 -6.41 2.55 12.22
C VAL A 80 -6.95 3.99 12.26
N PRO A 81 -7.21 4.56 13.46
CA PRO A 81 -7.96 5.82 13.68
C PRO A 81 -7.19 7.13 13.44
N SER B 1 2.34 -20.47 9.30
CA SER B 1 0.93 -20.77 9.60
C SER B 1 0.19 -19.50 10.00
N THR B 2 -1.12 -19.47 9.77
CA THR B 2 -2.00 -18.36 10.17
C THR B 2 -1.71 -16.99 9.54
N VAL B 3 -1.12 -16.99 8.33
CA VAL B 3 -0.86 -15.78 7.52
C VAL B 3 -1.70 -15.69 6.22
N PRO B 4 -2.16 -14.50 5.81
CA PRO B 4 -3.03 -14.29 4.64
C PRO B 4 -2.34 -14.51 3.27
N VAL B 5 -3.12 -14.37 2.19
CA VAL B 5 -2.69 -14.51 0.78
C VAL B 5 -3.19 -13.32 -0.07
N ALA B 6 -2.31 -12.69 -0.83
CA ALA B 6 -2.66 -11.52 -1.63
C ALA B 6 -3.67 -11.84 -2.77
N PRO B 7 -4.76 -11.05 -2.93
CA PRO B 7 -5.86 -11.39 -3.82
C PRO B 7 -5.54 -11.21 -5.33
N PRO B 8 -6.27 -11.92 -6.22
CA PRO B 8 -5.96 -11.96 -7.65
C PRO B 8 -6.13 -10.60 -8.35
N ARG B 9 -5.01 -10.09 -8.87
CA ARG B 9 -4.94 -8.84 -9.66
C ARG B 9 -5.42 -9.06 -11.09
N ARG B 10 -5.98 -8.01 -11.68
CA ARG B 10 -6.65 -8.00 -12.99
C ARG B 10 -5.66 -7.73 -14.14
N ARG B 11 -6.17 -7.63 -15.38
CA ARG B 11 -5.48 -6.95 -16.49
C ARG B 11 -5.78 -5.44 -16.45
N ARG B 12 -4.75 -4.60 -16.65
CA ARG B 12 -4.84 -3.13 -16.79
C ARG B 12 -5.51 -2.67 -18.07
N GLY B 13 -5.42 -3.46 -19.14
CA GLY B 13 -5.97 -3.08 -20.43
C GLY B 13 -5.75 -4.10 -21.55
N ARG B 14 -6.16 -3.76 -22.76
CA ARG B 14 -5.95 -4.57 -23.98
C ARG B 14 -4.46 -4.74 -24.29
N ASN B 15 -4.07 -5.92 -24.76
CA ASN B 15 -2.71 -6.24 -25.19
C ASN B 15 -2.42 -5.64 -26.58
N LEU B 16 -1.93 -4.41 -26.58
CA LEU B 16 -1.59 -3.58 -27.73
C LEU B 16 -0.57 -2.50 -27.30
N THR B 17 0.57 -2.45 -28.00
CA THR B 17 1.66 -1.49 -27.73
C THR B 17 2.43 -1.06 -28.96
N GLY A 1 4.61 8.57 14.69
CA GLY A 1 4.41 8.86 13.26
C GLY A 1 4.71 10.32 12.98
N ARG A 2 3.96 10.95 12.07
CA ARG A 2 4.11 12.37 11.70
C ARG A 2 2.85 13.23 11.92
N LEU A 3 3.09 14.52 12.15
CA LEU A 3 2.06 15.55 12.27
C LEU A 3 1.65 16.14 10.90
N ASP A 4 2.30 15.72 9.80
CA ASP A 4 2.03 16.13 8.42
C ASP A 4 1.98 14.97 7.40
N LEU A 5 0.96 14.96 6.52
CA LEU A 5 0.55 13.81 5.71
C LEU A 5 0.57 14.06 4.19
N PRO A 6 0.60 12.98 3.36
CA PRO A 6 0.77 13.04 1.92
C PRO A 6 -0.45 13.61 1.16
N PRO A 7 -0.26 14.06 -0.10
CA PRO A 7 -1.30 14.73 -0.87
C PRO A 7 -2.45 13.79 -1.25
N GLY A 8 -3.66 14.17 -0.86
CA GLY A 8 -4.89 13.39 -1.01
C GLY A 8 -5.14 12.30 0.05
N PHE A 9 -4.27 12.16 1.08
CA PHE A 9 -4.39 11.15 2.14
C PHE A 9 -5.80 10.74 2.62
N MET A 10 -6.05 9.43 2.72
CA MET A 10 -7.37 8.88 3.09
C MET A 10 -7.44 8.41 4.56
N PHE A 11 -6.51 7.56 4.96
CA PHE A 11 -6.45 6.87 6.26
C PHE A 11 -5.13 6.15 6.47
N LYS A 12 -4.87 5.64 7.66
CA LYS A 12 -3.75 4.71 7.89
C LYS A 12 -4.23 3.27 8.07
N VAL A 13 -3.31 2.33 7.93
CA VAL A 13 -3.42 0.91 8.33
C VAL A 13 -2.15 0.49 9.07
N GLN A 14 -2.18 -0.62 9.81
CA GLN A 14 -0.97 -1.21 10.41
C GLN A 14 -0.83 -2.70 10.07
N ALA A 15 0.34 -3.14 9.58
CA ALA A 15 0.59 -4.54 9.19
C ALA A 15 0.48 -5.48 10.39
N GLN A 16 -0.30 -6.56 10.23
CA GLN A 16 -0.43 -7.65 11.20
C GLN A 16 0.46 -8.86 10.86
N HIS A 17 1.00 -8.89 9.63
CA HIS A 17 1.87 -9.91 9.05
C HIS A 17 2.88 -9.24 8.10
N ASP A 18 3.99 -9.90 7.79
CA ASP A 18 4.91 -9.46 6.73
C ASP A 18 4.40 -9.82 5.33
N TYR A 19 4.69 -8.97 4.35
CA TYR A 19 4.37 -9.16 2.95
C TYR A 19 5.54 -8.68 2.05
N THR A 20 6.13 -9.61 1.28
CA THR A 20 7.16 -9.31 0.26
C THR A 20 6.60 -9.05 -1.13
N ALA A 21 7.05 -7.97 -1.78
CA ALA A 21 6.49 -7.48 -3.03
C ALA A 21 6.81 -8.41 -4.21
N THR A 22 5.77 -8.94 -4.87
CA THR A 22 5.83 -9.80 -6.06
C THR A 22 5.83 -9.07 -7.42
N ASP A 23 5.66 -7.75 -7.40
CA ASP A 23 5.65 -6.91 -8.59
C ASP A 23 6.25 -5.54 -8.22
N THR A 24 6.72 -4.80 -9.23
CA THR A 24 7.11 -3.38 -9.11
C THR A 24 6.00 -2.43 -8.66
N ASP A 25 4.74 -2.82 -8.87
CA ASP A 25 3.56 -2.08 -8.41
C ASP A 25 3.35 -2.28 -6.89
N GLU A 26 3.69 -3.47 -6.36
CA GLU A 26 3.38 -3.89 -4.99
C GLU A 26 4.26 -3.18 -3.92
N LEU A 27 3.68 -2.96 -2.74
CA LEU A 27 4.31 -2.40 -1.54
C LEU A 27 4.83 -3.54 -0.65
N GLN A 28 6.03 -3.39 -0.08
CA GLN A 28 6.60 -4.34 0.87
C GLN A 28 6.30 -3.94 2.32
N LEU A 29 5.61 -4.80 3.08
CA LEU A 29 5.25 -4.58 4.48
C LEU A 29 6.00 -5.53 5.42
N LYS A 30 6.40 -5.05 6.58
CA LYS A 30 6.79 -5.85 7.74
C LYS A 30 5.71 -5.80 8.80
N ALA A 31 5.43 -6.91 9.50
CA ALA A 31 4.51 -6.92 10.62
C ALA A 31 4.80 -5.76 11.59
N GLY A 32 3.79 -4.93 11.81
CA GLY A 32 3.85 -3.74 12.67
C GLY A 32 4.08 -2.44 11.91
N ASP A 33 4.30 -2.48 10.59
CA ASP A 33 4.43 -1.28 9.76
C ASP A 33 3.15 -0.46 9.62
N VAL A 34 3.17 0.82 9.99
CA VAL A 34 2.09 1.75 9.63
C VAL A 34 2.19 2.17 8.16
N VAL A 35 1.07 2.18 7.45
CA VAL A 35 0.95 2.60 6.04
C VAL A 35 -0.09 3.68 5.86
N LEU A 36 0.33 4.82 5.33
CA LEU A 36 -0.53 5.94 4.99
C LEU A 36 -1.25 5.61 3.68
N VAL A 37 -2.51 5.16 3.75
CA VAL A 37 -3.39 5.00 2.57
C VAL A 37 -3.65 6.30 1.79
N ILE A 38 -3.44 6.27 0.48
CA ILE A 38 -3.66 7.37 -0.47
C ILE A 38 -4.62 6.91 -1.60
N PRO A 39 -5.37 7.81 -2.24
CA PRO A 39 -6.20 7.50 -3.39
C PRO A 39 -5.33 7.21 -4.61
N PHE A 40 -5.80 6.35 -5.50
CA PHE A 40 -5.07 6.07 -6.73
C PHE A 40 -5.06 7.23 -7.74
N GLN A 41 -3.91 7.40 -8.39
CA GLN A 41 -3.64 8.29 -9.52
C GLN A 41 -4.35 7.92 -10.83
N ASN A 42 -4.80 6.67 -10.99
CA ASN A 42 -5.41 6.12 -12.21
C ASN A 42 -6.42 4.98 -11.92
N PRO A 43 -7.41 4.74 -12.80
CA PRO A 43 -8.42 3.70 -12.63
C PRO A 43 -7.87 2.28 -12.88
N GLU A 44 -7.01 2.10 -13.89
CA GLU A 44 -6.44 0.80 -14.27
C GLU A 44 -5.22 0.38 -13.42
N GLU A 45 -4.60 1.31 -12.69
CA GLU A 45 -3.60 0.98 -11.66
C GLU A 45 -4.22 0.29 -10.44
N GLN A 46 -5.52 0.51 -10.19
CA GLN A 46 -6.25 -0.02 -9.05
C GLN A 46 -6.67 -1.47 -9.24
N ASP A 47 -6.19 -2.33 -8.33
CA ASP A 47 -6.49 -3.75 -8.28
C ASP A 47 -7.65 -4.12 -7.33
N GLU A 48 -8.37 -5.21 -7.61
CA GLU A 48 -9.65 -5.52 -6.96
C GLU A 48 -9.44 -6.19 -5.58
N GLY A 49 -9.93 -5.55 -4.52
CA GLY A 49 -9.67 -5.95 -3.13
C GLY A 49 -8.33 -5.46 -2.55
N TRP A 50 -7.56 -4.70 -3.34
CA TRP A 50 -6.28 -4.06 -2.97
C TRP A 50 -6.43 -2.61 -2.51
N LEU A 51 -5.38 -2.05 -1.90
CA LEU A 51 -5.26 -0.62 -1.57
C LEU A 51 -3.84 -0.11 -1.85
N MET A 52 -3.68 1.21 -2.00
CA MET A 52 -2.40 1.89 -2.20
C MET A 52 -2.04 2.83 -1.04
N GLY A 53 -0.75 2.90 -0.70
CA GLY A 53 -0.22 3.81 0.31
C GLY A 53 1.31 3.92 0.28
N VAL A 54 1.84 4.63 1.26
CA VAL A 54 3.29 4.72 1.57
C VAL A 54 3.51 4.45 3.05
N LYS A 55 4.59 3.76 3.41
CA LYS A 55 4.95 3.50 4.81
C LYS A 55 5.16 4.81 5.59
N GLU A 56 4.57 4.91 6.78
CA GLU A 56 4.72 6.10 7.62
C GLU A 56 6.18 6.34 7.98
N SER A 57 6.96 5.30 8.31
CA SER A 57 8.39 5.45 8.64
C SER A 57 9.21 5.90 7.42
N ASP A 58 8.78 5.53 6.21
CA ASP A 58 9.37 6.00 4.96
C ASP A 58 9.09 7.47 4.63
N TRP A 59 7.86 7.91 4.88
CA TRP A 59 7.41 9.30 4.79
C TRP A 59 7.99 10.19 5.91
N ASN A 60 8.24 9.63 7.09
CA ASN A 60 8.93 10.25 8.23
C ASN A 60 10.43 10.50 7.92
N GLN A 61 11.06 9.63 7.14
CA GLN A 61 12.39 9.84 6.53
C GLN A 61 12.36 10.71 5.26
N HIS A 62 11.18 11.16 4.84
CA HIS A 62 10.94 12.00 3.66
C HIS A 62 11.54 11.41 2.37
N LYS A 63 11.46 10.08 2.23
CA LYS A 63 11.89 9.33 1.05
C LYS A 63 10.91 9.53 -0.12
N GLU A 64 11.38 9.33 -1.34
CA GLU A 64 10.69 9.71 -2.59
C GLU A 64 9.29 9.08 -2.74
N LEU A 65 8.23 9.87 -2.57
CA LEU A 65 6.84 9.40 -2.47
C LEU A 65 6.41 8.56 -3.69
N GLU A 66 6.69 9.05 -4.90
CA GLU A 66 6.27 8.45 -6.19
C GLU A 66 6.93 7.09 -6.49
N LYS A 67 8.02 6.75 -5.79
CA LYS A 67 8.68 5.43 -5.85
C LYS A 67 8.43 4.58 -4.61
N CYS A 68 8.40 5.19 -3.42
CA CYS A 68 8.17 4.48 -2.16
C CYS A 68 6.75 3.91 -2.03
N ARG A 69 5.75 4.54 -2.67
CA ARG A 69 4.36 4.05 -2.68
C ARG A 69 4.19 2.71 -3.38
N GLY A 70 3.14 2.00 -3.04
CA GLY A 70 2.77 0.72 -3.65
C GLY A 70 1.39 0.21 -3.27
N VAL A 71 0.95 -0.86 -3.96
CA VAL A 71 -0.26 -1.62 -3.66
C VAL A 71 0.00 -2.76 -2.70
N PHE A 72 -0.89 -2.95 -1.72
CA PHE A 72 -0.83 -4.05 -0.75
C PHE A 72 -2.19 -4.72 -0.53
N PRO A 73 -2.23 -6.00 -0.09
CA PRO A 73 -3.47 -6.62 0.35
C PRO A 73 -3.90 -5.98 1.69
N GLU A 74 -4.98 -5.20 1.67
CA GLU A 74 -5.53 -4.52 2.85
C GLU A 74 -5.83 -5.47 4.03
N ASN A 75 -6.04 -6.75 3.72
CA ASN A 75 -6.30 -7.86 4.65
C ASN A 75 -5.05 -8.40 5.38
N PHE A 76 -3.83 -8.01 4.96
CA PHE A 76 -2.60 -8.14 5.78
C PHE A 76 -2.43 -7.13 6.92
N THR A 77 -3.19 -6.05 6.88
CA THR A 77 -3.11 -4.92 7.79
C THR A 77 -4.45 -4.75 8.53
N GLU A 78 -4.51 -3.82 9.48
CA GLU A 78 -5.75 -3.44 10.16
C GLU A 78 -5.98 -1.93 9.99
N ARG A 79 -7.22 -1.51 9.74
CA ARG A 79 -7.60 -0.09 9.61
C ARG A 79 -7.45 0.56 10.99
N VAL A 80 -6.54 1.53 11.11
CA VAL A 80 -6.31 2.33 12.32
C VAL A 80 -7.09 3.65 12.17
N PRO A 81 -7.54 4.29 13.28
CA PRO A 81 -8.63 5.27 13.28
C PRO A 81 -8.37 6.60 12.54
N SER B 1 -2.15 -21.78 5.93
CA SER B 1 -3.59 -21.67 6.23
C SER B 1 -3.91 -20.57 7.23
N THR B 2 -3.10 -20.38 8.30
CA THR B 2 -3.33 -19.40 9.37
C THR B 2 -3.17 -17.92 9.02
N VAL B 3 -2.22 -17.62 8.13
CA VAL B 3 -1.94 -16.26 7.62
C VAL B 3 -2.93 -15.81 6.54
N PRO B 4 -3.22 -14.50 6.41
CA PRO B 4 -4.09 -13.97 5.36
C PRO B 4 -3.52 -14.22 3.95
N VAL B 5 -4.37 -14.12 2.92
CA VAL B 5 -4.02 -14.39 1.51
C VAL B 5 -4.36 -13.22 0.60
N ALA B 6 -3.40 -12.78 -0.23
CA ALA B 6 -3.59 -11.63 -1.11
C ALA B 6 -4.61 -11.92 -2.24
N PRO B 7 -5.48 -10.96 -2.62
CA PRO B 7 -6.36 -11.11 -3.78
C PRO B 7 -5.59 -11.16 -5.11
N PRO B 8 -6.20 -11.65 -6.21
CA PRO B 8 -5.71 -11.43 -7.57
C PRO B 8 -5.48 -9.94 -7.90
N ARG B 9 -4.71 -9.65 -8.94
CA ARG B 9 -4.48 -8.28 -9.47
C ARG B 9 -4.83 -8.22 -10.95
N ARG B 10 -5.47 -7.12 -11.34
CA ARG B 10 -5.85 -6.79 -12.73
C ARG B 10 -4.61 -6.38 -13.53
N ARG B 11 -3.61 -5.78 -12.87
CA ARG B 11 -2.20 -5.60 -13.31
C ARG B 11 -2.07 -5.04 -14.74
N ARG B 12 -2.19 -3.71 -14.88
CA ARG B 12 -2.04 -2.99 -16.17
C ARG B 12 -0.61 -3.03 -16.72
N GLY B 13 -0.45 -2.93 -18.04
CA GLY B 13 0.87 -2.89 -18.68
C GLY B 13 0.86 -2.59 -20.18
N ARG B 14 1.70 -3.31 -20.92
CA ARG B 14 1.99 -3.13 -22.36
C ARG B 14 0.77 -3.39 -23.25
N ASN B 15 0.49 -2.46 -24.17
CA ASN B 15 -0.56 -2.56 -25.20
C ASN B 15 -1.96 -2.97 -24.68
N LEU B 16 -2.36 -2.46 -23.50
CA LEU B 16 -3.64 -2.76 -22.87
C LEU B 16 -4.85 -2.12 -23.59
N THR B 17 -4.63 -1.02 -24.33
CA THR B 17 -5.63 -0.27 -25.11
C THR B 17 -6.66 -1.06 -25.89
N GLY A 1 2.96 9.24 14.11
CA GLY A 1 4.33 9.76 13.93
C GLY A 1 4.28 11.17 13.41
N ARG A 2 4.51 11.34 12.10
CA ARG A 2 4.58 12.67 11.46
C ARG A 2 3.22 13.37 11.49
N LEU A 3 3.24 14.67 11.73
CA LEU A 3 2.00 15.48 11.79
C LEU A 3 1.42 15.71 10.39
N ASP A 4 2.29 16.03 9.42
CA ASP A 4 1.99 16.20 7.99
C ASP A 4 1.95 14.92 7.13
N LEU A 5 0.98 14.87 6.22
CA LEU A 5 0.56 13.67 5.49
C LEU A 5 0.50 13.91 3.97
N PRO A 6 0.55 12.83 3.16
CA PRO A 6 0.66 12.90 1.70
C PRO A 6 -0.58 13.49 1.00
N PRO A 7 -0.44 13.98 -0.24
CA PRO A 7 -1.49 14.69 -0.96
C PRO A 7 -2.74 13.81 -1.18
N GLY A 8 -3.88 14.28 -0.67
CA GLY A 8 -5.17 13.59 -0.74
C GLY A 8 -5.38 12.43 0.25
N PHE A 9 -4.43 12.16 1.16
CA PHE A 9 -4.50 11.10 2.20
C PHE A 9 -5.90 10.69 2.72
N MET A 10 -6.19 9.38 2.77
CA MET A 10 -7.51 8.87 3.20
C MET A 10 -7.54 8.40 4.65
N PHE A 11 -6.61 7.51 5.00
CA PHE A 11 -6.52 6.79 6.28
C PHE A 11 -5.19 6.10 6.47
N LYS A 12 -4.86 5.67 7.68
CA LYS A 12 -3.76 4.73 7.91
C LYS A 12 -4.27 3.28 8.05
N VAL A 13 -3.36 2.33 7.90
CA VAL A 13 -3.51 0.89 8.24
C VAL A 13 -2.26 0.40 8.97
N GLN A 14 -2.35 -0.70 9.71
CA GLN A 14 -1.19 -1.35 10.36
C GLN A 14 -1.04 -2.80 9.92
N ALA A 15 0.15 -3.19 9.45
CA ALA A 15 0.44 -4.55 9.00
C ALA A 15 0.27 -5.57 10.14
N GLN A 16 -0.55 -6.59 9.92
CA GLN A 16 -0.80 -7.70 10.84
C GLN A 16 0.20 -8.86 10.66
N HIS A 17 0.86 -8.89 9.49
CA HIS A 17 1.82 -9.89 9.01
C HIS A 17 2.87 -9.21 8.09
N ASP A 18 3.95 -9.91 7.74
CA ASP A 18 4.92 -9.40 6.75
C ASP A 18 4.41 -9.71 5.33
N TYR A 19 4.65 -8.82 4.38
CA TYR A 19 4.36 -9.01 2.96
C TYR A 19 5.51 -8.60 2.04
N THR A 20 6.07 -9.54 1.29
CA THR A 20 7.11 -9.30 0.27
C THR A 20 6.55 -8.95 -1.11
N ALA A 21 6.81 -7.74 -1.62
CA ALA A 21 6.38 -7.31 -2.94
C ALA A 21 7.09 -8.10 -4.06
N THR A 22 6.31 -8.48 -5.07
CA THR A 22 6.77 -9.17 -6.30
C THR A 22 6.66 -8.33 -7.58
N ASP A 23 5.74 -7.37 -7.64
CA ASP A 23 5.62 -6.44 -8.77
C ASP A 23 6.41 -5.17 -8.44
N THR A 24 6.95 -4.51 -9.46
CA THR A 24 7.46 -3.14 -9.35
C THR A 24 6.44 -2.07 -8.91
N ASP A 25 5.14 -2.37 -9.04
CA ASP A 25 4.02 -1.62 -8.47
C ASP A 25 3.64 -1.89 -7.00
N GLU A 26 4.12 -2.98 -6.40
CA GLU A 26 3.71 -3.43 -5.07
C GLU A 26 4.50 -2.78 -3.92
N LEU A 27 3.80 -2.55 -2.80
CA LEU A 27 4.33 -2.06 -1.53
C LEU A 27 4.81 -3.24 -0.66
N GLN A 28 5.98 -3.10 -0.04
CA GLN A 28 6.58 -4.08 0.88
C GLN A 28 6.22 -3.75 2.34
N LEU A 29 5.73 -4.73 3.11
CA LEU A 29 5.32 -4.57 4.53
C LEU A 29 6.02 -5.57 5.45
N LYS A 30 6.15 -5.21 6.73
CA LYS A 30 6.58 -6.08 7.83
C LYS A 30 5.53 -6.00 8.95
N ALA A 31 5.26 -7.10 9.65
CA ALA A 31 4.33 -7.14 10.76
C ALA A 31 4.55 -5.99 11.77
N GLY A 32 3.51 -5.17 11.88
CA GLY A 32 3.41 -4.01 12.76
C GLY A 32 3.57 -2.66 12.05
N ASP A 33 3.90 -2.66 10.75
CA ASP A 33 4.22 -1.46 10.00
C ASP A 33 3.01 -0.58 9.68
N VAL A 34 3.09 0.71 10.01
CA VAL A 34 2.06 1.69 9.62
C VAL A 34 2.16 2.10 8.17
N VAL A 35 1.02 2.15 7.47
CA VAL A 35 0.92 2.59 6.06
C VAL A 35 -0.12 3.68 5.90
N LEU A 36 0.31 4.82 5.36
CA LEU A 36 -0.54 5.93 5.00
C LEU A 36 -1.26 5.61 3.69
N VAL A 37 -2.52 5.18 3.75
CA VAL A 37 -3.39 5.01 2.55
C VAL A 37 -3.66 6.32 1.80
N ILE A 38 -3.42 6.31 0.49
CA ILE A 38 -3.61 7.44 -0.44
C ILE A 38 -4.63 7.06 -1.52
N PRO A 39 -5.34 8.05 -2.10
CA PRO A 39 -6.28 7.81 -3.20
C PRO A 39 -5.52 7.35 -4.45
N PHE A 40 -6.13 6.42 -5.20
CA PHE A 40 -5.51 5.85 -6.39
C PHE A 40 -5.23 6.79 -7.56
N GLN A 41 -4.09 6.60 -8.20
CA GLN A 41 -3.51 7.50 -9.19
C GLN A 41 -3.91 7.24 -10.66
N ASN A 42 -4.44 6.07 -10.97
CA ASN A 42 -5.08 5.76 -12.25
C ASN A 42 -6.15 4.66 -12.08
N PRO A 43 -7.15 4.55 -12.97
CA PRO A 43 -8.25 3.58 -12.84
C PRO A 43 -7.78 2.14 -13.08
N GLU A 44 -6.81 1.94 -13.97
CA GLU A 44 -6.17 0.64 -14.21
C GLU A 44 -5.22 0.21 -13.06
N GLU A 45 -4.85 1.13 -12.16
CA GLU A 45 -3.96 0.88 -11.02
C GLU A 45 -4.72 0.37 -9.79
N GLN A 46 -6.01 0.69 -9.67
CA GLN A 46 -6.87 0.24 -8.57
C GLN A 46 -7.42 -1.16 -8.79
N ASP A 47 -6.88 -2.10 -8.02
CA ASP A 47 -7.34 -3.50 -7.93
C ASP A 47 -8.28 -3.84 -6.76
N GLU A 48 -9.30 -4.65 -7.02
CA GLU A 48 -10.33 -5.05 -6.03
C GLU A 48 -9.72 -5.95 -4.93
N GLY A 49 -9.88 -5.55 -3.67
CA GLY A 49 -9.23 -6.17 -2.51
C GLY A 49 -7.81 -5.68 -2.21
N TRP A 50 -7.26 -4.80 -3.05
CA TRP A 50 -5.99 -4.12 -2.86
C TRP A 50 -6.16 -2.70 -2.30
N LEU A 51 -5.09 -2.13 -1.73
CA LEU A 51 -5.03 -0.73 -1.30
C LEU A 51 -3.68 -0.12 -1.69
N MET A 52 -3.63 1.20 -1.84
CA MET A 52 -2.42 1.96 -2.17
C MET A 52 -2.04 2.91 -1.05
N GLY A 53 -0.74 3.04 -0.79
CA GLY A 53 -0.21 3.92 0.26
C GLY A 53 1.30 4.02 0.24
N VAL A 54 1.84 4.65 1.27
CA VAL A 54 3.28 4.74 1.58
C VAL A 54 3.49 4.44 3.06
N LYS A 55 4.54 3.72 3.44
CA LYS A 55 4.86 3.46 4.85
C LYS A 55 5.06 4.76 5.62
N GLU A 56 4.52 4.86 6.83
CA GLU A 56 4.77 6.03 7.66
C GLU A 56 6.26 6.18 7.95
N SER A 57 6.99 5.10 8.24
CA SER A 57 8.44 5.12 8.47
C SER A 57 9.25 5.46 7.21
N ASP A 58 8.66 5.29 6.02
CA ASP A 58 9.21 5.78 4.75
C ASP A 58 8.98 7.29 4.51
N TRP A 59 7.76 7.74 4.77
CA TRP A 59 7.31 9.15 4.66
C TRP A 59 7.88 10.06 5.76
N ASN A 60 8.06 9.54 6.98
CA ASN A 60 8.72 10.19 8.12
C ASN A 60 10.25 10.29 7.93
N GLN A 61 10.84 9.46 7.05
CA GLN A 61 12.20 9.62 6.51
C GLN A 61 12.24 10.42 5.20
N HIS A 62 11.09 10.89 4.71
CA HIS A 62 10.93 11.83 3.58
C HIS A 62 11.50 11.35 2.25
N LYS A 63 11.52 10.02 2.07
CA LYS A 63 11.99 9.30 0.90
C LYS A 63 11.08 9.54 -0.32
N GLU A 64 11.56 9.24 -1.54
CA GLU A 64 10.83 9.50 -2.79
C GLU A 64 9.41 8.90 -2.82
N LEU A 65 8.35 9.73 -2.80
CA LEU A 65 6.98 9.27 -2.60
C LEU A 65 6.51 8.37 -3.77
N GLU A 66 6.97 8.64 -4.99
CA GLU A 66 6.55 7.97 -6.23
C GLU A 66 7.11 6.54 -6.37
N LYS A 67 8.15 6.19 -5.60
CA LYS A 67 8.80 4.88 -5.58
C LYS A 67 8.74 4.17 -4.22
N CYS A 68 8.61 4.90 -3.13
CA CYS A 68 8.31 4.31 -1.82
C CYS A 68 6.88 3.80 -1.73
N ARG A 69 5.92 4.46 -2.42
CA ARG A 69 4.53 3.98 -2.52
C ARG A 69 4.41 2.64 -3.24
N GLY A 70 3.24 2.03 -3.10
CA GLY A 70 2.84 0.83 -3.84
C GLY A 70 1.43 0.38 -3.50
N VAL A 71 0.99 -0.70 -4.15
CA VAL A 71 -0.22 -1.44 -3.77
C VAL A 71 0.13 -2.60 -2.86
N PHE A 72 -0.73 -2.86 -1.87
CA PHE A 72 -0.62 -3.99 -0.95
C PHE A 72 -1.97 -4.71 -0.75
N PRO A 73 -1.96 -6.00 -0.38
CA PRO A 73 -3.18 -6.71 -0.01
C PRO A 73 -3.71 -6.14 1.31
N GLU A 74 -4.86 -5.46 1.30
CA GLU A 74 -5.42 -4.83 2.51
C GLU A 74 -5.63 -5.83 3.66
N ASN A 75 -5.83 -7.11 3.33
CA ASN A 75 -6.00 -8.22 4.26
C ASN A 75 -4.74 -8.52 5.09
N PHE A 76 -3.55 -8.14 4.61
CA PHE A 76 -2.33 -8.10 5.40
C PHE A 76 -2.24 -7.02 6.50
N THR A 77 -3.15 -6.04 6.50
CA THR A 77 -3.17 -4.90 7.42
C THR A 77 -4.54 -4.76 8.08
N GLU A 78 -4.68 -3.84 9.02
CA GLU A 78 -5.98 -3.45 9.59
C GLU A 78 -6.08 -1.92 9.67
N ARG A 79 -7.30 -1.40 9.48
CA ARG A 79 -7.64 0.02 9.61
C ARG A 79 -7.33 0.52 11.02
N VAL A 80 -6.70 1.69 11.09
CA VAL A 80 -6.41 2.45 12.32
C VAL A 80 -7.05 3.84 12.19
N PRO A 81 -7.36 4.54 13.29
CA PRO A 81 -8.17 5.77 13.28
C PRO A 81 -7.43 7.01 12.74
N SER B 1 -5.27 -20.49 7.38
CA SER B 1 -5.43 -20.47 8.84
C SER B 1 -4.73 -19.28 9.49
N THR B 2 -3.42 -19.14 9.29
CA THR B 2 -2.51 -18.37 10.19
C THR B 2 -1.53 -17.39 9.54
N VAL B 3 -1.53 -17.34 8.20
CA VAL B 3 -0.97 -16.24 7.39
C VAL B 3 -1.92 -15.99 6.19
N PRO B 4 -2.25 -14.73 5.87
CA PRO B 4 -3.13 -14.37 4.75
C PRO B 4 -2.48 -14.59 3.37
N VAL B 5 -3.28 -14.41 2.32
CA VAL B 5 -2.90 -14.62 0.91
C VAL B 5 -3.35 -13.47 0.01
N ALA B 6 -2.43 -12.95 -0.82
CA ALA B 6 -2.71 -11.80 -1.67
C ALA B 6 -3.69 -12.14 -2.83
N PRO B 7 -4.72 -11.31 -3.09
CA PRO B 7 -5.72 -11.57 -4.13
C PRO B 7 -5.25 -11.22 -5.55
N PRO B 8 -5.92 -11.69 -6.62
CA PRO B 8 -5.52 -11.42 -8.01
C PRO B 8 -5.41 -9.94 -8.38
N ARG B 9 -4.51 -9.62 -9.33
CA ARG B 9 -4.27 -8.27 -9.88
C ARG B 9 -4.30 -8.27 -11.42
N ARG B 10 -4.31 -7.08 -12.01
CA ARG B 10 -4.54 -6.84 -13.45
C ARG B 10 -3.35 -6.19 -14.18
N ARG B 11 -3.42 -6.08 -15.51
CA ARG B 11 -2.37 -5.49 -16.36
C ARG B 11 -2.29 -3.96 -16.26
N ARG B 12 -1.13 -3.39 -16.62
CA ARG B 12 -0.74 -2.01 -16.26
C ARG B 12 0.13 -1.33 -17.32
N GLY B 13 0.02 0.00 -17.42
CA GLY B 13 1.04 0.90 -17.97
C GLY B 13 1.17 0.91 -19.50
N ARG B 14 1.87 1.94 -20.01
CA ARG B 14 2.19 2.13 -21.45
C ARG B 14 3.52 2.87 -21.66
N ASN B 15 4.51 2.64 -20.78
CA ASN B 15 5.78 3.39 -20.76
C ASN B 15 6.83 3.00 -21.84
N LEU B 16 6.51 2.13 -22.80
CA LEU B 16 7.36 1.81 -23.95
C LEU B 16 7.65 3.03 -24.86
N THR B 17 8.82 3.03 -25.49
CA THR B 17 9.35 4.15 -26.30
C THR B 17 8.51 4.64 -27.48
N GLY A 1 11.41 13.29 12.71
CA GLY A 1 9.95 13.47 12.76
C GLY A 1 9.42 14.17 11.52
N ARG A 2 8.13 13.97 11.22
CA ARG A 2 7.38 14.58 10.11
C ARG A 2 6.51 15.75 10.58
N LEU A 3 6.23 16.71 9.69
CA LEU A 3 5.38 17.88 9.94
C LEU A 3 3.94 17.73 9.41
N ASP A 4 3.74 16.88 8.41
CA ASP A 4 2.48 16.72 7.68
C ASP A 4 2.27 15.30 7.12
N LEU A 5 1.13 15.09 6.45
CA LEU A 5 0.75 13.88 5.72
C LEU A 5 0.79 14.09 4.18
N PRO A 6 0.75 13.01 3.39
CA PRO A 6 0.89 13.06 1.93
C PRO A 6 -0.36 13.63 1.22
N PRO A 7 -0.20 14.10 -0.03
CA PRO A 7 -1.30 14.64 -0.83
C PRO A 7 -2.35 13.57 -1.08
N GLY A 8 -3.62 13.92 -0.91
CA GLY A 8 -4.75 13.01 -1.07
C GLY A 8 -4.98 12.03 0.09
N PHE A 9 -4.16 12.03 1.16
CA PHE A 9 -4.27 11.09 2.28
C PHE A 9 -5.71 10.80 2.77
N MET A 10 -6.06 9.52 2.95
CA MET A 10 -7.38 9.11 3.42
C MET A 10 -7.35 8.64 4.88
N PHE A 11 -6.51 7.66 5.15
CA PHE A 11 -6.38 6.97 6.43
C PHE A 11 -5.06 6.22 6.60
N LYS A 12 -4.73 5.75 7.80
CA LYS A 12 -3.66 4.76 7.99
C LYS A 12 -4.20 3.34 8.11
N VAL A 13 -3.30 2.38 7.95
CA VAL A 13 -3.44 0.96 8.33
C VAL A 13 -2.18 0.49 9.04
N GLN A 14 -2.24 -0.58 9.84
CA GLN A 14 -1.04 -1.21 10.42
C GLN A 14 -0.93 -2.70 10.03
N ALA A 15 0.23 -3.16 9.55
CA ALA A 15 0.47 -4.55 9.16
C ALA A 15 0.33 -5.52 10.35
N GLN A 16 -0.52 -6.53 10.20
CA GLN A 16 -0.71 -7.65 11.14
C GLN A 16 0.23 -8.83 10.83
N HIS A 17 0.67 -8.93 9.57
CA HIS A 17 1.49 -10.01 9.01
C HIS A 17 2.55 -9.45 8.04
N ASP A 18 3.57 -10.24 7.73
CA ASP A 18 4.64 -9.92 6.78
C ASP A 18 4.26 -10.14 5.30
N TYR A 19 4.45 -9.15 4.43
CA TYR A 19 4.14 -9.24 2.99
C TYR A 19 5.30 -8.80 2.08
N THR A 20 5.82 -9.74 1.30
CA THR A 20 6.86 -9.51 0.30
C THR A 20 6.38 -8.92 -1.03
N ALA A 21 6.91 -7.76 -1.44
CA ALA A 21 6.60 -7.16 -2.73
C ALA A 21 7.24 -7.94 -3.89
N THR A 22 6.40 -8.36 -4.84
CA THR A 22 6.74 -9.18 -6.03
C THR A 22 6.17 -8.52 -7.30
N ASP A 23 6.23 -7.18 -7.35
CA ASP A 23 6.03 -6.35 -8.55
C ASP A 23 6.62 -4.96 -8.26
N THR A 24 6.95 -4.21 -9.30
CA THR A 24 7.22 -2.75 -9.25
C THR A 24 6.03 -1.89 -8.80
N ASP A 25 4.81 -2.42 -8.95
CA ASP A 25 3.56 -1.81 -8.46
C ASP A 25 3.44 -1.95 -6.92
N GLU A 26 4.01 -3.01 -6.32
CA GLU A 26 3.71 -3.44 -4.95
C GLU A 26 4.51 -2.73 -3.85
N LEU A 27 3.93 -2.69 -2.64
CA LEU A 27 4.50 -2.20 -1.39
C LEU A 27 4.95 -3.38 -0.50
N GLN A 28 6.15 -3.32 0.08
CA GLN A 28 6.64 -4.33 1.03
C GLN A 28 6.20 -3.97 2.46
N LEU A 29 5.59 -4.93 3.17
CA LEU A 29 5.14 -4.76 4.56
C LEU A 29 5.80 -5.79 5.48
N LYS A 30 6.07 -5.40 6.72
CA LYS A 30 6.51 -6.28 7.82
C LYS A 30 5.52 -6.17 8.96
N ALA A 31 5.27 -7.26 9.69
CA ALA A 31 4.29 -7.29 10.78
C ALA A 31 4.59 -6.21 11.83
N GLY A 32 3.73 -5.19 11.88
CA GLY A 32 3.82 -3.98 12.71
C GLY A 32 3.92 -2.67 11.92
N ASP A 33 4.14 -2.70 10.61
CA ASP A 33 4.39 -1.51 9.78
C ASP A 33 3.14 -0.61 9.59
N VAL A 34 3.19 0.66 10.02
CA VAL A 34 2.16 1.65 9.64
C VAL A 34 2.28 2.08 8.17
N VAL A 35 1.15 2.16 7.48
CA VAL A 35 1.01 2.59 6.08
C VAL A 35 -0.01 3.69 5.92
N LEU A 36 0.41 4.82 5.38
CA LEU A 36 -0.44 5.95 5.05
C LEU A 36 -1.19 5.64 3.74
N VAL A 37 -2.46 5.25 3.81
CA VAL A 37 -3.33 5.05 2.62
C VAL A 37 -3.59 6.34 1.82
N ILE A 38 -3.43 6.26 0.50
CA ILE A 38 -3.67 7.32 -0.50
C ILE A 38 -4.52 6.75 -1.65
N PRO A 39 -5.29 7.58 -2.37
CA PRO A 39 -6.05 7.17 -3.55
C PRO A 39 -5.12 6.89 -4.74
N PHE A 40 -5.49 5.88 -5.54
CA PHE A 40 -4.65 5.30 -6.60
C PHE A 40 -4.15 6.24 -7.70
N GLN A 41 -3.01 5.91 -8.32
CA GLN A 41 -2.48 6.68 -9.45
C GLN A 41 -3.42 6.71 -10.68
N ASN A 42 -4.24 5.68 -10.92
CA ASN A 42 -5.27 5.66 -11.96
C ASN A 42 -6.39 4.65 -11.67
N PRO A 43 -7.61 4.87 -12.22
CA PRO A 43 -8.76 3.96 -12.05
C PRO A 43 -8.61 2.65 -12.82
N GLU A 44 -7.88 2.64 -13.95
CA GLU A 44 -7.48 1.42 -14.67
C GLU A 44 -6.38 0.64 -13.92
N GLU A 45 -5.56 1.30 -13.11
CA GLU A 45 -4.48 0.71 -12.29
C GLU A 45 -4.96 0.03 -11.00
N GLN A 46 -6.08 0.48 -10.42
CA GLN A 46 -6.59 -0.01 -9.15
C GLN A 46 -7.06 -1.47 -9.22
N ASP A 47 -6.56 -2.32 -8.33
CA ASP A 47 -6.78 -3.77 -8.31
C ASP A 47 -7.87 -4.09 -7.26
N GLU A 48 -8.70 -5.09 -7.54
CA GLU A 48 -9.86 -5.47 -6.71
C GLU A 48 -9.42 -6.18 -5.41
N GLY A 49 -9.84 -5.67 -4.25
CA GLY A 49 -9.45 -6.18 -2.93
C GLY A 49 -8.08 -5.68 -2.41
N TRP A 50 -7.40 -4.82 -3.17
CA TRP A 50 -6.12 -4.17 -2.82
C TRP A 50 -6.28 -2.75 -2.26
N LEU A 51 -5.23 -2.20 -1.65
CA LEU A 51 -5.13 -0.78 -1.27
C LEU A 51 -3.76 -0.21 -1.69
N MET A 52 -3.66 1.12 -1.77
CA MET A 52 -2.42 1.85 -2.07
C MET A 52 -2.03 2.79 -0.93
N GLY A 53 -0.73 2.94 -0.68
CA GLY A 53 -0.18 3.84 0.33
C GLY A 53 1.34 3.93 0.29
N VAL A 54 1.89 4.63 1.28
CA VAL A 54 3.33 4.75 1.57
C VAL A 54 3.56 4.47 3.05
N LYS A 55 4.65 3.78 3.43
CA LYS A 55 4.95 3.53 4.83
C LYS A 55 5.15 4.81 5.62
N GLU A 56 4.63 4.88 6.85
CA GLU A 56 4.81 6.06 7.68
C GLU A 56 6.28 6.33 7.98
N SER A 57 7.09 5.30 8.28
CA SER A 57 8.54 5.46 8.51
C SER A 57 9.29 5.90 7.26
N ASP A 58 8.81 5.51 6.08
CA ASP A 58 9.32 5.99 4.79
C ASP A 58 9.04 7.48 4.52
N TRP A 59 7.82 7.91 4.82
CA TRP A 59 7.39 9.31 4.79
C TRP A 59 7.99 10.16 5.93
N ASN A 60 8.33 9.55 7.06
CA ASN A 60 9.07 10.16 8.18
C ASN A 60 10.56 10.33 7.84
N GLN A 61 11.15 9.44 7.01
CA GLN A 61 12.47 9.65 6.40
C GLN A 61 12.44 10.62 5.19
N HIS A 62 11.23 11.03 4.78
CA HIS A 62 10.95 11.97 3.69
C HIS A 62 11.41 11.46 2.31
N LYS A 63 11.37 10.12 2.12
CA LYS A 63 11.77 9.45 0.87
C LYS A 63 10.89 9.83 -0.32
N GLU A 64 11.39 9.67 -1.54
CA GLU A 64 10.69 10.00 -2.80
C GLU A 64 9.30 9.34 -2.90
N LEU A 65 8.23 10.10 -2.65
CA LEU A 65 6.89 9.57 -2.35
C LEU A 65 6.38 8.71 -3.51
N GLU A 66 6.50 9.26 -4.72
CA GLU A 66 5.84 8.71 -5.91
C GLU A 66 6.52 7.42 -6.40
N LYS A 67 7.76 7.16 -5.96
CA LYS A 67 8.45 5.88 -6.15
C LYS A 67 8.33 4.94 -4.95
N CYS A 68 8.32 5.48 -3.72
CA CYS A 68 8.34 4.69 -2.48
C CYS A 68 6.96 4.10 -2.13
N ARG A 69 5.87 4.69 -2.65
CA ARG A 69 4.49 4.16 -2.55
C ARG A 69 4.33 2.82 -3.28
N GLY A 70 3.25 2.11 -2.97
CA GLY A 70 2.88 0.85 -3.62
C GLY A 70 1.50 0.34 -3.24
N VAL A 71 1.07 -0.73 -3.91
CA VAL A 71 -0.13 -1.50 -3.58
C VAL A 71 0.16 -2.66 -2.65
N PHE A 72 -0.76 -2.94 -1.74
CA PHE A 72 -0.69 -4.06 -0.79
C PHE A 72 -2.05 -4.76 -0.58
N PRO A 73 -2.07 -6.04 -0.19
CA PRO A 73 -3.30 -6.71 0.24
C PRO A 73 -3.79 -6.07 1.55
N GLU A 74 -4.93 -5.37 1.50
CA GLU A 74 -5.49 -4.68 2.68
C GLU A 74 -5.67 -5.63 3.89
N ASN A 75 -5.94 -6.91 3.61
CA ASN A 75 -6.16 -7.98 4.57
C ASN A 75 -4.89 -8.38 5.36
N PHE A 76 -3.70 -8.01 4.90
CA PHE A 76 -2.48 -8.03 5.71
C PHE A 76 -2.37 -6.96 6.79
N THR A 77 -3.26 -5.96 6.78
CA THR A 77 -3.23 -4.79 7.65
C THR A 77 -4.59 -4.55 8.32
N GLU A 78 -4.60 -3.69 9.34
CA GLU A 78 -5.82 -3.30 10.05
C GLU A 78 -5.99 -1.77 9.99
N ARG A 79 -7.22 -1.32 9.70
CA ARG A 79 -7.60 0.08 9.54
C ARG A 79 -7.52 0.79 10.90
N VAL A 80 -6.74 1.87 10.97
CA VAL A 80 -6.50 2.65 12.21
C VAL A 80 -7.11 4.06 12.05
N PRO A 81 -7.49 4.74 13.17
CA PRO A 81 -8.28 5.98 13.18
C PRO A 81 -7.48 7.27 12.95
N SER B 1 0.09 -21.35 6.71
CA SER B 1 -0.98 -21.88 7.56
C SER B 1 -1.74 -20.76 8.26
N THR B 2 -1.09 -19.97 9.12
CA THR B 2 -1.72 -18.89 9.92
C THR B 2 -1.94 -17.56 9.22
N VAL B 3 -1.08 -17.23 8.26
CA VAL B 3 -1.12 -15.95 7.52
C VAL B 3 -2.22 -15.89 6.45
N PRO B 4 -2.75 -14.70 6.13
CA PRO B 4 -3.64 -14.51 4.99
C PRO B 4 -2.95 -14.68 3.62
N VAL B 5 -3.72 -14.61 2.54
CA VAL B 5 -3.24 -14.65 1.14
C VAL B 5 -3.71 -13.44 0.34
N ALA B 6 -2.83 -12.86 -0.48
CA ALA B 6 -3.14 -11.71 -1.32
C ALA B 6 -4.14 -12.04 -2.46
N PRO B 7 -5.07 -11.14 -2.83
CA PRO B 7 -6.01 -11.37 -3.94
C PRO B 7 -5.37 -11.19 -5.34
N PRO B 8 -6.00 -11.67 -6.42
CA PRO B 8 -5.52 -11.48 -7.80
C PRO B 8 -5.65 -10.01 -8.25
N ARG B 9 -4.64 -9.51 -8.96
CA ARG B 9 -4.44 -8.10 -9.35
C ARG B 9 -4.89 -7.73 -10.76
N ARG B 10 -4.82 -6.43 -11.08
CA ARG B 10 -5.03 -5.81 -12.41
C ARG B 10 -6.40 -6.18 -13.02
N ARG B 11 -7.43 -5.49 -12.56
CA ARG B 11 -8.86 -5.67 -12.90
C ARG B 11 -9.24 -5.14 -14.29
N ARG B 12 -8.49 -4.15 -14.82
CA ARG B 12 -8.82 -3.36 -16.04
C ARG B 12 -9.51 -4.10 -17.19
N GLY B 13 -10.69 -3.59 -17.58
CA GLY B 13 -11.55 -4.14 -18.63
C GLY B 13 -12.91 -3.43 -18.71
N ARG B 14 -13.97 -4.16 -19.12
CA ARG B 14 -15.37 -3.71 -19.16
C ARG B 14 -15.79 -2.94 -17.89
N ASN B 15 -16.41 -1.76 -18.04
CA ASN B 15 -17.06 -1.07 -16.91
C ASN B 15 -18.40 -1.75 -16.56
N LEU B 16 -18.73 -1.82 -15.27
CA LEU B 16 -20.01 -2.31 -14.77
C LEU B 16 -20.66 -1.35 -13.76
N THR B 17 -22.00 -1.42 -13.68
CA THR B 17 -22.87 -0.68 -12.76
C THR B 17 -23.73 -1.56 -11.86
N GLY A 1 10.84 13.76 12.96
CA GLY A 1 9.47 13.41 12.61
C GLY A 1 8.85 14.45 11.69
N ARG A 2 7.89 14.03 10.88
CA ARG A 2 7.14 14.84 9.89
C ARG A 2 6.31 15.97 10.51
N LEU A 3 5.88 16.88 9.64
CA LEU A 3 4.82 17.86 9.87
C LEU A 3 3.55 17.44 9.12
N ASP A 4 3.64 17.25 7.80
CA ASP A 4 2.51 16.92 6.92
C ASP A 4 2.32 15.43 6.57
N LEU A 5 1.06 15.02 6.39
CA LEU A 5 0.67 13.79 5.68
C LEU A 5 0.72 14.00 4.15
N PRO A 6 0.72 12.91 3.35
CA PRO A 6 0.83 12.98 1.88
C PRO A 6 -0.40 13.60 1.21
N PRO A 7 -0.28 14.08 -0.04
CA PRO A 7 -1.37 14.74 -0.75
C PRO A 7 -2.54 13.77 -0.98
N GLY A 8 -3.76 14.25 -0.71
CA GLY A 8 -4.99 13.46 -0.84
C GLY A 8 -5.24 12.41 0.26
N PHE A 9 -4.31 12.23 1.23
CA PHE A 9 -4.39 11.21 2.29
C PHE A 9 -5.79 10.81 2.80
N MET A 10 -6.13 9.51 2.76
CA MET A 10 -7.47 9.03 3.14
C MET A 10 -7.52 8.55 4.59
N PHE A 11 -6.60 7.66 4.96
CA PHE A 11 -6.53 6.96 6.24
C PHE A 11 -5.22 6.19 6.43
N LYS A 12 -4.97 5.61 7.60
CA LYS A 12 -3.86 4.66 7.83
C LYS A 12 -4.35 3.22 7.97
N VAL A 13 -3.42 2.28 7.84
CA VAL A 13 -3.54 0.86 8.22
C VAL A 13 -2.30 0.41 9.01
N GLN A 14 -2.36 -0.69 9.77
CA GLN A 14 -1.18 -1.29 10.44
C GLN A 14 -0.96 -2.77 10.08
N ALA A 15 0.23 -3.16 9.64
CA ALA A 15 0.56 -4.53 9.23
C ALA A 15 0.48 -5.54 10.39
N GLN A 16 -0.34 -6.58 10.21
CA GLN A 16 -0.48 -7.70 11.15
C GLN A 16 0.51 -8.85 10.85
N HIS A 17 0.96 -8.94 9.59
CA HIS A 17 1.90 -9.92 9.03
C HIS A 17 2.89 -9.22 8.07
N ASP A 18 3.99 -9.87 7.71
CA ASP A 18 4.97 -9.32 6.76
C ASP A 18 4.50 -9.74 5.35
N TYR A 19 4.60 -8.82 4.40
CA TYR A 19 4.22 -8.99 3.01
C TYR A 19 5.31 -8.62 2.01
N THR A 20 5.79 -9.60 1.25
CA THR A 20 6.89 -9.44 0.27
C THR A 20 6.45 -8.92 -1.09
N ALA A 21 7.10 -7.86 -1.61
CA ALA A 21 6.75 -7.28 -2.90
C ALA A 21 7.19 -8.19 -4.05
N THR A 22 6.21 -8.80 -4.72
CA THR A 22 6.42 -9.75 -5.83
C THR A 22 6.69 -9.09 -7.19
N ASP A 23 6.35 -7.80 -7.32
CA ASP A 23 6.35 -7.01 -8.57
C ASP A 23 6.67 -5.51 -8.39
N THR A 24 6.91 -4.79 -9.49
CA THR A 24 7.37 -3.38 -9.49
C THR A 24 6.44 -2.35 -8.82
N ASP A 25 5.11 -2.53 -8.94
CA ASP A 25 4.11 -1.66 -8.32
C ASP A 25 3.84 -1.93 -6.83
N GLU A 26 4.27 -3.08 -6.33
CA GLU A 26 3.85 -3.62 -5.04
C GLU A 26 4.64 -3.06 -3.84
N LEU A 27 3.93 -2.68 -2.77
CA LEU A 27 4.46 -2.14 -1.52
C LEU A 27 4.88 -3.29 -0.59
N GLN A 28 6.11 -3.25 -0.07
CA GLN A 28 6.61 -4.27 0.87
C GLN A 28 6.32 -3.88 2.34
N LEU A 29 5.78 -4.81 3.14
CA LEU A 29 5.35 -4.56 4.53
C LEU A 29 6.04 -5.50 5.55
N LYS A 30 6.30 -5.00 6.76
CA LYS A 30 6.76 -5.79 7.91
C LYS A 30 5.69 -5.80 9.01
N ALA A 31 5.49 -6.93 9.69
CA ALA A 31 4.50 -7.06 10.77
C ALA A 31 4.73 -6.01 11.89
N GLY A 32 3.87 -4.99 11.90
CA GLY A 32 3.92 -3.81 12.76
C GLY A 32 3.90 -2.47 12.02
N ASP A 33 4.09 -2.48 10.70
CA ASP A 33 4.24 -1.26 9.90
C ASP A 33 2.95 -0.48 9.66
N VAL A 34 2.94 0.81 10.01
CA VAL A 34 1.90 1.74 9.59
C VAL A 34 2.03 2.11 8.12
N VAL A 35 0.92 2.10 7.38
CA VAL A 35 0.85 2.54 5.98
C VAL A 35 -0.17 3.64 5.81
N LEU A 36 0.28 4.79 5.31
CA LEU A 36 -0.57 5.92 5.01
C LEU A 36 -1.30 5.63 3.68
N VAL A 37 -2.56 5.20 3.74
CA VAL A 37 -3.43 5.05 2.55
C VAL A 37 -3.68 6.38 1.82
N ILE A 38 -3.46 6.37 0.49
CA ILE A 38 -3.65 7.51 -0.41
C ILE A 38 -4.62 7.11 -1.54
N PRO A 39 -5.32 8.08 -2.16
CA PRO A 39 -6.18 7.81 -3.31
C PRO A 39 -5.33 7.36 -4.51
N PHE A 40 -5.86 6.41 -5.28
CA PHE A 40 -5.12 5.81 -6.39
C PHE A 40 -4.63 6.77 -7.48
N GLN A 41 -3.41 6.53 -7.97
CA GLN A 41 -2.83 7.33 -9.04
C GLN A 41 -3.60 7.30 -10.37
N ASN A 42 -4.34 6.21 -10.65
CA ASN A 42 -5.23 6.05 -11.79
C ASN A 42 -6.32 4.99 -11.52
N PRO A 43 -7.49 5.07 -12.17
CA PRO A 43 -8.62 4.15 -11.94
C PRO A 43 -8.32 2.73 -12.45
N GLU A 44 -7.55 2.59 -13.53
CA GLU A 44 -7.08 1.28 -14.03
C GLU A 44 -5.93 0.69 -13.19
N GLU A 45 -5.24 1.50 -12.38
CA GLU A 45 -4.18 1.02 -11.49
C GLU A 45 -4.72 0.35 -10.20
N GLN A 46 -5.98 0.61 -9.89
CA GLN A 46 -6.72 -0.01 -8.78
C GLN A 46 -7.16 -1.44 -9.10
N ASP A 47 -6.86 -2.38 -8.21
CA ASP A 47 -7.32 -3.78 -8.21
C ASP A 47 -8.24 -4.11 -7.02
N GLU A 48 -9.17 -5.05 -7.22
CA GLU A 48 -10.21 -5.40 -6.24
C GLU A 48 -9.62 -6.11 -5.01
N GLY A 49 -9.84 -5.56 -3.82
CA GLY A 49 -9.29 -6.05 -2.54
C GLY A 49 -7.89 -5.54 -2.19
N TRP A 50 -7.28 -4.75 -3.09
CA TRP A 50 -6.00 -4.07 -2.90
C TRP A 50 -6.17 -2.63 -2.42
N LEU A 51 -5.16 -2.10 -1.72
CA LEU A 51 -5.08 -0.66 -1.40
C LEU A 51 -3.70 -0.10 -1.76
N MET A 52 -3.65 1.23 -1.90
CA MET A 52 -2.45 1.99 -2.24
C MET A 52 -2.09 2.96 -1.11
N GLY A 53 -0.79 3.06 -0.83
CA GLY A 53 -0.27 3.92 0.23
C GLY A 53 1.25 4.04 0.17
N VAL A 54 1.79 4.73 1.17
CA VAL A 54 3.23 4.80 1.46
C VAL A 54 3.44 4.46 2.94
N LYS A 55 4.47 3.69 3.27
CA LYS A 55 4.79 3.37 4.66
C LYS A 55 5.03 4.65 5.45
N GLU A 56 4.45 4.75 6.65
CA GLU A 56 4.70 5.89 7.53
C GLU A 56 6.19 5.99 7.84
N SER A 57 6.88 4.87 8.12
CA SER A 57 8.34 4.83 8.31
C SER A 57 9.17 5.28 7.11
N ASP A 58 8.62 5.22 5.91
CA ASP A 58 9.22 5.73 4.68
C ASP A 58 8.99 7.23 4.43
N TRP A 59 7.74 7.67 4.62
CA TRP A 59 7.31 9.06 4.56
C TRP A 59 7.89 9.93 5.69
N ASN A 60 8.04 9.37 6.89
CA ASN A 60 8.65 10.00 8.07
C ASN A 60 10.19 10.01 8.02
N GLN A 61 10.79 9.23 7.11
CA GLN A 61 12.19 9.38 6.66
C GLN A 61 12.32 10.30 5.41
N HIS A 62 11.19 10.83 4.93
CA HIS A 62 11.05 11.79 3.82
C HIS A 62 11.60 11.28 2.48
N LYS A 63 11.45 9.98 2.26
CA LYS A 63 11.85 9.27 1.04
C LYS A 63 10.88 9.59 -0.10
N GLU A 64 11.40 9.61 -1.32
CA GLU A 64 10.71 9.98 -2.57
C GLU A 64 9.39 9.21 -2.81
N LEU A 65 8.25 9.89 -2.58
CA LEU A 65 6.89 9.35 -2.57
C LEU A 65 6.57 8.54 -3.83
N GLU A 66 6.83 9.09 -5.01
CA GLU A 66 6.48 8.48 -6.31
C GLU A 66 7.25 7.19 -6.62
N LYS A 67 8.32 6.87 -5.87
CA LYS A 67 9.06 5.60 -5.91
C LYS A 67 8.79 4.71 -4.70
N CYS A 68 8.51 5.31 -3.55
CA CYS A 68 8.29 4.64 -2.28
C CYS A 68 6.87 4.09 -2.09
N ARG A 69 5.88 4.65 -2.80
CA ARG A 69 4.48 4.15 -2.83
C ARG A 69 4.37 2.75 -3.45
N GLY A 70 3.24 2.11 -3.19
CA GLY A 70 2.85 0.86 -3.85
C GLY A 70 1.46 0.34 -3.48
N VAL A 71 1.06 -0.77 -4.13
CA VAL A 71 -0.14 -1.55 -3.78
C VAL A 71 0.18 -2.71 -2.84
N PHE A 72 -0.70 -2.95 -1.89
CA PHE A 72 -0.63 -4.05 -0.92
C PHE A 72 -2.01 -4.70 -0.65
N PRO A 73 -2.06 -5.96 -0.20
CA PRO A 73 -3.29 -6.58 0.26
C PRO A 73 -3.71 -5.98 1.60
N GLU A 74 -4.82 -5.23 1.64
CA GLU A 74 -5.31 -4.60 2.89
C GLU A 74 -5.57 -5.62 4.01
N ASN A 75 -5.85 -6.88 3.64
CA ASN A 75 -6.07 -8.01 4.55
C ASN A 75 -4.79 -8.52 5.27
N PHE A 76 -3.60 -8.08 4.84
CA PHE A 76 -2.38 -8.13 5.66
C PHE A 76 -2.24 -7.11 6.80
N THR A 77 -3.09 -6.08 6.77
CA THR A 77 -3.11 -4.95 7.69
C THR A 77 -4.46 -4.85 8.40
N GLU A 78 -4.57 -3.90 9.33
CA GLU A 78 -5.86 -3.52 9.96
C GLU A 78 -6.06 -2.01 9.78
N ARG A 79 -7.28 -1.59 9.45
CA ARG A 79 -7.62 -0.18 9.25
C ARG A 79 -7.65 0.53 10.61
N VAL A 80 -6.90 1.61 10.76
CA VAL A 80 -6.72 2.36 12.02
C VAL A 80 -7.37 3.76 11.88
N PRO A 81 -7.76 4.42 12.99
CA PRO A 81 -8.48 5.70 13.00
C PRO A 81 -7.62 6.89 12.54
N SER B 1 -4.47 -23.33 7.08
CA SER B 1 -3.58 -22.17 7.26
C SER B 1 -4.32 -20.99 7.87
N THR B 2 -3.66 -20.25 8.76
CA THR B 2 -4.22 -19.12 9.54
C THR B 2 -3.78 -17.73 9.05
N VAL B 3 -2.70 -17.67 8.27
CA VAL B 3 -2.23 -16.42 7.63
C VAL B 3 -3.20 -15.93 6.53
N PRO B 4 -3.29 -14.61 6.29
CA PRO B 4 -4.01 -14.04 5.16
C PRO B 4 -3.34 -14.34 3.80
N VAL B 5 -4.08 -14.11 2.71
CA VAL B 5 -3.61 -14.30 1.32
C VAL B 5 -3.99 -13.14 0.40
N ALA B 6 -3.06 -12.67 -0.43
CA ALA B 6 -3.33 -11.60 -1.38
C ALA B 6 -4.42 -11.98 -2.40
N PRO B 7 -5.38 -11.07 -2.70
CA PRO B 7 -6.35 -11.26 -3.78
C PRO B 7 -5.69 -11.13 -5.17
N PRO B 8 -6.37 -11.50 -6.27
CA PRO B 8 -5.81 -11.42 -7.63
C PRO B 8 -5.50 -9.97 -8.07
N ARG B 9 -4.72 -9.82 -9.14
CA ARG B 9 -4.30 -8.57 -9.78
C ARG B 9 -4.28 -8.81 -11.29
N ARG B 10 -4.09 -7.75 -12.08
CA ARG B 10 -4.15 -7.82 -13.55
C ARG B 10 -3.19 -6.85 -14.26
N ARG B 11 -2.88 -7.13 -15.53
CA ARG B 11 -1.91 -6.40 -16.37
C ARG B 11 -2.49 -5.05 -16.83
N ARG B 12 -1.74 -3.96 -16.68
CA ARG B 12 -2.17 -2.59 -17.04
C ARG B 12 -2.02 -2.27 -18.54
N GLY B 13 -2.87 -1.37 -19.05
CA GLY B 13 -3.12 -1.13 -20.48
C GLY B 13 -1.89 -0.74 -21.34
N ARG B 14 -0.88 -0.06 -20.76
CA ARG B 14 0.44 0.22 -21.39
C ARG B 14 1.22 -1.02 -21.87
N ASN B 15 0.71 -2.22 -21.60
CA ASN B 15 1.08 -3.49 -22.22
C ASN B 15 0.88 -3.57 -23.76
N LEU B 16 0.20 -2.61 -24.38
CA LEU B 16 0.07 -2.54 -25.85
C LEU B 16 1.42 -2.30 -26.58
N THR B 17 1.41 -2.53 -27.89
CA THR B 17 2.57 -2.51 -28.81
C THR B 17 3.55 -1.34 -28.73
N GLY A 1 11.45 12.85 12.13
CA GLY A 1 10.23 13.49 12.61
C GLY A 1 9.62 14.35 11.53
N ARG A 2 8.34 14.10 11.16
CA ARG A 2 7.68 14.75 10.02
C ARG A 2 6.99 16.08 10.36
N LEU A 3 6.65 16.82 9.31
CA LEU A 3 5.74 17.97 9.39
C LEU A 3 4.31 17.50 9.06
N ASP A 4 4.10 16.92 7.89
CA ASP A 4 2.78 16.60 7.30
C ASP A 4 2.51 15.15 6.90
N LEU A 5 1.24 14.81 6.64
CA LEU A 5 0.80 13.65 5.87
C LEU A 5 0.86 13.91 4.34
N PRO A 6 0.86 12.86 3.50
CA PRO A 6 1.01 12.96 2.05
C PRO A 6 -0.19 13.61 1.34
N PRO A 7 -0.01 14.10 0.10
CA PRO A 7 -1.09 14.71 -0.67
C PRO A 7 -2.20 13.67 -0.93
N GLY A 8 -3.45 14.13 -0.88
CA GLY A 8 -4.63 13.29 -1.07
C GLY A 8 -4.91 12.26 0.03
N PHE A 9 -4.12 12.20 1.12
CA PHE A 9 -4.28 11.23 2.20
C PHE A 9 -5.72 10.90 2.65
N MET A 10 -6.00 9.61 2.88
CA MET A 10 -7.34 9.12 3.19
C MET A 10 -7.48 8.57 4.62
N PHE A 11 -6.61 7.64 4.98
CA PHE A 11 -6.56 6.94 6.28
C PHE A 11 -5.26 6.17 6.44
N LYS A 12 -5.01 5.58 7.61
CA LYS A 12 -3.88 4.67 7.83
C LYS A 12 -4.36 3.22 8.00
N VAL A 13 -3.44 2.28 7.83
CA VAL A 13 -3.56 0.86 8.23
C VAL A 13 -2.32 0.44 9.02
N GLN A 14 -2.37 -0.69 9.73
CA GLN A 14 -1.18 -1.31 10.35
C GLN A 14 -1.05 -2.80 10.03
N ALA A 15 0.13 -3.25 9.58
CA ALA A 15 0.38 -4.64 9.18
C ALA A 15 0.26 -5.62 10.37
N GLN A 16 -0.67 -6.56 10.24
CA GLN A 16 -0.86 -7.70 11.16
C GLN A 16 0.05 -8.89 10.78
N HIS A 17 0.50 -8.95 9.52
CA HIS A 17 1.40 -9.98 8.98
C HIS A 17 2.42 -9.34 8.00
N ASP A 18 3.56 -9.99 7.76
CA ASP A 18 4.62 -9.48 6.87
C ASP A 18 4.28 -9.88 5.42
N TYR A 19 4.54 -8.98 4.47
CA TYR A 19 4.29 -9.13 3.05
C TYR A 19 5.47 -8.64 2.19
N THR A 20 6.05 -9.53 1.38
CA THR A 20 7.12 -9.20 0.42
C THR A 20 6.61 -8.80 -0.97
N ALA A 21 7.13 -7.71 -1.55
CA ALA A 21 6.67 -7.20 -2.85
C ALA A 21 7.01 -8.14 -4.00
N THR A 22 6.00 -8.48 -4.81
CA THR A 22 6.07 -9.40 -5.96
C THR A 22 6.01 -8.78 -7.36
N ASP A 23 5.83 -7.45 -7.42
CA ASP A 23 5.75 -6.69 -8.67
C ASP A 23 6.42 -5.32 -8.46
N THR A 24 6.69 -4.62 -9.56
CA THR A 24 7.07 -3.20 -9.50
C THR A 24 6.06 -2.31 -8.78
N ASP A 25 4.77 -2.61 -8.92
CA ASP A 25 3.69 -1.89 -8.24
C ASP A 25 3.59 -2.07 -6.73
N GLU A 26 4.15 -3.15 -6.18
CA GLU A 26 3.84 -3.62 -4.83
C GLU A 26 4.70 -3.02 -3.71
N LEU A 27 4.06 -2.82 -2.55
CA LEU A 27 4.62 -2.31 -1.30
C LEU A 27 5.13 -3.48 -0.43
N GLN A 28 6.28 -3.33 0.22
CA GLN A 28 6.79 -4.29 1.21
C GLN A 28 6.31 -3.90 2.63
N LEU A 29 5.77 -4.86 3.39
CA LEU A 29 5.27 -4.65 4.76
C LEU A 29 5.92 -5.62 5.76
N LYS A 30 6.30 -5.11 6.93
CA LYS A 30 6.62 -5.90 8.15
C LYS A 30 5.41 -5.97 9.07
N ALA A 31 5.16 -7.11 9.72
CA ALA A 31 4.14 -7.18 10.78
C ALA A 31 4.47 -6.16 11.90
N GLY A 32 3.67 -5.09 11.95
CA GLY A 32 3.85 -3.91 12.79
C GLY A 32 3.92 -2.58 12.01
N ASP A 33 4.05 -2.59 10.67
CA ASP A 33 4.17 -1.37 9.86
C ASP A 33 2.90 -0.54 9.72
N VAL A 34 2.96 0.76 10.06
CA VAL A 34 1.94 1.74 9.68
C VAL A 34 2.08 2.10 8.21
N VAL A 35 0.96 2.11 7.48
CA VAL A 35 0.88 2.52 6.07
C VAL A 35 -0.15 3.61 5.87
N LEU A 36 0.29 4.75 5.35
CA LEU A 36 -0.56 5.88 5.03
C LEU A 36 -1.28 5.59 3.70
N VAL A 37 -2.56 5.23 3.73
CA VAL A 37 -3.40 5.09 2.52
C VAL A 37 -3.58 6.40 1.75
N ILE A 38 -3.26 6.36 0.45
CA ILE A 38 -3.35 7.48 -0.52
C ILE A 38 -4.19 7.01 -1.74
N PRO A 39 -4.74 7.93 -2.54
CA PRO A 39 -5.46 7.59 -3.75
C PRO A 39 -4.52 7.13 -4.87
N PHE A 40 -5.03 6.26 -5.73
CA PHE A 40 -4.38 5.91 -6.98
C PHE A 40 -4.28 7.08 -7.96
N GLN A 41 -3.22 7.11 -8.76
CA GLN A 41 -3.04 8.03 -9.90
C GLN A 41 -4.01 7.77 -11.07
N ASN A 42 -4.60 6.58 -11.14
CA ASN A 42 -5.55 6.16 -12.17
C ASN A 42 -6.55 5.10 -11.67
N PRO A 43 -7.80 5.09 -12.16
CA PRO A 43 -8.82 4.09 -11.83
C PRO A 43 -8.47 2.71 -12.41
N GLU A 44 -7.79 2.69 -13.55
CA GLU A 44 -7.32 1.48 -14.25
C GLU A 44 -6.05 0.86 -13.63
N GLU A 45 -5.36 1.56 -12.71
CA GLU A 45 -4.32 0.96 -11.85
C GLU A 45 -4.92 0.09 -10.72
N GLN A 46 -6.09 0.47 -10.21
CA GLN A 46 -6.68 -0.08 -8.98
C GLN A 46 -7.06 -1.56 -9.13
N ASP A 47 -6.59 -2.38 -8.19
CA ASP A 47 -6.77 -3.85 -8.16
C ASP A 47 -7.84 -4.30 -7.12
N GLU A 48 -8.59 -5.36 -7.42
CA GLU A 48 -9.78 -5.79 -6.66
C GLU A 48 -9.43 -6.51 -5.34
N GLY A 49 -9.65 -5.83 -4.21
CA GLY A 49 -9.29 -6.28 -2.86
C GLY A 49 -7.95 -5.73 -2.35
N TRP A 50 -7.27 -4.89 -3.15
CA TRP A 50 -6.01 -4.21 -2.82
C TRP A 50 -6.23 -2.80 -2.25
N LEU A 51 -5.16 -2.20 -1.72
CA LEU A 51 -5.07 -0.75 -1.40
C LEU A 51 -3.67 -0.21 -1.75
N MET A 52 -3.57 1.09 -2.04
CA MET A 52 -2.30 1.82 -2.21
C MET A 52 -1.99 2.73 -1.00
N GLY A 53 -0.72 2.81 -0.64
CA GLY A 53 -0.20 3.70 0.40
C GLY A 53 1.32 3.85 0.35
N VAL A 54 1.84 4.56 1.34
CA VAL A 54 3.28 4.67 1.65
C VAL A 54 3.51 4.35 3.12
N LYS A 55 4.58 3.63 3.44
CA LYS A 55 4.96 3.36 4.83
C LYS A 55 5.18 4.66 5.60
N GLU A 56 4.65 4.75 6.82
CA GLU A 56 4.88 5.93 7.65
C GLU A 56 6.37 6.16 7.90
N SER A 57 7.18 5.11 8.12
CA SER A 57 8.63 5.29 8.39
C SER A 57 9.39 5.72 7.12
N ASP A 58 8.96 5.26 5.94
CA ASP A 58 9.42 5.79 4.65
C ASP A 58 9.09 7.29 4.45
N TRP A 59 7.83 7.65 4.68
CA TRP A 59 7.33 9.02 4.54
C TRP A 59 7.89 10.01 5.57
N ASN A 60 8.15 9.56 6.81
CA ASN A 60 8.73 10.38 7.89
C ASN A 60 10.17 10.78 7.60
N GLN A 61 10.93 9.95 6.87
CA GLN A 61 12.25 10.27 6.34
C GLN A 61 12.21 11.16 5.09
N HIS A 62 11.01 11.60 4.67
CA HIS A 62 10.75 12.46 3.52
C HIS A 62 11.21 11.84 2.19
N LYS A 63 11.14 10.50 2.09
CA LYS A 63 11.53 9.75 0.89
C LYS A 63 10.64 10.04 -0.31
N GLU A 64 11.19 9.84 -1.50
CA GLU A 64 10.54 10.04 -2.80
C GLU A 64 9.21 9.27 -2.92
N LEU A 65 8.08 10.00 -2.84
CA LEU A 65 6.73 9.43 -2.64
C LEU A 65 6.31 8.56 -3.83
N GLU A 66 6.43 9.09 -5.04
CA GLU A 66 6.04 8.42 -6.28
C GLU A 66 6.79 7.10 -6.54
N LYS A 67 7.98 6.95 -5.95
CA LYS A 67 8.82 5.75 -5.99
C LYS A 67 8.46 4.78 -4.85
N CYS A 68 8.50 5.29 -3.62
CA CYS A 68 8.42 4.50 -2.38
C CYS A 68 7.02 3.98 -2.04
N ARG A 69 5.96 4.58 -2.61
CA ARG A 69 4.58 4.06 -2.53
C ARG A 69 4.46 2.70 -3.23
N GLY A 70 3.41 1.98 -2.88
CA GLY A 70 3.02 0.73 -3.53
C GLY A 70 1.62 0.27 -3.17
N VAL A 71 1.16 -0.77 -3.85
CA VAL A 71 -0.06 -1.52 -3.52
C VAL A 71 0.25 -2.69 -2.60
N PHE A 72 -0.68 -2.98 -1.70
CA PHE A 72 -0.62 -4.10 -0.77
C PHE A 72 -1.97 -4.79 -0.57
N PRO A 73 -2.00 -6.08 -0.18
CA PRO A 73 -3.23 -6.74 0.23
C PRO A 73 -3.74 -6.13 1.54
N GLU A 74 -4.84 -5.38 1.51
CA GLU A 74 -5.43 -4.73 2.70
C GLU A 74 -5.70 -5.74 3.84
N ASN A 75 -5.96 -7.01 3.50
CA ASN A 75 -6.18 -8.12 4.43
C ASN A 75 -4.94 -8.54 5.23
N PHE A 76 -3.74 -8.11 4.85
CA PHE A 76 -2.56 -8.15 5.71
C PHE A 76 -2.49 -7.13 6.86
N THR A 77 -3.36 -6.12 6.84
CA THR A 77 -3.35 -4.97 7.76
C THR A 77 -4.70 -4.82 8.47
N GLU A 78 -4.76 -3.89 9.44
CA GLU A 78 -6.01 -3.44 10.09
C GLU A 78 -6.20 -1.94 9.83
N ARG A 79 -7.43 -1.49 9.60
CA ARG A 79 -7.79 -0.07 9.51
C ARG A 79 -7.64 0.57 10.90
N VAL A 80 -6.59 1.37 11.08
CA VAL A 80 -6.32 2.07 12.34
C VAL A 80 -7.13 3.38 12.39
N PRO A 81 -7.40 3.91 13.59
CA PRO A 81 -8.02 5.22 13.84
C PRO A 81 -7.54 6.36 12.95
N SER B 1 -1.93 -22.23 6.39
CA SER B 1 -3.04 -22.65 7.29
C SER B 1 -3.89 -21.47 7.77
N THR B 2 -3.30 -20.54 8.53
CA THR B 2 -4.03 -19.46 9.24
C THR B 2 -3.69 -18.02 8.85
N VAL B 3 -2.53 -17.82 8.23
CA VAL B 3 -2.05 -16.53 7.70
C VAL B 3 -2.85 -16.07 6.45
N PRO B 4 -3.00 -14.75 6.21
CA PRO B 4 -3.72 -14.21 5.05
C PRO B 4 -3.05 -14.49 3.70
N VAL B 5 -3.81 -14.30 2.62
CA VAL B 5 -3.38 -14.51 1.22
C VAL B 5 -3.81 -13.34 0.32
N ALA B 6 -2.88 -12.82 -0.48
CA ALA B 6 -3.16 -11.67 -1.36
C ALA B 6 -4.19 -12.03 -2.47
N PRO B 7 -5.15 -11.12 -2.80
CA PRO B 7 -6.09 -11.33 -3.89
C PRO B 7 -5.45 -11.14 -5.29
N PRO B 8 -6.10 -11.58 -6.39
CA PRO B 8 -5.62 -11.35 -7.76
C PRO B 8 -5.46 -9.86 -8.12
N ARG B 9 -4.67 -9.57 -9.16
CA ARG B 9 -4.47 -8.23 -9.77
C ARG B 9 -4.71 -8.26 -11.29
N ARG B 10 -4.89 -7.09 -11.92
CA ARG B 10 -5.54 -6.97 -13.24
C ARG B 10 -4.95 -5.90 -14.15
N ARG B 11 -5.17 -6.03 -15.46
CA ARG B 11 -4.68 -5.11 -16.50
C ARG B 11 -5.01 -3.63 -16.28
N ARG B 12 -4.12 -2.75 -16.75
CA ARG B 12 -4.41 -1.35 -17.12
C ARG B 12 -4.73 -1.29 -18.63
N GLY B 13 -5.55 -0.33 -19.06
CA GLY B 13 -6.39 -0.50 -20.26
C GLY B 13 -7.70 -1.23 -19.90
N ARG B 14 -8.63 -1.36 -20.85
CA ARG B 14 -10.00 -1.87 -20.54
C ARG B 14 -10.02 -3.36 -20.18
N ASN B 15 -10.75 -3.68 -19.12
CA ASN B 15 -10.88 -5.02 -18.53
C ASN B 15 -12.02 -5.79 -19.21
N LEU B 16 -11.88 -6.02 -20.52
CA LEU B 16 -12.94 -6.48 -21.39
C LEU B 16 -13.44 -7.91 -21.09
N THR B 17 -14.78 -8.06 -21.05
CA THR B 17 -15.52 -9.32 -20.88
C THR B 17 -16.90 -9.24 -21.49
N GLY A 1 7.21 11.41 15.42
CA GLY A 1 7.80 11.94 14.18
C GLY A 1 6.98 13.11 13.67
N ARG A 2 7.01 13.36 12.35
CA ARG A 2 6.35 14.52 11.73
C ARG A 2 4.85 14.33 11.54
N LEU A 3 4.09 15.42 11.68
CA LEU A 3 2.63 15.44 11.56
C LEU A 3 2.12 15.43 10.12
N ASP A 4 2.82 16.07 9.18
CA ASP A 4 2.35 16.28 7.79
C ASP A 4 2.20 14.93 7.03
N LEU A 5 1.24 14.87 6.11
CA LEU A 5 0.76 13.67 5.42
C LEU A 5 0.68 13.88 3.89
N PRO A 6 0.66 12.79 3.10
CA PRO A 6 0.74 12.83 1.64
C PRO A 6 -0.51 13.43 0.98
N PRO A 7 -0.39 13.92 -0.27
CA PRO A 7 -1.47 14.62 -0.97
C PRO A 7 -2.69 13.71 -1.15
N GLY A 8 -3.86 14.20 -0.75
CA GLY A 8 -5.11 13.43 -0.81
C GLY A 8 -5.26 12.32 0.24
N PHE A 9 -4.33 12.15 1.20
CA PHE A 9 -4.40 11.17 2.29
C PHE A 9 -5.80 10.86 2.85
N MET A 10 -6.13 9.58 3.02
CA MET A 10 -7.45 9.14 3.49
C MET A 10 -7.39 8.63 4.94
N PHE A 11 -6.54 7.62 5.17
CA PHE A 11 -6.41 6.92 6.44
C PHE A 11 -5.09 6.16 6.59
N LYS A 12 -4.78 5.67 7.79
CA LYS A 12 -3.68 4.72 8.01
C LYS A 12 -4.18 3.27 8.18
N VAL A 13 -3.26 2.33 8.05
CA VAL A 13 -3.37 0.91 8.46
C VAL A 13 -2.07 0.48 9.17
N GLN A 14 -2.09 -0.59 9.97
CA GLN A 14 -0.88 -1.23 10.49
C GLN A 14 -0.80 -2.73 10.13
N ALA A 15 0.32 -3.18 9.56
CA ALA A 15 0.52 -4.57 9.16
C ALA A 15 0.52 -5.54 10.35
N GLN A 16 -0.38 -6.53 10.31
CA GLN A 16 -0.50 -7.62 11.28
C GLN A 16 0.39 -8.83 10.89
N HIS A 17 0.74 -8.96 9.61
CA HIS A 17 1.50 -10.05 9.01
C HIS A 17 2.50 -9.50 7.97
N ASP A 18 3.57 -10.23 7.64
CA ASP A 18 4.58 -9.77 6.67
C ASP A 18 4.22 -10.12 5.21
N TYR A 19 4.39 -9.16 4.31
CA TYR A 19 4.08 -9.29 2.89
C TYR A 19 5.26 -8.86 2.01
N THR A 20 5.87 -9.85 1.35
CA THR A 20 6.85 -9.60 0.28
C THR A 20 6.23 -9.33 -1.09
N ALA A 21 6.41 -8.12 -1.59
CA ALA A 21 5.97 -7.71 -2.91
C ALA A 21 6.67 -8.51 -4.01
N THR A 22 5.90 -8.79 -5.05
CA THR A 22 6.27 -9.53 -6.28
C THR A 22 5.98 -8.77 -7.59
N ASP A 23 5.88 -7.45 -7.48
CA ASP A 23 5.91 -6.54 -8.62
C ASP A 23 6.45 -5.19 -8.12
N THR A 24 7.01 -4.37 -9.01
CA THR A 24 7.32 -2.95 -8.72
C THR A 24 6.10 -2.04 -8.54
N ASP A 25 4.90 -2.54 -8.86
CA ASP A 25 3.60 -1.94 -8.52
C ASP A 25 3.24 -2.22 -7.03
N GLU A 26 3.66 -3.35 -6.46
CA GLU A 26 3.32 -3.76 -5.10
C GLU A 26 4.18 -3.10 -4.00
N LEU A 27 3.59 -2.86 -2.83
CA LEU A 27 4.21 -2.32 -1.61
C LEU A 27 4.70 -3.46 -0.70
N GLN A 28 5.88 -3.33 -0.10
CA GLN A 28 6.47 -4.33 0.81
C GLN A 28 6.15 -4.00 2.28
N LEU A 29 5.66 -4.98 3.06
CA LEU A 29 5.22 -4.80 4.47
C LEU A 29 5.85 -5.84 5.42
N LYS A 30 6.09 -5.43 6.67
CA LYS A 30 6.48 -6.30 7.80
C LYS A 30 5.43 -6.19 8.92
N ALA A 31 5.22 -7.27 9.68
CA ALA A 31 4.32 -7.27 10.84
C ALA A 31 4.71 -6.19 11.88
N GLY A 32 4.00 -5.07 11.84
CA GLY A 32 4.22 -3.86 12.65
C GLY A 32 4.33 -2.56 11.84
N ASP A 33 4.32 -2.62 10.51
CA ASP A 33 4.50 -1.45 9.63
C ASP A 33 3.24 -0.60 9.47
N VAL A 34 3.27 0.69 9.84
CA VAL A 34 2.20 1.65 9.50
C VAL A 34 2.27 2.02 8.02
N VAL A 35 1.12 2.04 7.34
CA VAL A 35 0.95 2.47 5.94
C VAL A 35 -0.07 3.59 5.84
N LEU A 36 0.35 4.72 5.29
CA LEU A 36 -0.50 5.87 5.01
C LEU A 36 -1.28 5.58 3.70
N VAL A 37 -2.55 5.19 3.80
CA VAL A 37 -3.45 5.00 2.64
C VAL A 37 -3.76 6.30 1.85
N ILE A 38 -3.63 6.25 0.52
CA ILE A 38 -3.83 7.36 -0.43
C ILE A 38 -4.73 6.92 -1.62
N PRO A 39 -5.43 7.86 -2.28
CA PRO A 39 -6.20 7.61 -3.49
C PRO A 39 -5.30 7.40 -4.71
N PHE A 40 -5.76 6.58 -5.66
CA PHE A 40 -4.99 6.26 -6.86
C PHE A 40 -4.87 7.42 -7.87
N GLN A 41 -3.69 7.52 -8.49
CA GLN A 41 -3.36 8.36 -9.64
C GLN A 41 -3.99 7.90 -10.97
N ASN A 42 -4.42 6.64 -11.05
CA ASN A 42 -4.91 5.98 -12.27
C ASN A 42 -6.09 5.02 -11.99
N PRO A 43 -6.89 4.72 -13.03
CA PRO A 43 -7.75 3.54 -13.04
C PRO A 43 -6.93 2.25 -13.23
N GLU A 44 -5.96 2.26 -14.14
CA GLU A 44 -5.20 1.08 -14.59
C GLU A 44 -4.20 0.52 -13.56
N GLU A 45 -3.92 1.27 -12.50
CA GLU A 45 -3.06 0.87 -11.37
C GLU A 45 -3.83 0.18 -10.24
N GLN A 46 -5.15 0.39 -10.18
CA GLN A 46 -6.03 -0.13 -9.11
C GLN A 46 -6.56 -1.54 -9.37
N ASP A 47 -6.13 -2.47 -8.51
CA ASP A 47 -6.57 -3.87 -8.45
C ASP A 47 -7.73 -4.07 -7.46
N GLU A 48 -8.61 -5.04 -7.70
CA GLU A 48 -9.80 -5.30 -6.86
C GLU A 48 -9.41 -6.11 -5.60
N GLY A 49 -9.80 -5.65 -4.40
CA GLY A 49 -9.38 -6.23 -3.12
C GLY A 49 -8.00 -5.76 -2.61
N TRP A 50 -7.40 -4.80 -3.31
CA TRP A 50 -6.11 -4.17 -3.01
C TRP A 50 -6.27 -2.70 -2.58
N LEU A 51 -5.29 -2.15 -1.85
CA LEU A 51 -5.26 -0.72 -1.50
C LEU A 51 -3.88 -0.13 -1.75
N MET A 52 -3.81 1.19 -2.00
CA MET A 52 -2.56 1.93 -2.20
C MET A 52 -2.20 2.80 -1.00
N GLY A 53 -0.91 2.87 -0.70
CA GLY A 53 -0.36 3.76 0.30
C GLY A 53 1.16 3.90 0.18
N VAL A 54 1.74 4.51 1.21
CA VAL A 54 3.19 4.63 1.43
C VAL A 54 3.48 4.33 2.90
N LYS A 55 4.57 3.61 3.22
CA LYS A 55 4.94 3.35 4.61
C LYS A 55 5.24 4.64 5.36
N GLU A 56 4.70 4.73 6.58
CA GLU A 56 4.85 5.93 7.40
C GLU A 56 6.32 6.25 7.65
N SER A 57 7.16 5.27 7.95
CA SER A 57 8.59 5.50 8.22
C SER A 57 9.37 6.07 7.04
N ASP A 58 9.01 5.74 5.79
CA ASP A 58 9.64 6.32 4.59
C ASP A 58 9.24 7.80 4.49
N TRP A 59 7.94 8.07 4.66
CA TRP A 59 7.37 9.42 4.60
C TRP A 59 7.85 10.31 5.75
N ASN A 60 8.03 9.76 6.96
CA ASN A 60 8.58 10.42 8.15
C ASN A 60 10.07 10.78 7.97
N GLN A 61 10.82 9.98 7.20
CA GLN A 61 12.20 10.25 6.80
C GLN A 61 12.33 11.30 5.68
N HIS A 62 11.19 11.82 5.17
CA HIS A 62 11.06 12.80 4.08
C HIS A 62 11.44 12.27 2.67
N LYS A 63 11.48 10.95 2.49
CA LYS A 63 11.95 10.27 1.26
C LYS A 63 10.92 10.33 0.13
N GLU A 64 11.36 10.11 -1.12
CA GLU A 64 10.53 10.23 -2.33
C GLU A 64 9.30 9.30 -2.33
N LEU A 65 8.12 9.90 -2.56
CA LEU A 65 6.81 9.24 -2.49
C LEU A 65 6.55 8.34 -3.70
N GLU A 66 6.85 8.85 -4.90
CA GLU A 66 6.55 8.18 -6.17
C GLU A 66 7.30 6.84 -6.36
N LYS A 67 8.37 6.62 -5.59
CA LYS A 67 9.17 5.39 -5.56
C LYS A 67 8.75 4.40 -4.47
N CYS A 68 8.44 4.87 -3.26
CA CYS A 68 8.04 4.00 -2.15
C CYS A 68 6.57 3.55 -2.27
N ARG A 69 5.69 4.34 -2.91
CA ARG A 69 4.27 4.00 -3.06
C ARG A 69 4.07 2.62 -3.69
N GLY A 70 2.98 1.98 -3.32
CA GLY A 70 2.60 0.68 -3.88
C GLY A 70 1.23 0.20 -3.46
N VAL A 71 0.79 -0.89 -4.09
CA VAL A 71 -0.42 -1.64 -3.75
C VAL A 71 -0.11 -2.78 -2.79
N PHE A 72 -0.94 -2.96 -1.77
CA PHE A 72 -0.84 -4.06 -0.81
C PHE A 72 -2.19 -4.76 -0.57
N PRO A 73 -2.18 -6.03 -0.15
CA PRO A 73 -3.39 -6.71 0.32
C PRO A 73 -3.85 -6.11 1.66
N GLU A 74 -4.97 -5.39 1.66
CA GLU A 74 -5.52 -4.76 2.87
C GLU A 74 -5.72 -5.78 4.02
N ASN A 75 -6.00 -7.04 3.68
CA ASN A 75 -6.22 -8.16 4.59
C ASN A 75 -4.97 -8.59 5.39
N PHE A 76 -3.79 -8.05 5.07
CA PHE A 76 -2.58 -8.13 5.89
C PHE A 76 -2.45 -7.12 7.03
N THR A 77 -3.30 -6.08 7.05
CA THR A 77 -3.22 -4.93 7.95
C THR A 77 -4.51 -4.77 8.78
N GLU A 78 -4.50 -3.83 9.72
CA GLU A 78 -5.69 -3.40 10.46
C GLU A 78 -5.84 -1.88 10.32
N ARG A 79 -7.07 -1.40 10.13
CA ARG A 79 -7.43 0.03 10.02
C ARG A 79 -7.10 0.72 11.36
N VAL A 80 -6.49 1.90 11.30
CA VAL A 80 -6.15 2.72 12.49
C VAL A 80 -6.73 4.14 12.31
N PRO A 81 -6.98 4.89 13.42
CA PRO A 81 -7.69 6.16 13.41
C PRO A 81 -6.89 7.34 12.81
N SER B 1 0.89 -22.79 7.71
CA SER B 1 0.77 -21.63 8.60
C SER B 1 -0.49 -20.84 8.29
N THR B 2 -1.10 -20.25 9.32
CA THR B 2 -2.43 -19.63 9.34
C THR B 2 -2.54 -18.18 8.84
N VAL B 3 -1.44 -17.68 8.28
CA VAL B 3 -1.30 -16.32 7.71
C VAL B 3 -2.23 -16.07 6.50
N PRO B 4 -2.64 -14.81 6.25
CA PRO B 4 -3.46 -14.43 5.09
C PRO B 4 -2.69 -14.54 3.76
N VAL B 5 -3.42 -14.42 2.63
CA VAL B 5 -2.90 -14.47 1.25
C VAL B 5 -3.43 -13.34 0.37
N ALA B 6 -2.59 -12.73 -0.46
CA ALA B 6 -2.98 -11.59 -1.29
C ALA B 6 -3.91 -11.99 -2.47
N PRO B 7 -4.95 -11.20 -2.81
CA PRO B 7 -5.90 -11.56 -3.88
C PRO B 7 -5.36 -11.35 -5.32
N PRO B 8 -5.99 -11.89 -6.38
CA PRO B 8 -5.55 -11.74 -7.78
C PRO B 8 -5.61 -10.29 -8.30
N ARG B 9 -4.78 -9.98 -9.30
CA ARG B 9 -4.59 -8.61 -9.84
C ARG B 9 -4.84 -8.53 -11.36
N ARG B 10 -4.94 -7.32 -11.90
CA ARG B 10 -5.36 -7.01 -13.28
C ARG B 10 -4.24 -6.56 -14.21
N ARG B 11 -4.42 -6.72 -15.52
CA ARG B 11 -3.48 -6.26 -16.56
C ARG B 11 -3.43 -4.73 -16.63
N ARG B 12 -2.28 -4.14 -16.33
CA ARG B 12 -1.99 -2.71 -16.52
C ARG B 12 -1.64 -2.41 -17.99
N GLY B 13 -2.04 -1.24 -18.50
CA GLY B 13 -1.99 -0.93 -19.93
C GLY B 13 -2.91 -1.81 -20.78
N ARG B 14 -2.59 -1.95 -22.06
CA ARG B 14 -3.36 -2.74 -23.05
C ARG B 14 -2.59 -3.98 -23.48
N ASN B 15 -3.29 -5.10 -23.59
CA ASN B 15 -2.88 -6.41 -24.15
C ASN B 15 -2.37 -6.43 -25.61
N LEU B 16 -1.94 -5.31 -26.18
CA LEU B 16 -1.60 -5.15 -27.60
C LEU B 16 -0.53 -6.16 -28.07
N THR B 17 0.62 -6.20 -27.41
CA THR B 17 1.75 -7.12 -27.64
C THR B 17 1.49 -8.61 -27.37
N GLY A 1 10.85 12.74 12.63
CA GLY A 1 9.53 13.31 12.92
C GLY A 1 9.13 14.36 11.90
N ARG A 2 8.24 14.01 10.98
CA ARG A 2 7.76 14.80 9.84
C ARG A 2 6.95 16.06 10.19
N LEU A 3 6.70 16.89 9.17
CA LEU A 3 5.75 18.01 9.22
C LEU A 3 4.32 17.52 8.91
N ASP A 4 4.04 17.22 7.64
CA ASP A 4 2.71 16.84 7.11
C ASP A 4 2.59 15.43 6.51
N LEU A 5 1.36 14.89 6.51
CA LEU A 5 0.94 13.69 5.75
C LEU A 5 0.99 13.91 4.22
N PRO A 6 0.96 12.84 3.41
CA PRO A 6 1.08 12.90 1.96
C PRO A 6 -0.12 13.57 1.26
N PRO A 7 0.05 14.00 0.00
CA PRO A 7 -1.04 14.58 -0.79
C PRO A 7 -2.12 13.53 -1.04
N GLY A 8 -3.38 13.92 -0.94
CA GLY A 8 -4.54 13.02 -1.05
C GLY A 8 -4.73 12.04 0.10
N PHE A 9 -3.94 12.10 1.19
CA PHE A 9 -4.10 11.18 2.33
C PHE A 9 -5.54 10.95 2.80
N MET A 10 -5.94 9.69 2.95
CA MET A 10 -7.30 9.31 3.38
C MET A 10 -7.33 8.83 4.82
N PHE A 11 -6.57 7.78 5.12
CA PHE A 11 -6.50 7.09 6.40
C PHE A 11 -5.22 6.28 6.56
N LYS A 12 -4.98 5.67 7.72
CA LYS A 12 -3.88 4.70 7.92
C LYS A 12 -4.38 3.26 8.03
N VAL A 13 -3.46 2.31 7.89
CA VAL A 13 -3.60 0.89 8.25
C VAL A 13 -2.38 0.45 9.06
N GLN A 14 -2.47 -0.66 9.81
CA GLN A 14 -1.30 -1.33 10.41
C GLN A 14 -1.21 -2.79 9.94
N ALA A 15 -0.05 -3.23 9.43
CA ALA A 15 0.23 -4.62 9.09
C ALA A 15 0.04 -5.54 10.31
N GLN A 16 -0.82 -6.55 10.18
CA GLN A 16 -0.97 -7.66 11.13
C GLN A 16 0.05 -8.78 10.83
N HIS A 17 0.48 -8.89 9.56
CA HIS A 17 1.35 -9.91 9.00
C HIS A 17 2.38 -9.33 8.01
N ASP A 18 3.47 -10.05 7.74
CA ASP A 18 4.54 -9.65 6.82
C ASP A 18 4.27 -9.96 5.33
N TYR A 19 4.60 -9.02 4.44
CA TYR A 19 4.37 -9.10 2.99
C TYR A 19 5.54 -8.58 2.14
N THR A 20 6.00 -9.37 1.16
CA THR A 20 7.04 -9.00 0.18
C THR A 20 6.50 -8.36 -1.10
N ALA A 21 7.00 -7.19 -1.51
CA ALA A 21 6.63 -6.61 -2.80
C ALA A 21 7.23 -7.43 -3.95
N THR A 22 6.37 -7.94 -4.84
CA THR A 22 6.76 -8.79 -5.98
C THR A 22 7.11 -8.03 -7.27
N ASP A 23 6.66 -6.77 -7.41
CA ASP A 23 6.63 -6.00 -8.67
C ASP A 23 6.89 -4.47 -8.56
N THR A 24 6.91 -3.78 -9.71
CA THR A 24 7.26 -2.36 -9.92
C THR A 24 6.42 -1.28 -9.21
N ASP A 25 5.22 -1.58 -8.72
CA ASP A 25 4.34 -0.67 -7.94
C ASP A 25 3.82 -1.24 -6.61
N GLU A 26 4.43 -2.32 -6.13
CA GLU A 26 4.00 -3.06 -4.95
C GLU A 26 4.75 -2.62 -3.67
N LEU A 27 4.05 -2.65 -2.54
CA LEU A 27 4.51 -2.13 -1.24
C LEU A 27 5.01 -3.27 -0.34
N GLN A 28 6.21 -3.12 0.21
CA GLN A 28 6.83 -4.06 1.14
C GLN A 28 6.37 -3.77 2.58
N LEU A 29 5.81 -4.76 3.30
CA LEU A 29 5.29 -4.60 4.68
C LEU A 29 5.92 -5.63 5.64
N LYS A 30 6.13 -5.23 6.90
CA LYS A 30 6.49 -6.10 8.04
C LYS A 30 5.36 -6.10 9.06
N ALA A 31 5.09 -7.23 9.71
CA ALA A 31 4.03 -7.33 10.72
C ALA A 31 4.22 -6.28 11.83
N GLY A 32 3.34 -5.29 11.87
CA GLY A 32 3.39 -4.11 12.76
C GLY A 32 3.57 -2.77 12.04
N ASP A 33 3.78 -2.75 10.72
CA ASP A 33 4.03 -1.54 9.93
C ASP A 33 2.82 -0.63 9.70
N VAL A 34 2.93 0.65 10.08
CA VAL A 34 1.94 1.69 9.72
C VAL A 34 2.08 2.04 8.24
N VAL A 35 0.96 2.12 7.54
CA VAL A 35 0.87 2.57 6.15
C VAL A 35 -0.16 3.67 5.97
N LEU A 36 0.28 4.80 5.44
CA LEU A 36 -0.54 5.96 5.13
C LEU A 36 -1.29 5.70 3.80
N VAL A 37 -2.56 5.31 3.85
CA VAL A 37 -3.42 5.15 2.65
C VAL A 37 -3.64 6.43 1.83
N ILE A 38 -3.46 6.33 0.51
CA ILE A 38 -3.69 7.37 -0.51
C ILE A 38 -4.56 6.80 -1.65
N PRO A 39 -5.28 7.64 -2.42
CA PRO A 39 -6.05 7.22 -3.60
C PRO A 39 -5.14 6.88 -4.80
N PHE A 40 -5.63 6.03 -5.69
CA PHE A 40 -4.93 5.66 -6.93
C PHE A 40 -4.73 6.77 -7.99
N GLN A 41 -3.64 6.68 -8.76
CA GLN A 41 -3.37 7.59 -9.89
C GLN A 41 -4.29 7.38 -11.10
N ASN A 42 -4.89 6.20 -11.22
CA ASN A 42 -5.95 5.86 -12.18
C ASN A 42 -6.90 4.82 -11.56
N PRO A 43 -8.20 4.87 -11.88
CA PRO A 43 -9.16 3.84 -11.48
C PRO A 43 -8.84 2.49 -12.15
N GLU A 44 -8.35 2.53 -13.39
CA GLU A 44 -7.94 1.34 -14.16
C GLU A 44 -6.60 0.71 -13.69
N GLU A 45 -5.87 1.35 -12.77
CA GLU A 45 -4.75 0.74 -12.01
C GLU A 45 -5.21 -0.01 -10.75
N GLN A 46 -6.38 0.35 -10.19
CA GLN A 46 -6.85 -0.16 -8.89
C GLN A 46 -7.32 -1.62 -8.94
N ASP A 47 -6.71 -2.45 -8.09
CA ASP A 47 -6.97 -3.88 -7.94
C ASP A 47 -7.94 -4.29 -6.82
N GLU A 48 -8.80 -5.28 -7.09
CA GLU A 48 -9.87 -5.69 -6.17
C GLU A 48 -9.33 -6.47 -4.96
N GLY A 49 -9.56 -5.96 -3.75
CA GLY A 49 -8.99 -6.49 -2.51
C GLY A 49 -7.62 -5.90 -2.14
N TRP A 50 -7.12 -4.94 -2.92
CA TRP A 50 -5.87 -4.21 -2.68
C TRP A 50 -6.09 -2.81 -2.09
N LEU A 51 -5.04 -2.20 -1.55
CA LEU A 51 -4.99 -0.79 -1.15
C LEU A 51 -3.66 -0.17 -1.57
N MET A 52 -3.63 1.15 -1.82
CA MET A 52 -2.40 1.91 -2.07
C MET A 52 -2.06 2.83 -0.89
N GLY A 53 -0.77 2.95 -0.59
CA GLY A 53 -0.25 3.83 0.45
C GLY A 53 1.27 3.95 0.41
N VAL A 54 1.82 4.61 1.42
CA VAL A 54 3.26 4.69 1.71
C VAL A 54 3.49 4.39 3.19
N LYS A 55 4.53 3.63 3.54
CA LYS A 55 4.87 3.36 4.94
C LYS A 55 5.16 4.65 5.69
N GLU A 56 4.68 4.74 6.93
CA GLU A 56 4.98 5.91 7.76
C GLU A 56 6.49 6.08 7.96
N SER A 57 7.23 5.01 8.23
CA SER A 57 8.70 5.02 8.36
C SER A 57 9.45 5.51 7.10
N ASP A 58 8.91 5.18 5.92
CA ASP A 58 9.40 5.64 4.63
C ASP A 58 9.12 7.14 4.35
N TRP A 59 7.88 7.56 4.64
CA TRP A 59 7.42 8.94 4.49
C TRP A 59 8.00 9.92 5.53
N ASN A 60 8.23 9.45 6.77
CA ASN A 60 8.84 10.20 7.86
C ASN A 60 10.33 10.50 7.58
N GLN A 61 10.98 9.74 6.71
CA GLN A 61 12.33 10.04 6.18
C GLN A 61 12.32 10.91 4.91
N HIS A 62 11.16 11.40 4.49
CA HIS A 62 10.98 12.40 3.39
C HIS A 62 11.46 11.89 2.02
N LYS A 63 11.50 10.57 1.84
CA LYS A 63 12.00 9.87 0.64
C LYS A 63 11.04 9.95 -0.54
N GLU A 64 11.53 9.55 -1.71
CA GLU A 64 10.84 9.60 -3.01
C GLU A 64 9.50 8.84 -3.01
N LEU A 65 8.39 9.56 -2.82
CA LEU A 65 7.04 9.02 -2.66
C LEU A 65 6.65 8.08 -3.82
N GLU A 66 6.95 8.44 -5.07
CA GLU A 66 6.57 7.66 -6.26
C GLU A 66 7.22 6.26 -6.30
N LYS A 67 8.44 6.15 -5.78
CA LYS A 67 9.16 4.87 -5.67
C LYS A 67 8.86 4.15 -4.35
N CYS A 68 8.75 4.88 -3.25
CA CYS A 68 8.53 4.31 -1.91
C CYS A 68 7.11 3.75 -1.71
N ARG A 69 6.09 4.38 -2.32
CA ARG A 69 4.69 3.93 -2.28
C ARG A 69 4.52 2.56 -2.91
N GLY A 70 3.34 2.01 -2.71
CA GLY A 70 2.90 0.84 -3.46
C GLY A 70 1.49 0.36 -3.13
N VAL A 71 1.08 -0.67 -3.84
CA VAL A 71 -0.10 -1.48 -3.53
C VAL A 71 0.26 -2.64 -2.61
N PHE A 72 -0.63 -2.94 -1.68
CA PHE A 72 -0.55 -4.06 -0.75
C PHE A 72 -1.91 -4.79 -0.59
N PRO A 73 -1.92 -6.08 -0.24
CA PRO A 73 -3.16 -6.76 0.13
C PRO A 73 -3.69 -6.15 1.43
N GLU A 74 -4.83 -5.46 1.38
CA GLU A 74 -5.39 -4.81 2.57
C GLU A 74 -5.61 -5.81 3.72
N ASN A 75 -5.90 -7.08 3.38
CA ASN A 75 -6.11 -8.19 4.30
C ASN A 75 -4.88 -8.54 5.15
N PHE A 76 -3.67 -8.13 4.75
CA PHE A 76 -2.48 -8.17 5.60
C PHE A 76 -2.40 -7.12 6.71
N THR A 77 -3.26 -6.09 6.66
CA THR A 77 -3.34 -4.95 7.56
C THR A 77 -4.71 -4.82 8.22
N GLU A 78 -4.87 -3.85 9.12
CA GLU A 78 -6.16 -3.41 9.67
C GLU A 78 -6.27 -1.88 9.61
N ARG A 79 -7.44 -1.35 9.24
CA ARG A 79 -7.75 0.09 9.20
C ARG A 79 -7.75 0.70 10.60
N VAL A 80 -6.89 1.69 10.81
CA VAL A 80 -6.70 2.38 12.11
C VAL A 80 -7.30 3.81 12.01
N PRO A 81 -7.71 4.41 13.14
CA PRO A 81 -8.40 5.71 13.16
C PRO A 81 -7.49 6.89 12.77
N SER B 1 -2.86 -22.80 8.83
CA SER B 1 -1.89 -21.70 8.93
C SER B 1 -2.63 -20.37 8.96
N THR B 2 -2.49 -19.59 10.04
CA THR B 2 -3.28 -18.37 10.27
C THR B 2 -2.95 -17.16 9.40
N VAL B 3 -1.84 -17.20 8.65
CA VAL B 3 -1.43 -16.06 7.80
C VAL B 3 -2.38 -15.82 6.60
N PRO B 4 -2.63 -14.56 6.21
CA PRO B 4 -3.43 -14.22 5.02
C PRO B 4 -2.67 -14.49 3.70
N VAL B 5 -3.42 -14.51 2.59
CA VAL B 5 -2.91 -14.68 1.22
C VAL B 5 -3.46 -13.60 0.30
N ALA B 6 -2.60 -12.96 -0.50
CA ALA B 6 -2.97 -11.80 -1.31
C ALA B 6 -3.96 -12.14 -2.45
N PRO B 7 -4.90 -11.25 -2.82
CA PRO B 7 -5.81 -11.47 -3.95
C PRO B 7 -5.13 -11.19 -5.31
N PRO B 8 -5.74 -11.56 -6.46
CA PRO B 8 -5.19 -11.28 -7.79
C PRO B 8 -4.95 -9.78 -8.09
N ARG B 9 -4.06 -9.47 -9.05
CA ARG B 9 -3.79 -8.11 -9.56
C ARG B 9 -3.79 -8.04 -11.08
N ARG B 10 -3.88 -6.80 -11.62
CA ARG B 10 -4.06 -6.48 -13.05
C ARG B 10 -3.12 -5.33 -13.48
N ARG B 11 -2.83 -4.37 -12.58
CA ARG B 11 -1.72 -3.38 -12.62
C ARG B 11 -1.68 -2.43 -13.83
N ARG B 12 -2.77 -2.43 -14.61
CA ARG B 12 -2.89 -1.93 -15.98
C ARG B 12 -1.85 -2.53 -16.95
N GLY B 13 -1.58 -3.83 -16.81
CA GLY B 13 -0.76 -4.64 -17.73
C GLY B 13 -1.57 -5.74 -18.43
N ARG B 14 -0.89 -6.69 -19.08
CA ARG B 14 -1.52 -7.89 -19.69
C ARG B 14 -1.93 -8.88 -18.61
N ASN B 15 -3.12 -8.67 -18.07
CA ASN B 15 -3.76 -9.49 -17.05
C ASN B 15 -4.06 -10.92 -17.52
N LEU B 16 -4.27 -11.83 -16.56
CA LEU B 16 -5.00 -13.08 -16.79
C LEU B 16 -6.51 -12.82 -17.00
N THR B 17 -7.17 -13.66 -17.80
CA THR B 17 -8.62 -13.58 -18.12
C THR B 17 -9.38 -14.89 -18.07
N GLY A 1 2.91 8.45 13.97
CA GLY A 1 4.22 9.05 13.69
C GLY A 1 4.11 10.53 13.33
N ARG A 2 3.93 10.83 12.04
CA ARG A 2 3.92 12.20 11.46
C ARG A 2 2.61 12.96 11.66
N LEU A 3 2.67 14.29 11.54
CA LEU A 3 1.50 15.20 11.45
C LEU A 3 1.32 15.71 10.00
N ASP A 4 2.40 16.03 9.30
CA ASP A 4 2.39 16.26 7.86
C ASP A 4 2.24 14.92 7.14
N LEU A 5 1.35 14.90 6.16
CA LEU A 5 0.83 13.69 5.50
C LEU A 5 0.76 13.88 3.97
N PRO A 6 0.72 12.78 3.20
CA PRO A 6 0.83 12.81 1.75
C PRO A 6 -0.37 13.48 1.05
N PRO A 7 -0.16 13.97 -0.19
CA PRO A 7 -1.20 14.62 -0.98
C PRO A 7 -2.32 13.62 -1.27
N GLY A 8 -3.56 14.01 -0.96
CA GLY A 8 -4.74 13.17 -1.09
C GLY A 8 -4.92 12.11 0.00
N PHE A 9 -4.05 12.02 1.02
CA PHE A 9 -4.17 11.06 2.13
C PHE A 9 -5.59 10.76 2.64
N MET A 10 -5.97 9.48 2.73
CA MET A 10 -7.31 9.08 3.17
C MET A 10 -7.32 8.64 4.65
N PHE A 11 -6.47 7.68 4.99
CA PHE A 11 -6.41 7.00 6.28
C PHE A 11 -5.12 6.21 6.46
N LYS A 12 -4.84 5.70 7.65
CA LYS A 12 -3.76 4.75 7.90
C LYS A 12 -4.29 3.31 8.04
N VAL A 13 -3.39 2.35 7.91
CA VAL A 13 -3.55 0.92 8.28
C VAL A 13 -2.29 0.46 8.99
N GLN A 14 -2.33 -0.64 9.74
CA GLN A 14 -1.15 -1.23 10.39
C GLN A 14 -0.98 -2.72 10.02
N ALA A 15 0.19 -3.12 9.51
CA ALA A 15 0.47 -4.51 9.12
C ALA A 15 0.30 -5.47 10.30
N GLN A 16 -0.41 -6.58 10.07
CA GLN A 16 -0.58 -7.69 11.01
C GLN A 16 0.32 -8.89 10.65
N HIS A 17 0.71 -9.00 9.37
CA HIS A 17 1.54 -10.06 8.81
C HIS A 17 2.59 -9.49 7.83
N ASP A 18 3.64 -10.25 7.58
CA ASP A 18 4.76 -9.89 6.70
C ASP A 18 4.49 -10.13 5.21
N TYR A 19 4.71 -9.11 4.35
CA TYR A 19 4.44 -9.16 2.91
C TYR A 19 5.59 -8.66 2.01
N THR A 20 6.07 -9.51 1.10
CA THR A 20 7.08 -9.18 0.07
C THR A 20 6.54 -8.78 -1.30
N ALA A 21 7.07 -7.71 -1.90
CA ALA A 21 6.54 -7.19 -3.17
C ALA A 21 6.94 -8.07 -4.38
N THR A 22 5.92 -8.57 -5.07
CA THR A 22 5.99 -9.42 -6.27
C THR A 22 6.01 -8.70 -7.63
N ASP A 23 6.10 -7.37 -7.57
CA ASP A 23 6.11 -6.39 -8.66
C ASP A 23 6.86 -5.11 -8.26
N THR A 24 7.38 -4.37 -9.22
CA THR A 24 8.06 -3.09 -8.95
C THR A 24 7.18 -1.96 -8.39
N ASP A 25 5.88 -2.00 -8.67
CA ASP A 25 4.88 -1.05 -8.15
C ASP A 25 4.17 -1.50 -6.85
N GLU A 26 4.39 -2.74 -6.42
CA GLU A 26 3.88 -3.30 -5.16
C GLU A 26 4.69 -2.74 -3.96
N LEU A 27 4.02 -2.56 -2.83
CA LEU A 27 4.58 -2.16 -1.54
C LEU A 27 5.11 -3.39 -0.78
N GLN A 28 6.01 -3.19 0.18
CA GLN A 28 6.52 -4.22 1.09
C GLN A 28 6.19 -3.87 2.55
N LEU A 29 5.79 -4.86 3.37
CA LEU A 29 5.32 -4.68 4.75
C LEU A 29 5.97 -5.71 5.71
N LYS A 30 6.32 -5.28 6.93
CA LYS A 30 6.65 -6.15 8.07
C LYS A 30 5.54 -6.05 9.11
N ALA A 31 5.18 -7.14 9.78
CA ALA A 31 4.13 -7.13 10.79
C ALA A 31 4.37 -6.05 11.88
N GLY A 32 3.44 -5.10 11.97
CA GLY A 32 3.49 -3.92 12.84
C GLY A 32 3.66 -2.59 12.09
N ASP A 33 3.96 -2.64 10.79
CA ASP A 33 4.27 -1.45 9.99
C ASP A 33 3.05 -0.60 9.65
N VAL A 34 3.04 0.68 10.05
CA VAL A 34 1.98 1.63 9.63
C VAL A 34 2.12 2.03 8.15
N VAL A 35 1.00 2.06 7.43
CA VAL A 35 0.89 2.49 6.03
C VAL A 35 -0.12 3.60 5.86
N LEU A 36 0.32 4.74 5.34
CA LEU A 36 -0.52 5.88 5.01
C LEU A 36 -1.24 5.59 3.68
N VAL A 37 -2.51 5.16 3.74
CA VAL A 37 -3.38 4.99 2.55
C VAL A 37 -3.63 6.28 1.73
N ILE A 38 -3.48 6.21 0.41
CA ILE A 38 -3.70 7.28 -0.57
C ILE A 38 -4.60 6.80 -1.72
N PRO A 39 -5.31 7.70 -2.43
CA PRO A 39 -6.08 7.38 -3.64
C PRO A 39 -5.17 7.09 -4.84
N PHE A 40 -5.74 6.50 -5.89
CA PHE A 40 -5.00 6.11 -7.09
C PHE A 40 -4.80 7.20 -8.16
N GLN A 41 -3.81 7.04 -9.03
CA GLN A 41 -3.63 7.82 -10.26
C GLN A 41 -4.57 7.41 -11.40
N ASN A 42 -5.13 6.21 -11.37
CA ASN A 42 -6.14 5.73 -12.30
C ASN A 42 -7.02 4.63 -11.69
N PRO A 43 -8.29 4.51 -12.11
CA PRO A 43 -9.19 3.43 -11.69
C PRO A 43 -8.72 2.05 -12.17
N GLU A 44 -8.03 1.98 -13.31
CA GLU A 44 -7.35 0.79 -13.85
C GLU A 44 -5.96 0.52 -13.25
N GLU A 45 -5.41 1.42 -12.42
CA GLU A 45 -4.22 1.16 -11.59
C GLU A 45 -4.52 0.55 -10.21
N GLN A 46 -5.79 0.51 -9.82
CA GLN A 46 -6.28 -0.33 -8.72
C GLN A 46 -6.53 -1.78 -9.16
N ASP A 47 -6.34 -2.69 -8.20
CA ASP A 47 -6.67 -4.12 -8.25
C ASP A 47 -7.80 -4.53 -7.27
N GLU A 48 -8.70 -5.44 -7.64
CA GLU A 48 -9.89 -5.73 -6.83
C GLU A 48 -9.52 -6.33 -5.44
N GLY A 49 -9.91 -5.65 -4.37
CA GLY A 49 -9.57 -6.01 -2.97
C GLY A 49 -8.22 -5.48 -2.47
N TRP A 50 -7.50 -4.66 -3.24
CA TRP A 50 -6.21 -4.06 -2.88
C TRP A 50 -6.33 -2.65 -2.27
N LEU A 51 -5.21 -2.08 -1.78
CA LEU A 51 -5.07 -0.67 -1.43
C LEU A 51 -3.70 -0.13 -1.86
N MET A 52 -3.60 1.18 -2.09
CA MET A 52 -2.34 1.91 -2.28
C MET A 52 -2.02 2.78 -1.06
N GLY A 53 -0.74 2.88 -0.72
CA GLY A 53 -0.24 3.74 0.33
C GLY A 53 1.29 3.84 0.32
N VAL A 54 1.84 4.49 1.35
CA VAL A 54 3.27 4.60 1.62
C VAL A 54 3.52 4.32 3.10
N LYS A 55 4.58 3.61 3.46
CA LYS A 55 4.93 3.36 4.88
C LYS A 55 5.10 4.67 5.63
N GLU A 56 4.55 4.74 6.84
CA GLU A 56 4.72 5.92 7.68
C GLU A 56 6.20 6.15 8.00
N SER A 57 6.98 5.10 8.33
CA SER A 57 8.43 5.20 8.54
C SER A 57 9.17 5.74 7.31
N ASP A 58 8.73 5.36 6.11
CA ASP A 58 9.24 5.91 4.85
C ASP A 58 8.97 7.42 4.66
N TRP A 59 7.74 7.82 4.96
CA TRP A 59 7.29 9.21 4.89
C TRP A 59 7.81 10.10 6.04
N ASN A 60 8.07 9.54 7.22
CA ASN A 60 8.71 10.17 8.39
C ASN A 60 10.19 10.49 8.10
N GLN A 61 10.86 9.62 7.31
CA GLN A 61 12.19 9.88 6.72
C GLN A 61 12.15 10.79 5.47
N HIS A 62 10.96 11.19 5.00
CA HIS A 62 10.69 12.23 3.99
C HIS A 62 11.22 11.93 2.57
N LYS A 63 11.24 10.64 2.23
CA LYS A 63 11.73 10.04 0.98
C LYS A 63 10.89 10.40 -0.25
N GLU A 64 11.39 10.05 -1.44
CA GLU A 64 10.66 10.15 -2.71
C GLU A 64 9.36 9.31 -2.74
N LEU A 65 8.21 9.99 -2.62
CA LEU A 65 6.89 9.37 -2.43
C LEU A 65 6.56 8.36 -3.54
N GLU A 66 6.86 8.69 -4.80
CA GLU A 66 6.53 7.87 -5.97
C GLU A 66 7.20 6.48 -5.99
N LYS A 67 8.40 6.34 -5.41
CA LYS A 67 9.14 5.06 -5.37
C LYS A 67 8.96 4.31 -4.06
N CYS A 68 8.74 5.04 -2.98
CA CYS A 68 8.40 4.47 -1.69
C CYS A 68 6.98 3.87 -1.64
N ARG A 69 5.98 4.53 -2.25
CA ARG A 69 4.59 4.05 -2.30
C ARG A 69 4.44 2.75 -3.09
N GLY A 70 3.32 2.07 -2.87
CA GLY A 70 2.94 0.87 -3.61
C GLY A 70 1.56 0.34 -3.24
N VAL A 71 1.12 -0.67 -4.00
CA VAL A 71 -0.10 -1.42 -3.70
C VAL A 71 0.22 -2.59 -2.77
N PHE A 72 -0.69 -2.89 -1.85
CA PHE A 72 -0.60 -4.00 -0.90
C PHE A 72 -1.97 -4.65 -0.63
N PRO A 73 -2.00 -5.93 -0.21
CA PRO A 73 -3.23 -6.58 0.22
C PRO A 73 -3.71 -5.97 1.54
N GLU A 74 -4.83 -5.24 1.53
CA GLU A 74 -5.38 -4.59 2.74
C GLU A 74 -5.62 -5.60 3.88
N ASN A 75 -5.92 -6.87 3.53
CA ASN A 75 -6.15 -7.96 4.47
C ASN A 75 -4.90 -8.38 5.27
N PHE A 76 -3.69 -8.05 4.80
CA PHE A 76 -2.46 -8.09 5.60
C PHE A 76 -2.33 -7.05 6.73
N THR A 77 -3.17 -6.01 6.70
CA THR A 77 -3.17 -4.88 7.63
C THR A 77 -4.52 -4.74 8.34
N GLU A 78 -4.59 -3.83 9.31
CA GLU A 78 -5.82 -3.47 10.00
C GLU A 78 -6.03 -1.96 9.92
N ARG A 79 -7.25 -1.50 9.64
CA ARG A 79 -7.61 -0.08 9.55
C ARG A 79 -7.50 0.54 10.96
N VAL A 80 -6.77 1.64 11.06
CA VAL A 80 -6.56 2.41 12.28
C VAL A 80 -7.31 3.77 12.12
N PRO A 81 -7.79 4.39 13.22
CA PRO A 81 -8.62 5.61 13.24
C PRO A 81 -8.15 6.77 12.36
N SER B 1 -6.29 -20.04 8.00
CA SER B 1 -5.59 -20.75 9.09
C SER B 1 -4.72 -19.79 9.92
N THR B 2 -3.45 -19.54 9.58
CA THR B 2 -2.53 -18.68 10.38
C THR B 2 -1.83 -17.51 9.65
N VAL B 3 -1.97 -17.42 8.32
CA VAL B 3 -1.48 -16.33 7.46
C VAL B 3 -2.46 -15.92 6.34
N PRO B 4 -2.64 -14.62 6.04
CA PRO B 4 -3.55 -14.13 5.00
C PRO B 4 -3.03 -14.38 3.56
N VAL B 5 -3.90 -14.18 2.57
CA VAL B 5 -3.62 -14.41 1.13
C VAL B 5 -3.96 -13.21 0.25
N ALA B 6 -3.01 -12.73 -0.55
CA ALA B 6 -3.21 -11.56 -1.41
C ALA B 6 -4.27 -11.84 -2.51
N PRO B 7 -5.29 -10.98 -2.69
CA PRO B 7 -6.39 -11.26 -3.63
C PRO B 7 -5.94 -11.21 -5.11
N PRO B 8 -6.67 -11.88 -6.03
CA PRO B 8 -6.27 -11.99 -7.42
C PRO B 8 -6.25 -10.62 -8.13
N ARG B 9 -5.08 -10.25 -8.68
CA ARG B 9 -4.83 -8.98 -9.39
C ARG B 9 -5.19 -9.11 -10.88
N ARG B 10 -5.60 -8.02 -11.52
CA ARG B 10 -6.20 -8.01 -12.87
C ARG B 10 -5.18 -7.66 -13.96
N ARG B 11 -4.77 -6.39 -14.05
CA ARG B 11 -3.80 -5.91 -15.06
C ARG B 11 -2.96 -4.67 -14.65
N ARG B 12 -3.47 -3.84 -13.75
CA ARG B 12 -2.81 -2.67 -13.14
C ARG B 12 -2.12 -1.73 -14.15
N GLY B 13 -2.89 -1.09 -15.01
CA GLY B 13 -2.39 -0.08 -15.97
C GLY B 13 -1.62 -0.62 -17.19
N ARG B 14 -1.70 -1.92 -17.50
CA ARG B 14 -1.09 -2.56 -18.68
C ARG B 14 -2.10 -3.45 -19.43
N ASN B 15 -2.76 -2.90 -20.45
CA ASN B 15 -3.70 -3.65 -21.31
C ASN B 15 -2.97 -4.69 -22.18
N LEU B 16 -3.70 -5.72 -22.66
CA LEU B 16 -3.15 -6.88 -23.35
C LEU B 16 -2.45 -6.56 -24.68
N THR B 17 -1.25 -7.09 -24.87
CA THR B 17 -0.37 -6.93 -26.05
C THR B 17 -0.36 -8.09 -27.04
N GLY A 1 8.88 13.25 15.26
CA GLY A 1 9.01 13.26 13.79
C GLY A 1 8.09 14.31 13.18
N ARG A 2 7.87 14.21 11.86
CA ARG A 2 7.19 15.26 11.08
C ARG A 2 5.69 15.42 11.37
N LEU A 3 4.99 14.35 11.75
CA LEU A 3 3.53 14.22 11.94
C LEU A 3 2.61 14.57 10.74
N ASP A 4 3.03 15.43 9.79
CA ASP A 4 2.27 15.81 8.60
C ASP A 4 2.22 14.67 7.56
N LEU A 5 1.27 14.74 6.64
CA LEU A 5 0.81 13.62 5.80
C LEU A 5 0.80 13.94 4.29
N PRO A 6 0.80 12.91 3.43
CA PRO A 6 0.92 13.05 1.98
C PRO A 6 -0.27 13.76 1.32
N PRO A 7 -0.07 14.30 0.10
CA PRO A 7 -1.10 15.01 -0.64
C PRO A 7 -2.18 14.01 -1.08
N GLY A 8 -3.44 14.36 -0.81
CA GLY A 8 -4.60 13.52 -1.06
C GLY A 8 -4.85 12.40 -0.03
N PHE A 9 -4.04 12.26 1.04
CA PHE A 9 -4.20 11.23 2.08
C PHE A 9 -5.63 10.83 2.47
N MET A 10 -5.90 9.52 2.55
CA MET A 10 -7.24 8.99 2.85
C MET A 10 -7.37 8.56 4.32
N PHE A 11 -6.51 7.64 4.75
CA PHE A 11 -6.51 6.98 6.05
C PHE A 11 -5.21 6.22 6.34
N LYS A 12 -5.01 5.64 7.52
CA LYS A 12 -3.89 4.70 7.78
C LYS A 12 -4.39 3.25 7.91
N VAL A 13 -3.44 2.34 7.78
CA VAL A 13 -3.52 0.92 8.17
C VAL A 13 -2.27 0.52 8.95
N GLN A 14 -2.29 -0.59 9.69
CA GLN A 14 -1.08 -1.19 10.29
C GLN A 14 -0.96 -2.69 9.95
N ALA A 15 0.20 -3.14 9.49
CA ALA A 15 0.45 -4.54 9.12
C ALA A 15 0.28 -5.47 10.33
N GLN A 16 -0.54 -6.52 10.17
CA GLN A 16 -0.72 -7.61 11.14
C GLN A 16 0.26 -8.76 10.88
N HIS A 17 0.71 -8.88 9.63
CA HIS A 17 1.53 -9.96 9.09
C HIS A 17 2.56 -9.42 8.09
N ASP A 18 3.59 -10.19 7.75
CA ASP A 18 4.61 -9.82 6.78
C ASP A 18 4.12 -10.04 5.34
N TYR A 19 4.40 -9.10 4.43
CA TYR A 19 4.09 -9.22 3.00
C TYR A 19 5.24 -8.80 2.08
N THR A 20 5.70 -9.72 1.22
CA THR A 20 6.70 -9.43 0.19
C THR A 20 6.14 -8.94 -1.15
N ALA A 21 6.49 -7.71 -1.54
CA ALA A 21 6.17 -7.20 -2.87
C ALA A 21 6.96 -7.95 -3.95
N THR A 22 6.25 -8.52 -4.92
CA THR A 22 6.77 -9.34 -6.02
C THR A 22 6.54 -8.73 -7.43
N ASP A 23 5.87 -7.58 -7.48
CA ASP A 23 5.93 -6.60 -8.57
C ASP A 23 6.57 -5.25 -8.20
N THR A 24 7.08 -4.53 -9.20
CA THR A 24 7.54 -3.13 -9.03
C THR A 24 6.44 -2.16 -8.55
N ASP A 25 5.17 -2.42 -8.89
CA ASP A 25 4.01 -1.71 -8.32
C ASP A 25 3.68 -1.99 -6.84
N GLU A 26 4.14 -3.11 -6.27
CA GLU A 26 3.73 -3.58 -4.95
C GLU A 26 4.51 -2.94 -3.78
N LEU A 27 3.85 -2.80 -2.63
CA LEU A 27 4.39 -2.26 -1.39
C LEU A 27 4.78 -3.40 -0.42
N GLN A 28 6.01 -3.37 0.09
CA GLN A 28 6.52 -4.39 1.02
C GLN A 28 6.20 -4.04 2.48
N LEU A 29 5.59 -4.97 3.22
CA LEU A 29 5.16 -4.78 4.62
C LEU A 29 5.86 -5.77 5.56
N LYS A 30 6.23 -5.28 6.75
CA LYS A 30 6.61 -6.08 7.93
C LYS A 30 5.49 -6.00 8.97
N ALA A 31 5.15 -7.12 9.62
CA ALA A 31 4.16 -7.14 10.70
C ALA A 31 4.47 -6.05 11.74
N GLY A 32 3.56 -5.08 11.86
CA GLY A 32 3.66 -3.89 12.71
C GLY A 32 3.91 -2.58 11.95
N ASP A 33 4.13 -2.61 10.61
CA ASP A 33 4.31 -1.41 9.79
C ASP A 33 3.04 -0.56 9.60
N VAL A 34 3.06 0.71 10.01
CA VAL A 34 2.04 1.70 9.63
C VAL A 34 2.18 2.05 8.15
N VAL A 35 1.06 2.10 7.42
CA VAL A 35 0.97 2.52 6.02
C VAL A 35 -0.06 3.61 5.86
N LEU A 36 0.38 4.75 5.35
CA LEU A 36 -0.46 5.89 5.03
C LEU A 36 -1.17 5.60 3.70
N VAL A 37 -2.46 5.26 3.72
CA VAL A 37 -3.28 5.15 2.50
C VAL A 37 -3.38 6.48 1.73
N ILE A 38 -3.15 6.40 0.42
CA ILE A 38 -3.26 7.48 -0.56
C ILE A 38 -4.20 7.02 -1.70
N PRO A 39 -4.81 7.96 -2.44
CA PRO A 39 -5.65 7.62 -3.60
C PRO A 39 -4.80 7.01 -4.71
N PHE A 40 -5.39 6.07 -5.46
CA PHE A 40 -4.71 5.45 -6.59
C PHE A 40 -4.25 6.41 -7.68
N GLN A 41 -3.05 6.21 -8.22
CA GLN A 41 -2.50 7.11 -9.24
C GLN A 41 -3.27 7.09 -10.57
N ASN A 42 -3.94 5.98 -10.85
CA ASN A 42 -4.94 5.84 -11.91
C ASN A 42 -6.10 4.93 -11.43
N PRO A 43 -7.35 5.23 -11.81
CA PRO A 43 -8.50 4.38 -11.50
C PRO A 43 -8.43 3.04 -12.24
N GLU A 44 -7.89 3.04 -13.45
CA GLU A 44 -7.63 1.85 -14.27
C GLU A 44 -6.52 0.95 -13.70
N GLU A 45 -5.72 1.45 -12.75
CA GLU A 45 -4.70 0.66 -12.05
C GLU A 45 -5.22 -0.10 -10.81
N GLN A 46 -6.35 0.33 -10.24
CA GLN A 46 -6.87 -0.25 -8.99
C GLN A 46 -7.33 -1.72 -9.15
N ASP A 47 -6.72 -2.59 -8.34
CA ASP A 47 -6.97 -4.03 -8.20
C ASP A 47 -7.94 -4.37 -7.05
N GLU A 48 -8.77 -5.41 -7.17
CA GLU A 48 -9.81 -5.70 -6.16
C GLU A 48 -9.27 -6.45 -4.94
N GLY A 49 -9.65 -6.00 -3.74
CA GLY A 49 -9.07 -6.46 -2.47
C GLY A 49 -7.69 -5.86 -2.15
N TRP A 50 -7.15 -5.04 -3.05
CA TRP A 50 -5.90 -4.30 -2.89
C TRP A 50 -6.14 -2.85 -2.41
N LEU A 51 -5.11 -2.25 -1.82
CA LEU A 51 -5.06 -0.88 -1.33
C LEU A 51 -3.73 -0.23 -1.77
N MET A 52 -3.66 1.10 -1.87
CA MET A 52 -2.43 1.85 -2.18
C MET A 52 -2.03 2.80 -1.04
N GLY A 53 -0.74 2.91 -0.77
CA GLY A 53 -0.20 3.79 0.26
C GLY A 53 1.33 3.89 0.23
N VAL A 54 1.87 4.54 1.26
CA VAL A 54 3.30 4.66 1.54
C VAL A 54 3.54 4.36 3.03
N LYS A 55 4.63 3.65 3.37
CA LYS A 55 5.00 3.38 4.76
C LYS A 55 5.19 4.67 5.54
N GLU A 56 4.67 4.73 6.76
CA GLU A 56 4.90 5.89 7.62
C GLU A 56 6.41 6.09 7.89
N SER A 57 7.17 5.00 8.09
CA SER A 57 8.63 5.05 8.28
C SER A 57 9.41 5.40 7.00
N ASP A 58 8.76 5.33 5.83
CA ASP A 58 9.26 5.89 4.56
C ASP A 58 8.97 7.39 4.39
N TRP A 59 7.74 7.80 4.69
CA TRP A 59 7.25 9.18 4.61
C TRP A 59 7.83 10.12 5.69
N ASN A 60 8.00 9.64 6.92
CA ASN A 60 8.63 10.37 8.03
C ASN A 60 10.14 10.60 7.78
N GLN A 61 10.73 9.92 6.80
CA GLN A 61 12.10 10.15 6.30
C GLN A 61 12.19 11.14 5.11
N HIS A 62 11.06 11.71 4.67
CA HIS A 62 10.98 12.71 3.59
C HIS A 62 11.51 12.17 2.24
N LYS A 63 11.28 10.87 1.98
CA LYS A 63 11.76 10.14 0.80
C LYS A 63 10.76 10.17 -0.34
N GLU A 64 11.22 9.83 -1.55
CA GLU A 64 10.47 9.99 -2.82
C GLU A 64 9.11 9.28 -2.86
N LEU A 65 8.02 10.03 -2.63
CA LEU A 65 6.66 9.50 -2.50
C LEU A 65 6.26 8.66 -3.73
N GLU A 66 6.51 9.19 -4.93
CA GLU A 66 6.18 8.56 -6.21
C GLU A 66 6.88 7.21 -6.47
N LYS A 67 7.92 6.86 -5.71
CA LYS A 67 8.62 5.57 -5.79
C LYS A 67 8.43 4.70 -4.54
N CYS A 68 8.38 5.33 -3.37
CA CYS A 68 8.10 4.66 -2.10
C CYS A 68 6.67 4.10 -2.03
N ARG A 69 5.72 4.66 -2.80
CA ARG A 69 4.34 4.16 -2.90
C ARG A 69 4.25 2.80 -3.60
N GLY A 70 3.24 2.05 -3.20
CA GLY A 70 2.87 0.76 -3.80
C GLY A 70 1.47 0.27 -3.41
N VAL A 71 1.04 -0.82 -4.06
CA VAL A 71 -0.17 -1.58 -3.71
C VAL A 71 0.13 -2.73 -2.76
N PHE A 72 -0.78 -2.99 -1.83
CA PHE A 72 -0.71 -4.11 -0.88
C PHE A 72 -2.05 -4.83 -0.64
N PRO A 73 -2.05 -6.12 -0.24
CA PRO A 73 -3.26 -6.81 0.20
C PRO A 73 -3.79 -6.18 1.50
N GLU A 74 -4.96 -5.55 1.47
CA GLU A 74 -5.52 -4.82 2.63
C GLU A 74 -5.72 -5.75 3.85
N ASN A 75 -5.92 -7.04 3.59
CA ASN A 75 -6.14 -8.10 4.57
C ASN A 75 -4.90 -8.48 5.40
N PHE A 76 -3.70 -8.10 4.91
CA PHE A 76 -2.46 -8.13 5.71
C PHE A 76 -2.33 -7.06 6.79
N THR A 77 -3.21 -6.05 6.77
CA THR A 77 -3.17 -4.88 7.64
C THR A 77 -4.52 -4.66 8.32
N GLU A 78 -4.58 -3.78 9.32
CA GLU A 78 -5.82 -3.39 9.99
C GLU A 78 -6.02 -1.87 9.89
N ARG A 79 -7.25 -1.42 9.61
CA ARG A 79 -7.62 -0.01 9.52
C ARG A 79 -7.46 0.66 10.90
N VAL A 80 -6.80 1.82 10.92
CA VAL A 80 -6.49 2.61 12.15
C VAL A 80 -7.00 4.05 12.00
N PRO A 81 -7.24 4.78 13.11
CA PRO A 81 -7.80 6.15 13.10
C PRO A 81 -6.78 7.22 12.71
N SER B 1 -6.67 -20.70 8.05
CA SER B 1 -5.23 -20.62 7.72
C SER B 1 -4.49 -19.94 8.85
N THR B 2 -3.23 -20.31 9.12
CA THR B 2 -2.39 -19.57 10.08
C THR B 2 -2.04 -18.13 9.68
N VAL B 3 -2.06 -17.84 8.38
CA VAL B 3 -1.75 -16.53 7.77
C VAL B 3 -2.70 -16.23 6.59
N PRO B 4 -2.93 -14.94 6.26
CA PRO B 4 -3.65 -14.56 5.03
C PRO B 4 -2.82 -14.79 3.75
N VAL B 5 -3.50 -14.73 2.61
CA VAL B 5 -2.93 -14.75 1.25
C VAL B 5 -3.43 -13.58 0.39
N ALA B 6 -2.55 -12.98 -0.42
CA ALA B 6 -2.89 -11.83 -1.26
C ALA B 6 -3.89 -12.18 -2.39
N PRO B 7 -4.88 -11.33 -2.67
CA PRO B 7 -5.89 -11.60 -3.71
C PRO B 7 -5.35 -11.40 -5.15
N PRO B 8 -6.03 -11.94 -6.18
CA PRO B 8 -5.62 -11.81 -7.58
C PRO B 8 -5.76 -10.37 -8.10
N ARG B 9 -4.89 -9.97 -9.03
CA ARG B 9 -4.82 -8.63 -9.66
C ARG B 9 -5.20 -8.66 -11.15
N ARG B 10 -5.77 -7.56 -11.65
CA ARG B 10 -6.28 -7.38 -13.01
C ARG B 10 -5.16 -7.03 -14.00
N ARG B 11 -5.23 -7.54 -15.24
CA ARG B 11 -4.40 -7.02 -16.35
C ARG B 11 -4.96 -5.71 -16.88
N ARG B 12 -4.07 -4.79 -17.23
CA ARG B 12 -4.34 -3.40 -17.60
C ARG B 12 -4.19 -3.16 -19.10
N GLY B 13 -4.79 -2.07 -19.60
CA GLY B 13 -4.56 -1.54 -20.94
C GLY B 13 -5.76 -1.54 -21.88
N ARG B 14 -6.92 -2.08 -21.49
CA ARG B 14 -8.20 -1.99 -22.23
C ARG B 14 -9.44 -1.99 -21.33
N ASN B 15 -9.30 -1.48 -20.11
CA ASN B 15 -10.33 -1.42 -19.07
C ASN B 15 -11.00 -0.04 -18.92
N LEU B 16 -12.18 -0.01 -18.27
CA LEU B 16 -13.00 1.18 -17.97
C LEU B 16 -13.57 1.94 -19.20
N THR B 17 -13.83 1.24 -20.31
CA THR B 17 -14.59 1.71 -21.48
C THR B 17 -14.03 2.84 -22.32
N GLY A 1 8.68 11.26 15.79
CA GLY A 1 7.51 11.16 14.89
C GLY A 1 7.18 12.49 14.23
N ARG A 2 6.44 12.45 13.11
CA ARG A 2 6.16 13.59 12.21
C ARG A 2 4.71 14.09 12.26
N LEU A 3 4.42 15.21 11.58
CA LEU A 3 3.21 16.03 11.75
C LEU A 3 2.41 16.27 10.45
N ASP A 4 3.03 16.05 9.29
CA ASP A 4 2.47 16.18 7.94
C ASP A 4 2.21 14.84 7.21
N LEU A 5 1.28 14.81 6.26
CA LEU A 5 0.79 13.61 5.55
C LEU A 5 0.78 13.82 4.03
N PRO A 6 0.75 12.72 3.25
CA PRO A 6 0.88 12.77 1.79
C PRO A 6 -0.31 13.43 1.07
N PRO A 7 -0.09 13.90 -0.17
CA PRO A 7 -1.13 14.54 -0.97
C PRO A 7 -2.28 13.55 -1.25
N GLY A 8 -3.50 14.02 -1.00
CA GLY A 8 -4.71 13.21 -1.15
C GLY A 8 -4.97 12.17 -0.05
N PHE A 9 -4.12 12.05 0.99
CA PHE A 9 -4.26 11.09 2.09
C PHE A 9 -5.68 10.79 2.58
N MET A 10 -6.06 9.50 2.67
CA MET A 10 -7.39 9.07 3.08
C MET A 10 -7.46 8.62 4.55
N PHE A 11 -6.58 7.69 4.92
CA PHE A 11 -6.52 7.02 6.23
C PHE A 11 -5.21 6.27 6.46
N LYS A 12 -4.95 5.78 7.66
CA LYS A 12 -3.85 4.84 7.89
C LYS A 12 -4.35 3.40 8.03
N VAL A 13 -3.43 2.45 7.87
CA VAL A 13 -3.55 1.03 8.24
C VAL A 13 -2.29 0.58 9.00
N GLN A 14 -2.34 -0.54 9.72
CA GLN A 14 -1.16 -1.18 10.31
C GLN A 14 -1.06 -2.66 9.91
N ALA A 15 0.11 -3.11 9.44
CA ALA A 15 0.36 -4.51 9.11
C ALA A 15 0.16 -5.43 10.33
N GLN A 16 -0.60 -6.50 10.15
CA GLN A 16 -0.74 -7.62 11.09
C GLN A 16 0.26 -8.75 10.73
N HIS A 17 0.65 -8.83 9.46
CA HIS A 17 1.52 -9.84 8.86
C HIS A 17 2.62 -9.21 7.99
N ASP A 18 3.64 -9.99 7.64
CA ASP A 18 4.71 -9.53 6.74
C ASP A 18 4.21 -9.78 5.30
N TYR A 19 4.32 -8.79 4.42
CA TYR A 19 4.05 -8.94 2.98
C TYR A 19 5.26 -8.62 2.10
N THR A 20 5.82 -9.64 1.47
CA THR A 20 6.91 -9.52 0.49
C THR A 20 6.45 -9.24 -0.94
N ALA A 21 6.68 -8.01 -1.38
CA ALA A 21 6.36 -7.50 -2.71
C ALA A 21 7.15 -8.22 -3.83
N THR A 22 6.46 -8.38 -4.96
CA THR A 22 6.92 -9.08 -6.17
C THR A 22 6.83 -8.26 -7.47
N ASP A 23 6.59 -6.95 -7.34
CA ASP A 23 6.52 -5.97 -8.44
C ASP A 23 7.13 -4.64 -7.93
N THR A 24 7.59 -3.77 -8.83
CA THR A 24 7.88 -2.37 -8.47
C THR A 24 6.65 -1.51 -8.18
N ASP A 25 5.48 -1.92 -8.66
CA ASP A 25 4.21 -1.31 -8.26
C ASP A 25 3.73 -1.66 -6.85
N GLU A 26 4.23 -2.76 -6.27
CA GLU A 26 3.85 -3.29 -4.95
C GLU A 26 4.64 -2.68 -3.76
N LEU A 27 3.95 -2.47 -2.66
CA LEU A 27 4.47 -2.02 -1.37
C LEU A 27 4.91 -3.22 -0.53
N GLN A 28 6.11 -3.18 0.04
CA GLN A 28 6.60 -4.17 1.00
C GLN A 28 6.13 -3.82 2.43
N LEU A 29 5.62 -4.80 3.20
CA LEU A 29 5.22 -4.64 4.61
C LEU A 29 5.91 -5.66 5.52
N LYS A 30 6.18 -5.27 6.77
CA LYS A 30 6.55 -6.14 7.89
C LYS A 30 5.45 -6.04 8.95
N ALA A 31 5.10 -7.13 9.62
CA ALA A 31 4.10 -7.10 10.69
C ALA A 31 4.36 -5.94 11.68
N GLY A 32 3.37 -5.08 11.86
CA GLY A 32 3.43 -3.88 12.70
C GLY A 32 3.78 -2.59 11.95
N ASP A 33 3.99 -2.63 10.63
CA ASP A 33 4.24 -1.45 9.80
C ASP A 33 3.01 -0.58 9.58
N VAL A 34 3.05 0.68 10.01
CA VAL A 34 2.03 1.67 9.66
C VAL A 34 2.13 2.09 8.20
N VAL A 35 1.00 2.19 7.50
CA VAL A 35 0.90 2.63 6.09
C VAL A 35 -0.12 3.74 5.92
N LEU A 36 0.30 4.86 5.35
CA LEU A 36 -0.54 6.00 5.04
C LEU A 36 -1.25 5.73 3.71
N VAL A 37 -2.52 5.31 3.74
CA VAL A 37 -3.35 5.12 2.53
C VAL A 37 -3.63 6.41 1.73
N ILE A 38 -3.45 6.33 0.41
CA ILE A 38 -3.68 7.39 -0.59
C ILE A 38 -4.56 6.85 -1.74
N PRO A 39 -5.28 7.73 -2.47
CA PRO A 39 -6.06 7.35 -3.64
C PRO A 39 -5.20 7.08 -4.87
N PHE A 40 -5.66 6.16 -5.72
CA PHE A 40 -4.97 5.78 -6.95
C PHE A 40 -5.05 6.83 -8.08
N GLN A 41 -3.98 6.98 -8.86
CA GLN A 41 -3.89 7.84 -10.04
C GLN A 41 -4.85 7.47 -11.20
N ASN A 42 -5.27 6.21 -11.28
CA ASN A 42 -6.11 5.65 -12.34
C ASN A 42 -6.99 4.49 -11.85
N PRO A 43 -8.18 4.28 -12.45
CA PRO A 43 -9.06 3.18 -12.09
C PRO A 43 -8.46 1.82 -12.49
N GLU A 44 -7.74 1.74 -13.62
CA GLU A 44 -7.01 0.54 -14.06
C GLU A 44 -5.74 0.21 -13.25
N GLU A 45 -5.13 1.21 -12.60
CA GLU A 45 -4.03 0.98 -11.65
C GLU A 45 -4.51 0.39 -10.31
N GLN A 46 -5.79 0.58 -9.98
CA GLN A 46 -6.43 -0.02 -8.83
C GLN A 46 -6.82 -1.49 -9.08
N ASP A 47 -6.89 -2.25 -8.00
CA ASP A 47 -7.22 -3.68 -7.97
C ASP A 47 -8.09 -4.11 -6.78
N GLU A 48 -9.01 -5.06 -6.98
CA GLU A 48 -9.93 -5.50 -5.93
C GLU A 48 -9.21 -6.25 -4.81
N GLY A 49 -9.46 -5.85 -3.56
CA GLY A 49 -8.79 -6.37 -2.36
C GLY A 49 -7.44 -5.71 -2.06
N TRP A 50 -6.94 -4.87 -2.96
CA TRP A 50 -5.74 -4.07 -2.79
C TRP A 50 -6.02 -2.67 -2.23
N LEU A 51 -4.99 -2.03 -1.68
CA LEU A 51 -4.95 -0.62 -1.28
C LEU A 51 -3.60 -0.02 -1.69
N MET A 52 -3.55 1.29 -1.93
CA MET A 52 -2.32 2.05 -2.19
C MET A 52 -1.97 2.96 -1.02
N GLY A 53 -0.68 3.09 -0.74
CA GLY A 53 -0.16 3.98 0.30
C GLY A 53 1.35 4.08 0.28
N VAL A 54 1.87 4.74 1.32
CA VAL A 54 3.31 4.81 1.63
C VAL A 54 3.51 4.49 3.11
N LYS A 55 4.54 3.73 3.46
CA LYS A 55 4.84 3.40 4.85
C LYS A 55 5.09 4.67 5.66
N GLU A 56 4.54 4.76 6.88
CA GLU A 56 4.82 5.91 7.73
C GLU A 56 6.33 6.02 8.02
N SER A 57 7.03 4.92 8.27
CA SER A 57 8.50 4.97 8.47
C SER A 57 9.24 5.47 7.22
N ASP A 58 8.75 5.14 6.02
CA ASP A 58 9.29 5.66 4.76
C ASP A 58 9.04 7.17 4.50
N TRP A 59 7.82 7.63 4.79
CA TRP A 59 7.39 9.03 4.70
C TRP A 59 7.99 9.91 5.82
N ASN A 60 8.21 9.32 7.00
CA ASN A 60 8.91 9.89 8.17
C ASN A 60 10.44 9.91 7.97
N GLN A 61 10.99 9.02 7.11
CA GLN A 61 12.34 9.14 6.56
C GLN A 61 12.43 10.11 5.37
N HIS A 62 11.31 10.68 4.92
CA HIS A 62 11.22 11.76 3.92
C HIS A 62 11.80 11.37 2.54
N LYS A 63 11.66 10.09 2.18
CA LYS A 63 12.04 9.51 0.89
C LYS A 63 11.11 9.98 -0.24
N GLU A 64 11.56 9.88 -1.50
CA GLU A 64 10.76 10.23 -2.67
C GLU A 64 9.40 9.47 -2.76
N LEU A 65 8.29 10.20 -2.59
CA LEU A 65 6.94 9.63 -2.41
C LEU A 65 6.53 8.72 -3.57
N GLU A 66 6.69 9.22 -4.80
CA GLU A 66 6.24 8.54 -6.03
C GLU A 66 6.98 7.23 -6.32
N LYS A 67 8.14 7.03 -5.68
CA LYS A 67 8.94 5.80 -5.74
C LYS A 67 8.67 4.88 -4.55
N CYS A 68 8.61 5.43 -3.35
CA CYS A 68 8.42 4.65 -2.12
C CYS A 68 6.98 4.16 -1.88
N ARG A 69 5.98 4.76 -2.55
CA ARG A 69 4.60 4.25 -2.58
C ARG A 69 4.50 2.87 -3.24
N GLY A 70 3.41 2.17 -2.95
CA GLY A 70 3.03 0.94 -3.63
C GLY A 70 1.62 0.47 -3.30
N VAL A 71 1.18 -0.60 -3.99
CA VAL A 71 -0.03 -1.35 -3.67
C VAL A 71 0.28 -2.52 -2.73
N PHE A 72 -0.60 -2.76 -1.76
CA PHE A 72 -0.53 -3.89 -0.83
C PHE A 72 -1.90 -4.57 -0.64
N PRO A 73 -1.94 -5.85 -0.27
CA PRO A 73 -3.18 -6.50 0.12
C PRO A 73 -3.69 -5.93 1.45
N GLU A 74 -4.83 -5.25 1.44
CA GLU A 74 -5.43 -4.62 2.64
C GLU A 74 -5.61 -5.62 3.80
N ASN A 75 -5.84 -6.89 3.47
CA ASN A 75 -6.09 -8.01 4.39
C ASN A 75 -4.86 -8.42 5.20
N PHE A 76 -3.66 -8.03 4.78
CA PHE A 76 -2.46 -8.04 5.63
C PHE A 76 -2.38 -6.98 6.73
N THR A 77 -3.28 -5.97 6.71
CA THR A 77 -3.31 -4.83 7.61
C THR A 77 -4.67 -4.68 8.31
N GLU A 78 -4.79 -3.68 9.18
CA GLU A 78 -6.05 -3.22 9.80
C GLU A 78 -6.17 -1.69 9.68
N ARG A 79 -7.37 -1.17 9.40
CA ARG A 79 -7.69 0.26 9.43
C ARG A 79 -7.54 0.81 10.86
N VAL A 80 -6.56 1.69 11.06
CA VAL A 80 -6.29 2.38 12.35
C VAL A 80 -6.98 3.75 12.34
N PRO A 81 -7.29 4.34 13.51
CA PRO A 81 -7.97 5.63 13.63
C PRO A 81 -7.11 6.81 13.19
N SER B 1 -0.33 -21.46 7.35
CA SER B 1 -1.71 -21.97 7.36
C SER B 1 -2.75 -20.84 7.39
N THR B 2 -3.07 -20.29 8.57
CA THR B 2 -4.18 -19.33 8.80
C THR B 2 -3.94 -17.88 8.34
N VAL B 3 -2.70 -17.55 8.00
CA VAL B 3 -2.27 -16.24 7.48
C VAL B 3 -3.08 -15.76 6.26
N PRO B 4 -3.24 -14.44 6.06
CA PRO B 4 -3.93 -13.89 4.89
C PRO B 4 -3.21 -14.20 3.57
N VAL B 5 -3.89 -13.98 2.45
CA VAL B 5 -3.41 -14.24 1.08
C VAL B 5 -3.72 -13.09 0.11
N ALA B 6 -2.73 -12.64 -0.66
CA ALA B 6 -2.90 -11.49 -1.54
C ALA B 6 -3.85 -11.82 -2.71
N PRO B 7 -4.83 -10.96 -3.04
CA PRO B 7 -5.80 -11.22 -4.12
C PRO B 7 -5.22 -10.95 -5.53
N PRO B 8 -5.87 -11.41 -6.61
CA PRO B 8 -5.41 -11.20 -7.99
C PRO B 8 -5.32 -9.72 -8.40
N ARG B 9 -4.32 -9.38 -9.22
CA ARG B 9 -4.11 -8.04 -9.82
C ARG B 9 -4.25 -8.09 -11.35
N ARG B 10 -4.48 -6.95 -11.97
CA ARG B 10 -4.56 -6.78 -13.44
C ARG B 10 -3.19 -6.87 -14.12
N ARG B 11 -3.21 -6.94 -15.46
CA ARG B 11 -2.06 -7.16 -16.35
C ARG B 11 -1.92 -6.06 -17.43
N ARG B 12 -2.21 -4.82 -17.04
CA ARG B 12 -2.36 -3.62 -17.90
C ARG B 12 -1.12 -3.24 -18.72
N GLY B 13 -1.27 -2.31 -19.66
CA GLY B 13 -0.18 -1.57 -20.31
C GLY B 13 0.57 -2.29 -21.44
N ARG B 14 0.84 -3.59 -21.28
CA ARG B 14 1.54 -4.45 -22.27
C ARG B 14 2.91 -3.91 -22.68
N ASN B 15 3.86 -3.89 -21.74
CA ASN B 15 5.25 -3.51 -21.96
C ASN B 15 6.04 -4.63 -22.69
N LEU B 16 7.16 -4.27 -23.34
CA LEU B 16 8.01 -5.18 -24.11
C LEU B 16 9.40 -5.45 -23.49
N THR B 17 9.82 -4.69 -22.46
CA THR B 17 11.16 -4.78 -21.83
C THR B 17 11.17 -4.65 -20.31
N GLY A 1 6.07 9.36 14.55
CA GLY A 1 5.52 9.66 13.23
C GLY A 1 5.74 11.10 12.84
N ARG A 2 5.11 11.54 11.74
CA ARG A 2 5.07 12.94 11.28
C ARG A 2 3.71 13.60 11.54
N LEU A 3 3.62 14.92 11.39
CA LEU A 3 2.37 15.68 11.44
C LEU A 3 1.80 15.93 10.03
N ASP A 4 2.67 16.20 9.05
CA ASP A 4 2.27 16.36 7.65
C ASP A 4 2.11 14.96 7.03
N LEU A 5 1.06 14.85 6.23
CA LEU A 5 0.61 13.61 5.57
C LEU A 5 0.55 13.80 4.04
N PRO A 6 0.59 12.70 3.28
CA PRO A 6 0.68 12.75 1.82
C PRO A 6 -0.55 13.39 1.15
N PRO A 7 -0.40 13.84 -0.11
CA PRO A 7 -1.50 14.41 -0.88
C PRO A 7 -2.64 13.40 -1.01
N GLY A 8 -3.87 13.86 -0.81
CA GLY A 8 -5.07 13.04 -0.86
C GLY A 8 -5.25 12.04 0.29
N PHE A 9 -4.34 11.95 1.27
CA PHE A 9 -4.42 10.99 2.38
C PHE A 9 -5.83 10.67 2.93
N MET A 10 -6.21 9.39 2.98
CA MET A 10 -7.54 8.97 3.42
C MET A 10 -7.54 8.49 4.88
N PHE A 11 -6.65 7.56 5.19
CA PHE A 11 -6.53 6.86 6.47
C PHE A 11 -5.19 6.14 6.63
N LYS A 12 -4.88 5.66 7.82
CA LYS A 12 -3.78 4.72 8.05
C LYS A 12 -4.30 3.29 8.19
N VAL A 13 -3.39 2.34 8.05
CA VAL A 13 -3.53 0.92 8.42
C VAL A 13 -2.27 0.47 9.15
N GLN A 14 -2.33 -0.64 9.89
CA GLN A 14 -1.13 -1.29 10.45
C GLN A 14 -1.03 -2.77 10.03
N ALA A 15 0.12 -3.20 9.52
CA ALA A 15 0.38 -4.60 9.13
C ALA A 15 0.21 -5.56 10.31
N GLN A 16 -0.65 -6.56 10.16
CA GLN A 16 -0.86 -7.66 11.11
C GLN A 16 0.10 -8.84 10.85
N HIS A 17 0.56 -8.98 9.61
CA HIS A 17 1.49 -9.99 9.12
C HIS A 17 2.49 -9.32 8.15
N ASP A 18 3.56 -10.02 7.80
CA ASP A 18 4.54 -9.61 6.79
C ASP A 18 4.17 -9.95 5.35
N TYR A 19 4.42 -9.02 4.44
CA TYR A 19 4.16 -9.16 3.01
C TYR A 19 5.36 -8.71 2.17
N THR A 20 6.05 -9.68 1.57
CA THR A 20 7.10 -9.41 0.58
C THR A 20 6.56 -9.15 -0.81
N ALA A 21 6.57 -7.88 -1.21
CA ALA A 21 6.17 -7.41 -2.54
C ALA A 21 7.02 -8.05 -3.63
N THR A 22 6.35 -8.54 -4.66
CA THR A 22 6.92 -9.34 -5.76
C THR A 22 7.01 -8.63 -7.11
N ASP A 23 6.38 -7.46 -7.22
CA ASP A 23 6.39 -6.58 -8.39
C ASP A 23 6.63 -5.10 -8.10
N THR A 24 7.18 -4.34 -9.06
CA THR A 24 7.62 -2.96 -8.78
C THR A 24 6.54 -1.97 -8.35
N ASP A 25 5.30 -2.21 -8.78
CA ASP A 25 4.12 -1.46 -8.31
C ASP A 25 3.65 -1.77 -6.86
N GLU A 26 4.08 -2.89 -6.28
CA GLU A 26 3.69 -3.35 -4.95
C GLU A 26 4.47 -2.71 -3.80
N LEU A 27 3.82 -2.58 -2.64
CA LEU A 27 4.35 -2.04 -1.39
C LEU A 27 4.80 -3.18 -0.45
N GLN A 28 6.02 -3.13 0.06
CA GLN A 28 6.56 -4.13 0.98
C GLN A 28 6.18 -3.81 2.44
N LEU A 29 5.60 -4.77 3.17
CA LEU A 29 5.17 -4.63 4.57
C LEU A 29 5.82 -5.65 5.49
N LYS A 30 6.13 -5.24 6.72
CA LYS A 30 6.56 -6.09 7.83
C LYS A 30 5.53 -6.04 8.94
N ALA A 31 5.34 -7.12 9.70
CA ALA A 31 4.35 -7.12 10.77
C ALA A 31 4.58 -5.96 11.75
N GLY A 32 3.56 -5.11 11.86
CA GLY A 32 3.56 -3.91 12.70
C GLY A 32 3.80 -2.60 11.95
N ASP A 33 3.98 -2.64 10.62
CA ASP A 33 4.22 -1.45 9.82
C ASP A 33 3.01 -0.53 9.67
N VAL A 34 3.11 0.74 10.08
CA VAL A 34 2.11 1.76 9.72
C VAL A 34 2.20 2.06 8.23
N VAL A 35 1.05 2.11 7.55
CA VAL A 35 0.93 2.56 6.16
C VAL A 35 -0.11 3.66 6.01
N LEU A 36 0.31 4.78 5.45
CA LEU A 36 -0.55 5.91 5.15
C LEU A 36 -1.29 5.63 3.83
N VAL A 37 -2.55 5.19 3.90
CA VAL A 37 -3.41 5.00 2.71
C VAL A 37 -3.72 6.29 1.93
N ILE A 38 -3.56 6.23 0.60
CA ILE A 38 -3.80 7.32 -0.37
C ILE A 38 -4.73 6.82 -1.50
N PRO A 39 -5.45 7.73 -2.17
CA PRO A 39 -6.22 7.42 -3.38
C PRO A 39 -5.28 7.14 -4.56
N PHE A 40 -5.74 6.34 -5.51
CA PHE A 40 -4.96 5.92 -6.66
C PHE A 40 -4.66 7.02 -7.69
N GLN A 41 -3.43 7.01 -8.23
CA GLN A 41 -3.00 7.89 -9.31
C GLN A 41 -3.71 7.65 -10.67
N ASN A 42 -4.39 6.51 -10.83
CA ASN A 42 -5.25 6.18 -11.95
C ASN A 42 -6.23 5.03 -11.58
N PRO A 43 -7.40 4.93 -12.23
CA PRO A 43 -8.33 3.83 -12.04
C PRO A 43 -7.77 2.49 -12.57
N GLU A 44 -7.00 2.52 -13.67
CA GLU A 44 -6.27 1.35 -14.20
C GLU A 44 -5.14 0.86 -13.27
N GLU A 45 -4.59 1.73 -12.41
CA GLU A 45 -3.58 1.33 -11.41
C GLU A 45 -4.15 0.51 -10.24
N GLN A 46 -5.47 0.57 -10.00
CA GLN A 46 -6.18 -0.12 -8.93
C GLN A 46 -6.54 -1.57 -9.27
N ASP A 47 -6.46 -2.46 -8.27
CA ASP A 47 -6.71 -3.90 -8.38
C ASP A 47 -7.74 -4.36 -7.31
N GLU A 48 -8.55 -5.39 -7.58
CA GLU A 48 -9.70 -5.79 -6.76
C GLU A 48 -9.27 -6.43 -5.42
N GLY A 49 -9.68 -5.83 -4.29
CA GLY A 49 -9.26 -6.23 -2.94
C GLY A 49 -7.92 -5.63 -2.47
N TRP A 50 -7.25 -4.83 -3.30
CA TRP A 50 -6.01 -4.11 -2.97
C TRP A 50 -6.25 -2.71 -2.38
N LEU A 51 -5.21 -2.12 -1.78
CA LEU A 51 -5.13 -0.69 -1.42
C LEU A 51 -3.77 -0.11 -1.82
N MET A 52 -3.68 1.22 -1.92
CA MET A 52 -2.44 1.96 -2.13
C MET A 52 -2.11 2.87 -0.94
N GLY A 53 -0.81 3.02 -0.66
CA GLY A 53 -0.30 3.87 0.40
C GLY A 53 1.22 3.98 0.37
N VAL A 54 1.77 4.55 1.44
CA VAL A 54 3.22 4.67 1.71
C VAL A 54 3.48 4.35 3.18
N LYS A 55 4.57 3.65 3.50
CA LYS A 55 4.96 3.39 4.90
C LYS A 55 5.15 4.70 5.66
N GLU A 56 4.64 4.81 6.89
CA GLU A 56 4.91 6.02 7.68
C GLU A 56 6.42 6.15 7.93
N SER A 57 7.13 5.04 8.18
CA SER A 57 8.58 5.01 8.37
C SER A 57 9.35 5.58 7.16
N ASP A 58 8.86 5.30 5.95
CA ASP A 58 9.38 5.81 4.69
C ASP A 58 9.07 7.30 4.41
N TRP A 59 7.83 7.70 4.67
CA TRP A 59 7.35 9.08 4.54
C TRP A 59 7.97 10.02 5.58
N ASN A 60 8.27 9.52 6.78
CA ASN A 60 8.97 10.22 7.86
C ASN A 60 10.44 10.53 7.51
N GLN A 61 11.09 9.63 6.76
CA GLN A 61 12.46 9.78 6.23
C GLN A 61 12.54 10.73 5.02
N HIS A 62 11.40 11.20 4.51
CA HIS A 62 11.30 12.07 3.34
C HIS A 62 11.95 11.46 2.08
N LYS A 63 11.62 10.20 1.83
CA LYS A 63 11.88 9.49 0.58
C LYS A 63 10.90 9.93 -0.53
N GLU A 64 11.26 9.64 -1.78
CA GLU A 64 10.43 9.94 -2.96
C GLU A 64 9.10 9.18 -2.97
N LEU A 65 8.00 9.87 -2.64
CA LEU A 65 6.68 9.25 -2.48
C LEU A 65 6.23 8.54 -3.78
N GLU A 66 6.55 9.08 -4.95
CA GLU A 66 6.15 8.51 -6.26
C GLU A 66 6.78 7.13 -6.55
N LYS A 67 7.83 6.73 -5.81
CA LYS A 67 8.53 5.43 -5.92
C LYS A 67 8.35 4.58 -4.66
N CYS A 68 8.41 5.17 -3.47
CA CYS A 68 8.19 4.47 -2.21
C CYS A 68 6.74 4.03 -1.97
N ARG A 69 5.75 4.70 -2.57
CA ARG A 69 4.37 4.22 -2.60
C ARG A 69 4.24 2.88 -3.32
N GLY A 70 3.13 2.19 -3.06
CA GLY A 70 2.79 0.93 -3.72
C GLY A 70 1.40 0.41 -3.37
N VAL A 71 1.00 -0.66 -4.07
CA VAL A 71 -0.20 -1.44 -3.75
C VAL A 71 0.12 -2.58 -2.78
N PHE A 72 -0.76 -2.81 -1.82
CA PHE A 72 -0.69 -3.94 -0.88
C PHE A 72 -2.05 -4.66 -0.71
N PRO A 73 -2.06 -5.95 -0.33
CA PRO A 73 -3.29 -6.63 0.08
C PRO A 73 -3.80 -6.00 1.38
N GLU A 74 -4.93 -5.28 1.32
CA GLU A 74 -5.48 -4.56 2.48
C GLU A 74 -5.75 -5.51 3.67
N ASN A 75 -6.00 -6.79 3.37
CA ASN A 75 -6.26 -7.87 4.30
C ASN A 75 -5.02 -8.35 5.09
N PHE A 76 -3.80 -7.93 4.71
CA PHE A 76 -2.60 -8.01 5.56
C PHE A 76 -2.50 -7.01 6.72
N THR A 77 -3.34 -5.98 6.70
CA THR A 77 -3.33 -4.85 7.65
C THR A 77 -4.67 -4.69 8.37
N GLU A 78 -4.74 -3.79 9.35
CA GLU A 78 -5.99 -3.39 10.01
C GLU A 78 -6.13 -1.87 9.99
N ARG A 79 -7.33 -1.35 9.69
CA ARG A 79 -7.67 0.07 9.64
C ARG A 79 -7.53 0.67 11.05
N VAL A 80 -6.65 1.65 11.20
CA VAL A 80 -6.42 2.39 12.46
C VAL A 80 -7.12 3.76 12.37
N PRO A 81 -7.62 4.31 13.49
CA PRO A 81 -8.58 5.42 13.53
C PRO A 81 -8.01 6.77 13.08
N SER B 1 -2.49 -21.79 6.58
CA SER B 1 -3.48 -21.79 7.68
C SER B 1 -3.18 -20.65 8.64
N THR B 2 -4.21 -20.03 9.23
CA THR B 2 -4.09 -18.92 10.21
C THR B 2 -3.50 -17.59 9.73
N VAL B 3 -3.36 -17.44 8.41
CA VAL B 3 -2.77 -16.27 7.74
C VAL B 3 -3.57 -15.81 6.51
N PRO B 4 -3.52 -14.51 6.15
CA PRO B 4 -4.05 -13.98 4.88
C PRO B 4 -3.17 -14.34 3.67
N VAL B 5 -3.74 -14.18 2.47
CA VAL B 5 -3.05 -14.29 1.18
C VAL B 5 -3.59 -13.20 0.24
N ALA B 6 -2.74 -12.69 -0.65
CA ALA B 6 -3.07 -11.56 -1.52
C ALA B 6 -4.05 -11.93 -2.67
N PRO B 7 -5.01 -11.05 -3.02
CA PRO B 7 -5.96 -11.29 -4.12
C PRO B 7 -5.36 -11.03 -5.52
N PRO B 8 -6.04 -11.43 -6.62
CA PRO B 8 -5.56 -11.25 -8.00
C PRO B 8 -5.41 -9.78 -8.42
N ARG B 9 -4.58 -9.52 -9.44
CA ARG B 9 -3.99 -8.19 -9.75
C ARG B 9 -4.06 -7.87 -11.25
N ARG B 10 -3.99 -6.58 -11.61
CA ARG B 10 -4.19 -6.05 -12.98
C ARG B 10 -3.28 -4.85 -13.29
N ARG B 11 -2.05 -5.06 -13.76
CA ARG B 11 -1.17 -3.94 -14.17
C ARG B 11 -1.77 -3.15 -15.34
N ARG B 12 -1.50 -1.84 -15.36
CA ARG B 12 -2.17 -0.84 -16.22
C ARG B 12 -1.88 -1.02 -17.73
N GLY B 13 -2.59 -0.26 -18.58
CA GLY B 13 -2.61 -0.44 -20.04
C GLY B 13 -3.84 -1.19 -20.56
N ARG B 14 -4.16 -1.04 -21.84
CA ARG B 14 -5.46 -1.41 -22.44
C ARG B 14 -5.68 -2.92 -22.66
N ASN B 15 -4.64 -3.76 -22.55
CA ASN B 15 -4.74 -5.22 -22.49
C ASN B 15 -4.61 -5.74 -21.05
N LEU B 16 -5.59 -6.54 -20.61
CA LEU B 16 -5.58 -7.29 -19.36
C LEU B 16 -5.34 -8.78 -19.65
N THR B 17 -4.34 -9.38 -19.00
CA THR B 17 -3.98 -10.82 -19.05
C THR B 17 -3.62 -11.42 -17.70
N GLY A 1 9.84 13.21 13.06
CA GLY A 1 8.54 13.79 12.73
C GLY A 1 8.54 14.39 11.34
N ARG A 2 7.46 14.17 10.60
CA ARG A 2 7.19 14.76 9.27
C ARG A 2 6.71 16.21 9.32
N LEU A 3 6.59 16.82 8.15
CA LEU A 3 6.02 18.16 7.95
C LEU A 3 4.49 18.12 7.77
N ASP A 4 3.98 17.11 7.06
CA ASP A 4 2.58 16.92 6.66
C ASP A 4 2.36 15.42 6.33
N LEU A 5 1.10 15.02 6.11
CA LEU A 5 0.72 13.75 5.48
C LEU A 5 0.75 13.86 3.93
N PRO A 6 0.79 12.73 3.20
CA PRO A 6 0.95 12.72 1.75
C PRO A 6 -0.23 13.34 0.97
N PRO A 7 -0.01 13.71 -0.31
CA PRO A 7 -1.04 14.32 -1.14
C PRO A 7 -2.23 13.37 -1.34
N GLY A 8 -3.44 13.87 -1.08
CA GLY A 8 -4.67 13.10 -1.17
C GLY A 8 -4.91 12.07 -0.06
N PHE A 9 -4.08 11.99 1.00
CA PHE A 9 -4.24 11.03 2.10
C PHE A 9 -5.68 10.72 2.57
N MET A 10 -6.01 9.44 2.79
CA MET A 10 -7.36 9.00 3.22
C MET A 10 -7.39 8.52 4.67
N PHE A 11 -6.48 7.60 4.99
CA PHE A 11 -6.39 6.89 6.28
C PHE A 11 -5.07 6.18 6.50
N LYS A 12 -4.78 5.72 7.71
CA LYS A 12 -3.68 4.77 7.97
C LYS A 12 -4.20 3.33 8.11
N VAL A 13 -3.30 2.37 8.01
CA VAL A 13 -3.48 0.94 8.36
C VAL A 13 -2.22 0.43 9.06
N GLN A 14 -2.31 -0.63 9.88
CA GLN A 14 -1.12 -1.31 10.44
C GLN A 14 -1.04 -2.78 10.01
N ALA A 15 0.11 -3.21 9.48
CA ALA A 15 0.37 -4.60 9.09
C ALA A 15 0.25 -5.56 10.28
N GLN A 16 -0.70 -6.48 10.17
CA GLN A 16 -0.87 -7.61 11.09
C GLN A 16 0.09 -8.76 10.74
N HIS A 17 0.50 -8.86 9.47
CA HIS A 17 1.34 -9.93 8.93
C HIS A 17 2.43 -9.41 7.97
N ASP A 18 3.42 -10.25 7.69
CA ASP A 18 4.51 -9.98 6.75
C ASP A 18 4.13 -10.12 5.26
N TYR A 19 4.47 -9.15 4.41
CA TYR A 19 4.24 -9.21 2.96
C TYR A 19 5.42 -8.70 2.12
N THR A 20 5.95 -9.55 1.23
CA THR A 20 7.01 -9.17 0.28
C THR A 20 6.51 -8.56 -1.03
N ALA A 21 6.98 -7.37 -1.39
CA ALA A 21 6.75 -6.82 -2.72
C ALA A 21 7.47 -7.65 -3.80
N THR A 22 6.71 -8.01 -4.82
CA THR A 22 7.18 -8.65 -6.06
C THR A 22 7.36 -7.68 -7.22
N ASP A 23 6.50 -6.66 -7.32
CA ASP A 23 6.56 -5.59 -8.31
C ASP A 23 7.27 -4.31 -7.83
N THR A 24 7.77 -3.53 -8.78
CA THR A 24 8.20 -2.13 -8.56
C THR A 24 7.11 -1.22 -7.96
N ASP A 25 5.84 -1.51 -8.23
CA ASP A 25 4.68 -0.82 -7.69
C ASP A 25 3.90 -1.58 -6.59
N GLU A 26 4.39 -2.74 -6.12
CA GLU A 26 3.92 -3.38 -4.89
C GLU A 26 4.68 -2.83 -3.66
N LEU A 27 4.04 -2.85 -2.49
CA LEU A 27 4.58 -2.30 -1.24
C LEU A 27 5.13 -3.42 -0.32
N GLN A 28 6.33 -3.25 0.24
CA GLN A 28 6.92 -4.17 1.22
C GLN A 28 6.39 -3.85 2.62
N LEU A 29 5.86 -4.85 3.35
CA LEU A 29 5.30 -4.72 4.70
C LEU A 29 5.88 -5.77 5.66
N LYS A 30 6.16 -5.39 6.91
CA LYS A 30 6.47 -6.28 8.04
C LYS A 30 5.33 -6.27 9.06
N ALA A 31 5.05 -7.40 9.72
CA ALA A 31 4.09 -7.51 10.82
C ALA A 31 4.38 -6.49 11.96
N GLY A 32 3.69 -5.35 11.91
CA GLY A 32 3.83 -4.20 12.80
C GLY A 32 3.88 -2.83 12.08
N ASP A 33 4.01 -2.81 10.75
CA ASP A 33 4.27 -1.59 9.97
C ASP A 33 3.05 -0.69 9.75
N VAL A 34 3.14 0.60 10.07
CA VAL A 34 2.12 1.58 9.65
C VAL A 34 2.24 1.99 8.19
N VAL A 35 1.12 2.06 7.48
CA VAL A 35 1.00 2.51 6.09
C VAL A 35 0.00 3.63 5.96
N LEU A 36 0.45 4.78 5.46
CA LEU A 36 -0.41 5.90 5.12
C LEU A 36 -1.11 5.59 3.79
N VAL A 37 -2.38 5.19 3.82
CA VAL A 37 -3.20 5.00 2.60
C VAL A 37 -3.45 6.27 1.77
N ILE A 38 -3.27 6.18 0.45
CA ILE A 38 -3.41 7.26 -0.54
C ILE A 38 -4.30 6.78 -1.70
N PRO A 39 -4.90 7.70 -2.48
CA PRO A 39 -5.70 7.36 -3.65
C PRO A 39 -4.82 6.85 -4.80
N PHE A 40 -5.31 5.84 -5.53
CA PHE A 40 -4.75 5.45 -6.81
C PHE A 40 -4.66 6.56 -7.86
N GLN A 41 -3.59 6.56 -8.66
CA GLN A 41 -3.43 7.50 -9.77
C GLN A 41 -4.54 7.41 -10.83
N ASN A 42 -5.22 6.25 -10.95
CA ASN A 42 -6.35 6.04 -11.86
C ASN A 42 -7.19 4.80 -11.47
N PRO A 43 -8.50 4.79 -11.80
CA PRO A 43 -9.42 3.70 -11.45
C PRO A 43 -9.20 2.41 -12.26
N GLU A 44 -8.63 2.51 -13.47
CA GLU A 44 -8.16 1.35 -14.25
C GLU A 44 -6.91 0.70 -13.63
N GLU A 45 -6.06 1.49 -12.95
CA GLU A 45 -4.84 1.03 -12.28
C GLU A 45 -5.12 0.31 -10.96
N GLN A 46 -6.21 0.67 -10.28
CA GLN A 46 -6.66 0.05 -9.03
C GLN A 46 -7.08 -1.40 -9.21
N ASP A 47 -6.41 -2.29 -8.49
CA ASP A 47 -6.75 -3.70 -8.38
C ASP A 47 -7.80 -3.97 -7.28
N GLU A 48 -8.74 -4.90 -7.49
CA GLU A 48 -9.88 -5.07 -6.58
C GLU A 48 -9.49 -5.82 -5.31
N GLY A 49 -9.88 -5.31 -4.13
CA GLY A 49 -9.44 -5.85 -2.84
C GLY A 49 -8.03 -5.40 -2.40
N TRP A 50 -7.32 -4.65 -3.24
CA TRP A 50 -6.04 -4.01 -2.93
C TRP A 50 -6.20 -2.60 -2.35
N LEU A 51 -5.13 -2.08 -1.76
CA LEU A 51 -4.98 -0.66 -1.36
C LEU A 51 -3.60 -0.15 -1.77
N MET A 52 -3.48 1.16 -1.98
CA MET A 52 -2.21 1.87 -2.20
C MET A 52 -1.85 2.76 -1.00
N GLY A 53 -0.57 2.83 -0.67
CA GLY A 53 -0.06 3.71 0.38
C GLY A 53 1.46 3.88 0.34
N VAL A 54 1.97 4.59 1.35
CA VAL A 54 3.40 4.70 1.66
C VAL A 54 3.61 4.42 3.15
N LYS A 55 4.68 3.69 3.51
CA LYS A 55 5.00 3.43 4.92
C LYS A 55 5.19 4.73 5.69
N GLU A 56 4.65 4.81 6.91
CA GLU A 56 4.81 6.01 7.73
C GLU A 56 6.28 6.29 8.04
N SER A 57 7.10 5.27 8.28
CA SER A 57 8.55 5.43 8.50
C SER A 57 9.31 5.85 7.24
N ASP A 58 8.86 5.41 6.06
CA ASP A 58 9.35 5.90 4.76
C ASP A 58 9.04 7.38 4.49
N TRP A 59 7.81 7.77 4.83
CA TRP A 59 7.30 9.12 4.69
C TRP A 59 7.78 10.09 5.79
N ASN A 60 8.10 9.61 7.00
CA ASN A 60 8.70 10.41 8.08
C ASN A 60 10.12 10.86 7.72
N GLN A 61 10.87 10.03 6.99
CA GLN A 61 12.12 10.45 6.31
C GLN A 61 11.89 11.32 5.06
N HIS A 62 10.65 11.43 4.58
CA HIS A 62 10.27 12.19 3.38
C HIS A 62 11.03 11.75 2.12
N LYS A 63 11.25 10.43 1.98
CA LYS A 63 11.81 9.78 0.78
C LYS A 63 10.94 9.99 -0.46
N GLU A 64 11.51 9.75 -1.65
CA GLU A 64 10.85 9.77 -2.97
C GLU A 64 9.53 8.97 -3.02
N LEU A 65 8.40 9.67 -2.83
CA LEU A 65 7.05 9.10 -2.63
C LEU A 65 6.69 8.11 -3.74
N GLU A 66 6.90 8.49 -5.01
CA GLU A 66 6.52 7.72 -6.20
C GLU A 66 7.23 6.37 -6.35
N LYS A 67 8.37 6.18 -5.68
CA LYS A 67 9.12 4.91 -5.65
C LYS A 67 8.91 4.16 -4.35
N CYS A 68 8.93 4.85 -3.20
CA CYS A 68 8.66 4.23 -1.91
C CYS A 68 7.24 3.67 -1.77
N ARG A 69 6.24 4.27 -2.44
CA ARG A 69 4.85 3.78 -2.47
C ARG A 69 4.71 2.40 -3.11
N GLY A 70 3.54 1.81 -2.89
CA GLY A 70 3.12 0.60 -3.55
C GLY A 70 1.71 0.15 -3.16
N VAL A 71 1.22 -0.85 -3.89
CA VAL A 71 -0.01 -1.56 -3.60
C VAL A 71 0.25 -2.72 -2.65
N PHE A 72 -0.70 -2.99 -1.76
CA PHE A 72 -0.66 -4.11 -0.84
C PHE A 72 -2.03 -4.79 -0.65
N PRO A 73 -2.06 -6.08 -0.25
CA PRO A 73 -3.29 -6.73 0.18
C PRO A 73 -3.79 -6.10 1.48
N GLU A 74 -4.87 -5.33 1.44
CA GLU A 74 -5.41 -4.62 2.61
C GLU A 74 -5.70 -5.58 3.79
N ASN A 75 -6.00 -6.85 3.50
CA ASN A 75 -6.26 -7.92 4.46
C ASN A 75 -5.04 -8.31 5.31
N PHE A 76 -3.82 -8.03 4.83
CA PHE A 76 -2.60 -8.10 5.66
C PHE A 76 -2.45 -7.04 6.76
N THR A 77 -3.27 -5.99 6.69
CA THR A 77 -3.27 -4.85 7.61
C THR A 77 -4.63 -4.69 8.31
N GLU A 78 -4.73 -3.75 9.25
CA GLU A 78 -5.99 -3.36 9.88
C GLU A 78 -6.07 -1.83 9.97
N ARG A 79 -7.26 -1.30 9.72
CA ARG A 79 -7.60 0.13 9.68
C ARG A 79 -7.36 0.81 11.04
N VAL A 80 -6.72 1.99 11.01
CA VAL A 80 -6.45 2.81 12.21
C VAL A 80 -6.88 4.27 11.94
N PRO A 81 -7.31 5.00 12.98
CA PRO A 81 -7.80 6.38 12.89
C PRO A 81 -6.67 7.42 12.82
N SER B 1 -5.93 -22.29 8.12
CA SER B 1 -4.75 -21.44 8.34
C SER B 1 -5.17 -20.01 8.63
N THR B 2 -4.47 -19.37 9.57
CA THR B 2 -4.80 -18.04 10.13
C THR B 2 -4.00 -16.85 9.61
N VAL B 3 -2.91 -17.12 8.89
CA VAL B 3 -2.20 -16.13 8.06
C VAL B 3 -2.98 -15.76 6.78
N PRO B 4 -3.02 -14.48 6.37
CA PRO B 4 -3.74 -14.03 5.19
C PRO B 4 -3.05 -14.40 3.86
N VAL B 5 -3.81 -14.26 2.77
CA VAL B 5 -3.39 -14.52 1.38
C VAL B 5 -3.89 -13.40 0.46
N ALA B 6 -3.04 -12.88 -0.43
CA ALA B 6 -3.38 -11.72 -1.24
C ALA B 6 -4.51 -12.01 -2.28
N PRO B 7 -5.42 -11.06 -2.54
CA PRO B 7 -6.47 -11.21 -3.53
C PRO B 7 -5.92 -11.10 -4.96
N PRO B 8 -6.65 -11.57 -5.99
CA PRO B 8 -6.21 -11.49 -7.38
C PRO B 8 -6.09 -10.03 -7.86
N ARG B 9 -5.40 -9.84 -8.99
CA ARG B 9 -5.18 -8.55 -9.67
C ARG B 9 -5.68 -8.63 -11.11
N ARG B 10 -6.11 -7.50 -11.67
CA ARG B 10 -7.00 -7.38 -12.86
C ARG B 10 -6.29 -7.73 -14.18
N ARG B 11 -7.01 -7.73 -15.31
CA ARG B 11 -6.43 -7.89 -16.66
C ARG B 11 -5.44 -6.78 -17.03
N ARG B 12 -5.67 -5.54 -16.58
CA ARG B 12 -4.69 -4.45 -16.66
C ARG B 12 -3.52 -4.66 -15.69
N GLY B 13 -2.30 -4.58 -16.22
CA GLY B 13 -1.05 -4.91 -15.53
C GLY B 13 0.03 -5.42 -16.50
N ARG B 14 1.17 -5.89 -15.97
CA ARG B 14 2.31 -6.37 -16.78
C ARG B 14 2.17 -7.83 -17.24
N ASN B 15 1.07 -8.50 -16.89
CA ASN B 15 0.68 -9.82 -17.43
C ASN B 15 0.55 -9.80 -18.97
N LEU B 16 1.01 -10.85 -19.65
CA LEU B 16 0.88 -11.01 -21.11
C LEU B 16 -0.46 -11.64 -21.52
N THR B 17 -1.06 -11.14 -22.62
CA THR B 17 -2.35 -11.61 -23.18
C THR B 17 -2.48 -11.59 -24.70
N GLY A 1 4.84 9.17 15.21
CA GLY A 1 4.70 9.34 13.76
C GLY A 1 4.95 10.77 13.32
N ARG A 2 4.73 11.07 12.04
CA ARG A 2 4.88 12.42 11.43
C ARG A 2 3.88 13.45 11.94
N LEU A 3 4.26 14.72 11.80
CA LEU A 3 3.39 15.90 11.95
C LEU A 3 2.51 16.16 10.70
N ASP A 4 3.00 15.78 9.51
CA ASP A 4 2.31 15.97 8.22
C ASP A 4 2.09 14.70 7.40
N LEU A 5 1.07 14.71 6.55
CA LEU A 5 0.59 13.57 5.76
C LEU A 5 0.61 13.87 4.25
N PRO A 6 0.59 12.82 3.40
CA PRO A 6 0.72 12.94 1.95
C PRO A 6 -0.45 13.66 1.28
N PRO A 7 -0.24 14.17 0.05
CA PRO A 7 -1.27 14.85 -0.72
C PRO A 7 -2.42 13.87 -1.04
N GLY A 8 -3.65 14.34 -0.87
CA GLY A 8 -4.85 13.53 -1.05
C GLY A 8 -5.11 12.44 0.00
N PHE A 9 -4.28 12.27 1.05
CA PHE A 9 -4.43 11.24 2.09
C PHE A 9 -5.85 10.86 2.51
N MET A 10 -6.13 9.57 2.66
CA MET A 10 -7.45 9.08 3.07
C MET A 10 -7.46 8.62 4.53
N PHE A 11 -6.69 7.57 4.84
CA PHE A 11 -6.64 6.94 6.17
C PHE A 11 -5.35 6.14 6.38
N LYS A 12 -5.14 5.60 7.59
CA LYS A 12 -4.01 4.69 7.88
C LYS A 12 -4.46 3.24 8.07
N VAL A 13 -3.51 2.31 7.95
CA VAL A 13 -3.61 0.90 8.33
C VAL A 13 -2.31 0.46 9.04
N GLN A 14 -2.34 -0.63 9.82
CA GLN A 14 -1.12 -1.26 10.38
C GLN A 14 -1.00 -2.74 9.98
N ALA A 15 0.17 -3.17 9.49
CA ALA A 15 0.45 -4.55 9.10
C ALA A 15 0.38 -5.54 10.28
N GLN A 16 -0.49 -6.54 10.18
CA GLN A 16 -0.62 -7.65 11.12
C GLN A 16 0.39 -8.79 10.81
N HIS A 17 0.85 -8.85 9.55
CA HIS A 17 1.62 -9.94 8.97
C HIS A 17 2.70 -9.41 8.00
N ASP A 18 3.69 -10.24 7.69
CA ASP A 18 4.83 -9.93 6.81
C ASP A 18 4.59 -10.20 5.31
N TYR A 19 4.75 -9.17 4.47
CA TYR A 19 4.50 -9.24 3.02
C TYR A 19 5.67 -8.69 2.19
N THR A 20 6.32 -9.57 1.44
CA THR A 20 7.31 -9.22 0.42
C THR A 20 6.73 -8.98 -0.97
N ALA A 21 7.03 -7.83 -1.57
CA ALA A 21 6.45 -7.40 -2.84
C ALA A 21 7.01 -8.17 -4.05
N THR A 22 6.09 -8.63 -4.90
CA THR A 22 6.36 -9.43 -6.10
C THR A 22 6.13 -8.69 -7.43
N ASP A 23 6.03 -7.36 -7.39
CA ASP A 23 5.89 -6.49 -8.57
C ASP A 23 6.53 -5.12 -8.22
N THR A 24 6.90 -4.35 -9.24
CA THR A 24 7.26 -2.93 -9.10
C THR A 24 6.09 -1.98 -8.82
N ASP A 25 4.86 -2.48 -8.95
CA ASP A 25 3.65 -1.87 -8.39
C ASP A 25 3.42 -2.03 -6.89
N GLU A 26 3.99 -3.08 -6.28
CA GLU A 26 3.64 -3.51 -4.94
C GLU A 26 4.44 -2.81 -3.82
N LEU A 27 3.82 -2.74 -2.63
CA LEU A 27 4.38 -2.20 -1.39
C LEU A 27 4.88 -3.34 -0.49
N GLN A 28 6.11 -3.27 0.01
CA GLN A 28 6.65 -4.20 0.99
C GLN A 28 6.16 -3.85 2.41
N LEU A 29 5.63 -4.79 3.17
CA LEU A 29 5.18 -4.62 4.56
C LEU A 29 5.87 -5.62 5.50
N LYS A 30 6.13 -5.23 6.75
CA LYS A 30 6.54 -6.13 7.84
C LYS A 30 5.47 -6.09 8.93
N ALA A 31 5.27 -7.19 9.65
CA ALA A 31 4.36 -7.26 10.79
C ALA A 31 4.65 -6.16 11.83
N GLY A 32 3.80 -5.14 11.87
CA GLY A 32 3.87 -3.96 12.73
C GLY A 32 3.94 -2.63 11.97
N ASP A 33 4.09 -2.64 10.64
CA ASP A 33 4.31 -1.43 9.83
C ASP A 33 3.06 -0.61 9.54
N VAL A 34 3.04 0.68 9.90
CA VAL A 34 1.98 1.62 9.53
C VAL A 34 2.04 2.02 8.06
N VAL A 35 0.89 2.10 7.39
CA VAL A 35 0.75 2.52 6.00
C VAL A 35 -0.29 3.61 5.84
N LEU A 36 0.11 4.72 5.26
CA LEU A 36 -0.76 5.85 4.95
C LEU A 36 -1.50 5.54 3.63
N VAL A 37 -2.74 5.06 3.72
CA VAL A 37 -3.63 4.93 2.55
C VAL A 37 -3.88 6.27 1.80
N ILE A 38 -3.60 6.28 0.50
CA ILE A 38 -3.77 7.42 -0.43
C ILE A 38 -4.71 6.99 -1.57
N PRO A 39 -5.36 7.93 -2.27
CA PRO A 39 -6.16 7.62 -3.46
C PRO A 39 -5.26 7.08 -4.57
N PHE A 40 -5.81 6.21 -5.42
CA PHE A 40 -5.04 5.64 -6.52
C PHE A 40 -4.60 6.61 -7.60
N GLN A 41 -3.35 6.48 -8.07
CA GLN A 41 -2.78 7.40 -9.05
C GLN A 41 -3.41 7.34 -10.45
N ASN A 42 -4.07 6.23 -10.79
CA ASN A 42 -4.78 6.02 -12.04
C ASN A 42 -5.81 4.89 -11.91
N PRO A 43 -6.89 4.87 -12.73
CA PRO A 43 -7.91 3.83 -12.71
C PRO A 43 -7.40 2.47 -13.25
N GLU A 44 -6.43 2.49 -14.17
CA GLU A 44 -5.72 1.27 -14.61
C GLU A 44 -4.75 0.71 -13.56
N GLU A 45 -4.39 1.51 -12.53
CA GLU A 45 -3.46 1.12 -11.46
C GLU A 45 -4.13 0.47 -10.25
N GLN A 46 -5.46 0.60 -10.15
CA GLN A 46 -6.28 0.06 -9.07
C GLN A 46 -6.78 -1.35 -9.32
N ASP A 47 -6.62 -2.21 -8.31
CA ASP A 47 -6.85 -3.66 -8.39
C ASP A 47 -7.84 -4.07 -7.27
N GLU A 48 -8.73 -5.04 -7.53
CA GLU A 48 -9.83 -5.38 -6.61
C GLU A 48 -9.36 -6.21 -5.40
N GLY A 49 -9.73 -5.82 -4.18
CA GLY A 49 -9.24 -6.42 -2.93
C GLY A 49 -7.86 -5.92 -2.47
N TRP A 50 -7.25 -5.02 -3.23
CA TRP A 50 -5.98 -4.34 -2.94
C TRP A 50 -6.19 -2.90 -2.46
N LEU A 51 -5.17 -2.29 -1.83
CA LEU A 51 -5.17 -0.87 -1.44
C LEU A 51 -3.80 -0.23 -1.71
N MET A 52 -3.78 1.10 -1.92
CA MET A 52 -2.58 1.88 -2.21
C MET A 52 -2.23 2.83 -1.07
N GLY A 53 -0.94 2.94 -0.77
CA GLY A 53 -0.41 3.82 0.26
C GLY A 53 1.11 3.93 0.22
N VAL A 54 1.65 4.65 1.20
CA VAL A 54 3.09 4.73 1.50
C VAL A 54 3.31 4.41 2.97
N LYS A 55 4.38 3.67 3.31
CA LYS A 55 4.71 3.37 4.70
C LYS A 55 4.97 4.65 5.49
N GLU A 56 4.43 4.75 6.72
CA GLU A 56 4.69 5.93 7.56
C GLU A 56 6.20 6.11 7.77
N SER A 57 6.97 5.04 8.00
CA SER A 57 8.43 5.11 8.13
C SER A 57 9.12 5.67 6.88
N ASP A 58 8.69 5.23 5.68
CA ASP A 58 9.14 5.76 4.40
C ASP A 58 8.81 7.24 4.15
N TRP A 59 7.65 7.68 4.63
CA TRP A 59 7.20 9.08 4.58
C TRP A 59 7.83 9.96 5.66
N ASN A 60 8.13 9.39 6.83
CA ASN A 60 8.77 10.05 7.97
C ASN A 60 10.26 10.33 7.70
N GLN A 61 10.94 9.52 6.89
CA GLN A 61 12.30 9.81 6.41
C GLN A 61 12.36 10.74 5.19
N HIS A 62 11.20 11.24 4.73
CA HIS A 62 11.03 12.17 3.60
C HIS A 62 11.60 11.62 2.26
N LYS A 63 11.58 10.30 2.08
CA LYS A 63 11.96 9.61 0.83
C LYS A 63 10.95 9.90 -0.29
N GLU A 64 11.34 9.68 -1.54
CA GLU A 64 10.52 9.94 -2.75
C GLU A 64 9.15 9.23 -2.75
N LEU A 65 8.07 9.98 -2.52
CA LEU A 65 6.70 9.47 -2.35
C LEU A 65 6.27 8.59 -3.53
N GLU A 66 6.48 9.10 -4.74
CA GLU A 66 6.09 8.49 -6.02
C GLU A 66 6.72 7.10 -6.27
N LYS A 67 7.80 6.73 -5.58
CA LYS A 67 8.45 5.42 -5.69
C LYS A 67 8.61 4.64 -4.39
N CYS A 68 8.31 5.27 -3.27
CA CYS A 68 8.07 4.60 -1.99
C CYS A 68 6.64 4.03 -1.90
N ARG A 69 5.64 4.68 -2.52
CA ARG A 69 4.26 4.16 -2.59
C ARG A 69 4.16 2.82 -3.32
N GLY A 70 3.10 2.08 -3.02
CA GLY A 70 2.75 0.82 -3.68
C GLY A 70 1.36 0.32 -3.31
N VAL A 71 0.95 -0.77 -3.96
CA VAL A 71 -0.24 -1.55 -3.61
C VAL A 71 0.09 -2.71 -2.68
N PHE A 72 -0.79 -2.99 -1.74
CA PHE A 72 -0.69 -4.10 -0.79
C PHE A 72 -2.02 -4.84 -0.60
N PRO A 73 -2.01 -6.13 -0.21
CA PRO A 73 -3.23 -6.82 0.19
C PRO A 73 -3.74 -6.20 1.49
N GLU A 74 -4.89 -5.53 1.43
CA GLU A 74 -5.50 -4.87 2.60
C GLU A 74 -5.63 -5.82 3.80
N ASN A 75 -5.88 -7.11 3.52
CA ASN A 75 -6.07 -8.21 4.47
C ASN A 75 -4.80 -8.63 5.25
N PHE A 76 -3.62 -8.13 4.85
CA PHE A 76 -2.40 -8.12 5.66
C PHE A 76 -2.32 -7.04 6.76
N THR A 77 -3.22 -6.06 6.74
CA THR A 77 -3.22 -4.89 7.63
C THR A 77 -4.58 -4.68 8.28
N GLU A 78 -4.65 -3.76 9.25
CA GLU A 78 -5.89 -3.37 9.93
C GLU A 78 -6.02 -1.84 9.98
N ARG A 79 -7.23 -1.32 9.72
CA ARG A 79 -7.60 0.10 9.76
C ARG A 79 -7.32 0.72 11.13
N VAL A 80 -6.73 1.92 11.13
CA VAL A 80 -6.43 2.75 12.31
C VAL A 80 -6.95 4.19 12.07
N PRO A 81 -7.28 4.95 13.14
CA PRO A 81 -8.03 6.22 13.05
C PRO A 81 -7.25 7.39 12.42
N SER B 1 0.38 -18.73 12.66
CA SER B 1 -0.83 -19.50 12.32
C SER B 1 -1.95 -18.62 11.79
N THR B 2 -2.87 -19.18 10.99
CA THR B 2 -4.05 -18.50 10.43
C THR B 2 -3.78 -17.23 9.60
N VAL B 3 -2.69 -17.26 8.84
CA VAL B 3 -2.16 -16.13 8.06
C VAL B 3 -2.92 -15.84 6.75
N PRO B 4 -3.05 -14.57 6.33
CA PRO B 4 -3.73 -14.17 5.09
C PRO B 4 -2.98 -14.57 3.81
N VAL B 5 -3.70 -14.44 2.68
CA VAL B 5 -3.21 -14.70 1.31
C VAL B 5 -3.55 -13.51 0.42
N ALA B 6 -2.59 -13.05 -0.39
CA ALA B 6 -2.81 -11.92 -1.29
C ALA B 6 -3.78 -12.27 -2.44
N PRO B 7 -4.79 -11.43 -2.73
CA PRO B 7 -5.79 -11.73 -3.75
C PRO B 7 -5.23 -11.51 -5.18
N PRO B 8 -5.92 -12.00 -6.22
CA PRO B 8 -5.62 -11.68 -7.62
C PRO B 8 -5.47 -10.18 -7.87
N ARG B 9 -4.68 -9.79 -8.88
CA ARG B 9 -4.57 -8.41 -9.34
C ARG B 9 -3.93 -8.32 -10.73
N ARG B 10 -4.61 -7.57 -11.61
CA ARG B 10 -4.13 -7.08 -12.91
C ARG B 10 -2.74 -6.43 -12.85
N ARG B 11 -2.02 -6.42 -13.98
CA ARG B 11 -0.64 -5.91 -14.11
C ARG B 11 -0.47 -4.98 -15.31
N ARG B 12 0.50 -4.05 -15.20
CA ARG B 12 0.59 -2.83 -16.02
C ARG B 12 1.40 -2.97 -17.30
N GLY B 13 1.01 -2.20 -18.31
CA GLY B 13 1.78 -1.94 -19.54
C GLY B 13 2.76 -0.79 -19.40
N ARG B 14 3.22 -0.21 -20.52
CA ARG B 14 4.09 0.98 -20.54
C ARG B 14 3.39 2.18 -19.87
N ASN B 15 4.00 2.73 -18.82
CA ASN B 15 3.57 3.98 -18.19
C ASN B 15 4.16 5.19 -18.94
N LEU B 16 3.43 5.75 -19.92
CA LEU B 16 3.86 6.90 -20.71
C LEU B 16 4.00 8.14 -19.82
N THR B 17 5.25 8.53 -19.56
CA THR B 17 5.63 9.58 -18.60
C THR B 17 6.52 10.66 -19.19
N GLY A 1 5.40 9.00 15.57
CA GLY A 1 5.57 9.23 14.13
C GLY A 1 5.19 10.65 13.75
N ARG A 2 4.78 10.88 12.51
CA ARG A 2 4.48 12.23 11.97
C ARG A 2 3.07 12.74 12.26
N LEU A 3 2.91 14.06 12.15
CA LEU A 3 1.62 14.76 12.15
C LEU A 3 1.15 15.10 10.72
N ASP A 4 2.07 15.56 9.86
CA ASP A 4 1.82 15.81 8.43
C ASP A 4 1.74 14.55 7.57
N LEU A 5 0.75 14.52 6.69
CA LEU A 5 0.33 13.35 5.92
C LEU A 5 0.26 13.64 4.40
N PRO A 6 0.38 12.60 3.56
CA PRO A 6 0.56 12.73 2.12
C PRO A 6 -0.65 13.35 1.40
N PRO A 7 -0.45 13.92 0.20
CA PRO A 7 -1.50 14.50 -0.61
C PRO A 7 -2.51 13.41 -0.99
N GLY A 8 -3.80 13.71 -0.83
CA GLY A 8 -4.88 12.76 -1.06
C GLY A 8 -5.06 11.70 0.03
N PHE A 9 -4.31 11.72 1.15
CA PHE A 9 -4.46 10.73 2.23
C PHE A 9 -5.90 10.39 2.63
N MET A 10 -6.26 9.10 2.63
CA MET A 10 -7.62 8.63 2.92
C MET A 10 -7.77 8.16 4.37
N PHE A 11 -6.80 7.36 4.82
CA PHE A 11 -6.70 6.69 6.11
C PHE A 11 -5.35 6.02 6.32
N LYS A 12 -5.02 5.60 7.53
CA LYS A 12 -3.91 4.68 7.79
C LYS A 12 -4.40 3.23 7.93
N VAL A 13 -3.47 2.30 7.76
CA VAL A 13 -3.58 0.90 8.17
C VAL A 13 -2.31 0.47 8.91
N GLN A 14 -2.37 -0.62 9.67
CA GLN A 14 -1.22 -1.22 10.34
C GLN A 14 -1.10 -2.72 10.05
N ALA A 15 0.08 -3.18 9.62
CA ALA A 15 0.31 -4.58 9.28
C ALA A 15 0.12 -5.51 10.50
N GLN A 16 -0.77 -6.48 10.36
CA GLN A 16 -0.94 -7.60 11.29
C GLN A 16 0.02 -8.75 10.92
N HIS A 17 0.27 -8.90 9.62
CA HIS A 17 1.15 -9.89 9.02
C HIS A 17 2.13 -9.23 8.03
N ASP A 18 3.29 -9.85 7.82
CA ASP A 18 4.31 -9.43 6.88
C ASP A 18 4.01 -9.83 5.43
N TYR A 19 4.31 -8.96 4.47
CA TYR A 19 4.00 -9.13 3.06
C TYR A 19 5.14 -8.82 2.08
N THR A 20 5.43 -9.77 1.18
CA THR A 20 6.46 -9.64 0.13
C THR A 20 5.99 -9.11 -1.23
N ALA A 21 6.44 -7.91 -1.58
CA ALA A 21 6.25 -7.32 -2.90
C ALA A 21 7.03 -8.09 -3.97
N THR A 22 6.35 -8.45 -5.05
CA THR A 22 6.90 -9.18 -6.21
C THR A 22 6.44 -8.60 -7.56
N ASP A 23 6.21 -7.28 -7.58
CA ASP A 23 6.04 -6.47 -8.79
C ASP A 23 6.63 -5.08 -8.56
N THR A 24 6.73 -4.28 -9.63
CA THR A 24 7.03 -2.84 -9.57
C THR A 24 5.93 -1.97 -8.94
N ASP A 25 4.67 -2.39 -9.01
CA ASP A 25 3.52 -1.68 -8.43
C ASP A 25 3.46 -1.88 -6.89
N GLU A 26 4.00 -2.99 -6.38
CA GLU A 26 3.76 -3.49 -5.02
C GLU A 26 4.60 -2.82 -3.91
N LEU A 27 4.02 -2.75 -2.71
CA LEU A 27 4.59 -2.28 -1.44
C LEU A 27 4.98 -3.49 -0.56
N GLN A 28 6.14 -3.45 0.10
CA GLN A 28 6.59 -4.48 1.04
C GLN A 28 6.23 -4.12 2.49
N LEU A 29 5.69 -5.06 3.28
CA LEU A 29 5.27 -4.84 4.68
C LEU A 29 5.91 -5.83 5.66
N LYS A 30 6.15 -5.37 6.89
CA LYS A 30 6.46 -6.18 8.08
C LYS A 30 5.32 -6.05 9.08
N ALA A 31 4.95 -7.14 9.78
CA ALA A 31 3.96 -7.09 10.86
C ALA A 31 4.33 -6.00 11.90
N GLY A 32 3.48 -4.98 11.99
CA GLY A 32 3.69 -3.76 12.79
C GLY A 32 3.82 -2.49 11.95
N ASP A 33 4.05 -2.61 10.63
CA ASP A 33 4.23 -1.45 9.75
C ASP A 33 2.97 -0.60 9.57
N VAL A 34 3.02 0.67 9.97
CA VAL A 34 2.01 1.65 9.61
C VAL A 34 2.14 2.02 8.13
N VAL A 35 1.02 2.06 7.40
CA VAL A 35 0.92 2.47 6.00
C VAL A 35 -0.13 3.55 5.82
N LEU A 36 0.28 4.67 5.26
CA LEU A 36 -0.57 5.82 4.97
C LEU A 36 -1.30 5.55 3.65
N VAL A 37 -2.57 5.10 3.70
CA VAL A 37 -3.39 4.90 2.48
C VAL A 37 -3.69 6.17 1.68
N ILE A 38 -3.50 6.10 0.35
CA ILE A 38 -3.74 7.16 -0.64
C ILE A 38 -4.51 6.58 -1.86
N PRO A 39 -5.22 7.41 -2.65
CA PRO A 39 -5.90 6.99 -3.88
C PRO A 39 -4.90 6.66 -5.00
N PHE A 40 -5.31 5.81 -5.94
CA PHE A 40 -4.48 5.29 -7.02
C PHE A 40 -4.02 6.30 -8.09
N GLN A 41 -2.95 5.99 -8.83
CA GLN A 41 -2.53 6.81 -9.98
C GLN A 41 -3.54 6.81 -11.14
N ASN A 42 -4.36 5.76 -11.23
CA ASN A 42 -5.41 5.56 -12.21
C ASN A 42 -6.48 4.57 -11.71
N PRO A 43 -7.74 4.69 -12.14
CA PRO A 43 -8.77 3.66 -11.93
C PRO A 43 -8.45 2.38 -12.72
N GLU A 44 -7.87 2.53 -13.92
CA GLU A 44 -7.34 1.42 -14.75
C GLU A 44 -6.05 0.78 -14.20
N GLU A 45 -5.42 1.35 -13.16
CA GLU A 45 -4.36 0.70 -12.38
C GLU A 45 -4.87 0.04 -11.07
N GLN A 46 -5.99 0.52 -10.49
CA GLN A 46 -6.54 0.01 -9.23
C GLN A 46 -7.02 -1.44 -9.31
N ASP A 47 -6.40 -2.31 -8.52
CA ASP A 47 -6.67 -3.74 -8.43
C ASP A 47 -7.75 -4.03 -7.35
N GLU A 48 -8.80 -4.79 -7.67
CA GLU A 48 -9.89 -5.09 -6.71
C GLU A 48 -9.38 -5.94 -5.54
N GLY A 49 -9.76 -5.59 -4.31
CA GLY A 49 -9.29 -6.22 -3.07
C GLY A 49 -7.91 -5.74 -2.58
N TRP A 50 -7.21 -4.89 -3.35
CA TRP A 50 -5.96 -4.24 -2.96
C TRP A 50 -6.18 -2.84 -2.37
N LEU A 51 -5.15 -2.27 -1.76
CA LEU A 51 -5.07 -0.84 -1.41
C LEU A 51 -3.69 -0.27 -1.79
N MET A 52 -3.60 1.05 -1.92
CA MET A 52 -2.36 1.78 -2.18
C MET A 52 -1.98 2.70 -1.01
N GLY A 53 -0.69 2.82 -0.72
CA GLY A 53 -0.18 3.70 0.31
C GLY A 53 1.33 3.84 0.30
N VAL A 54 1.85 4.52 1.33
CA VAL A 54 3.28 4.66 1.62
C VAL A 54 3.52 4.37 3.09
N LYS A 55 4.59 3.62 3.45
CA LYS A 55 4.88 3.33 4.85
C LYS A 55 5.20 4.59 5.63
N GLU A 56 4.68 4.70 6.86
CA GLU A 56 4.89 5.90 7.67
C GLU A 56 6.39 6.15 7.88
N SER A 57 7.19 5.13 8.21
CA SER A 57 8.62 5.33 8.48
C SER A 57 9.41 5.83 7.25
N ASP A 58 8.92 5.52 6.04
CA ASP A 58 9.45 5.96 4.73
C ASP A 58 9.11 7.45 4.52
N TRP A 59 7.86 7.82 4.76
CA TRP A 59 7.33 9.20 4.70
C TRP A 59 7.90 10.10 5.80
N ASN A 60 8.22 9.52 6.96
CA ASN A 60 8.84 10.16 8.12
C ASN A 60 10.36 10.40 7.91
N GLN A 61 11.02 9.60 7.07
CA GLN A 61 12.33 9.96 6.46
C GLN A 61 12.20 10.92 5.26
N HIS A 62 10.99 11.38 4.92
CA HIS A 62 10.69 12.36 3.87
C HIS A 62 11.25 12.00 2.48
N LYS A 63 11.27 10.69 2.17
CA LYS A 63 11.72 10.14 0.89
C LYS A 63 10.68 10.36 -0.23
N GLU A 64 11.13 10.32 -1.48
CA GLU A 64 10.33 10.56 -2.69
C GLU A 64 9.04 9.71 -2.79
N LEU A 65 7.88 10.36 -2.61
CA LEU A 65 6.57 9.73 -2.46
C LEU A 65 6.21 8.82 -3.64
N GLU A 66 6.39 9.29 -4.88
CA GLU A 66 5.97 8.56 -6.07
C GLU A 66 6.78 7.27 -6.35
N LYS A 67 8.01 7.17 -5.85
CA LYS A 67 8.79 5.92 -5.83
C LYS A 67 8.47 5.07 -4.60
N CYS A 68 8.44 5.68 -3.41
CA CYS A 68 8.32 4.96 -2.15
C CYS A 68 6.95 4.28 -1.93
N ARG A 69 5.87 4.82 -2.52
CA ARG A 69 4.52 4.22 -2.49
C ARG A 69 4.43 2.87 -3.20
N GLY A 70 3.35 2.13 -2.92
CA GLY A 70 2.99 0.86 -3.57
C GLY A 70 1.61 0.33 -3.19
N VAL A 71 1.19 -0.74 -3.87
CA VAL A 71 -0.01 -1.54 -3.56
C VAL A 71 0.28 -2.71 -2.63
N PHE A 72 -0.65 -3.01 -1.73
CA PHE A 72 -0.58 -4.13 -0.79
C PHE A 72 -1.95 -4.81 -0.57
N PRO A 73 -1.99 -6.10 -0.17
CA PRO A 73 -3.22 -6.76 0.23
C PRO A 73 -3.73 -6.17 1.56
N GLU A 74 -4.84 -5.43 1.53
CA GLU A 74 -5.42 -4.80 2.72
C GLU A 74 -5.75 -5.80 3.84
N ASN A 75 -5.98 -7.07 3.48
CA ASN A 75 -6.25 -8.18 4.39
C ASN A 75 -5.02 -8.62 5.23
N PHE A 76 -3.82 -8.12 4.91
CA PHE A 76 -2.64 -8.18 5.78
C PHE A 76 -2.56 -7.14 6.92
N THR A 77 -3.41 -6.11 6.88
CA THR A 77 -3.36 -4.94 7.75
C THR A 77 -4.72 -4.71 8.43
N GLU A 78 -4.80 -3.71 9.31
CA GLU A 78 -6.05 -3.25 9.94
C GLU A 78 -6.13 -1.72 9.91
N ARG A 79 -7.35 -1.17 9.81
CA ARG A 79 -7.63 0.27 9.91
C ARG A 79 -7.20 0.87 11.26
N VAL A 80 -6.58 2.04 11.20
CA VAL A 80 -6.12 2.86 12.34
C VAL A 80 -6.40 4.35 12.05
N PRO A 81 -6.55 5.20 13.08
CA PRO A 81 -6.84 6.64 12.97
C PRO A 81 -5.60 7.52 12.74
N SER B 1 1.07 -20.74 11.38
CA SER B 1 0.00 -21.13 10.45
C SER B 1 -1.11 -20.07 10.44
N THR B 2 -2.15 -20.26 9.62
CA THR B 2 -3.38 -19.45 9.55
C THR B 2 -3.29 -18.02 8.99
N VAL B 3 -2.12 -17.69 8.42
CA VAL B 3 -1.81 -16.38 7.81
C VAL B 3 -2.66 -16.11 6.55
N PRO B 4 -2.97 -14.83 6.26
CA PRO B 4 -3.75 -14.41 5.08
C PRO B 4 -3.05 -14.67 3.74
N VAL B 5 -3.77 -14.40 2.64
CA VAL B 5 -3.29 -14.57 1.25
C VAL B 5 -3.74 -13.42 0.36
N ALA B 6 -2.86 -12.89 -0.49
CA ALA B 6 -3.16 -11.75 -1.35
C ALA B 6 -4.17 -12.08 -2.49
N PRO B 7 -5.10 -11.15 -2.82
CA PRO B 7 -6.01 -11.33 -3.95
C PRO B 7 -5.29 -11.12 -5.30
N PRO B 8 -5.87 -11.54 -6.44
CA PRO B 8 -5.25 -11.37 -7.76
C PRO B 8 -5.14 -9.89 -8.15
N ARG B 9 -4.11 -9.52 -8.92
CA ARG B 9 -3.96 -8.20 -9.57
C ARG B 9 -4.19 -8.28 -11.08
N ARG B 10 -4.78 -7.21 -11.64
CA ARG B 10 -5.61 -7.26 -12.86
C ARG B 10 -4.90 -6.72 -14.10
N ARG B 11 -5.40 -7.10 -15.29
CA ARG B 11 -4.81 -6.78 -16.61
C ARG B 11 -4.77 -5.27 -16.91
N ARG B 12 -5.84 -4.55 -16.52
CA ARG B 12 -5.91 -3.11 -16.17
C ARG B 12 -7.29 -2.80 -15.58
N GLY B 13 -7.41 -2.70 -14.25
CA GLY B 13 -8.63 -2.32 -13.55
C GLY B 13 -9.84 -3.20 -13.86
N ARG B 14 -11.03 -2.58 -14.01
CA ARG B 14 -12.30 -3.26 -14.37
C ARG B 14 -12.77 -2.96 -15.80
N ASN B 15 -11.96 -2.28 -16.60
CA ASN B 15 -12.24 -1.93 -17.99
C ASN B 15 -12.03 -3.14 -18.92
N LEU B 16 -12.95 -4.12 -18.90
CA LEU B 16 -12.77 -5.41 -19.58
C LEU B 16 -12.89 -5.35 -21.11
N THR B 17 -13.52 -4.31 -21.67
CA THR B 17 -13.78 -4.17 -23.12
C THR B 17 -13.85 -2.74 -23.68
N GLY A 1 8.45 12.06 15.32
CA GLY A 1 8.13 12.11 13.88
C GLY A 1 7.36 13.38 13.51
N ARG A 2 6.97 13.53 12.24
CA ARG A 2 6.31 14.73 11.68
C ARG A 2 4.90 14.99 12.20
N LEU A 3 4.09 13.93 12.28
CA LEU A 3 2.62 13.89 12.32
C LEU A 3 1.92 14.38 11.03
N ASP A 4 2.62 15.07 10.13
CA ASP A 4 2.12 15.49 8.81
C ASP A 4 2.11 14.37 7.75
N LEU A 5 1.28 14.50 6.71
CA LEU A 5 0.82 13.41 5.84
C LEU A 5 0.83 13.77 4.34
N PRO A 6 0.81 12.75 3.45
CA PRO A 6 0.97 12.93 2.00
C PRO A 6 -0.20 13.66 1.33
N PRO A 7 0.01 14.19 0.10
CA PRO A 7 -1.02 14.93 -0.63
C PRO A 7 -2.19 14.03 -0.96
N GLY A 8 -3.40 14.47 -0.63
CA GLY A 8 -4.63 13.70 -0.84
C GLY A 8 -4.84 12.54 0.15
N PHE A 9 -3.98 12.34 1.17
CA PHE A 9 -4.15 11.29 2.19
C PHE A 9 -5.59 10.98 2.66
N MET A 10 -5.96 9.70 2.72
CA MET A 10 -7.31 9.24 3.09
C MET A 10 -7.40 8.78 4.55
N PHE A 11 -6.55 7.81 4.90
CA PHE A 11 -6.52 7.08 6.17
C PHE A 11 -5.23 6.27 6.32
N LYS A 12 -4.95 5.74 7.51
CA LYS A 12 -3.86 4.81 7.74
C LYS A 12 -4.37 3.36 7.88
N VAL A 13 -3.45 2.42 7.76
CA VAL A 13 -3.59 1.00 8.12
C VAL A 13 -2.34 0.54 8.89
N GLN A 14 -2.39 -0.54 9.66
CA GLN A 14 -1.19 -1.16 10.26
C GLN A 14 -1.04 -2.64 9.87
N ALA A 15 0.13 -3.05 9.37
CA ALA A 15 0.43 -4.43 8.99
C ALA A 15 0.33 -5.37 10.21
N GLN A 16 -0.51 -6.40 10.08
CA GLN A 16 -0.63 -7.51 11.01
C GLN A 16 0.40 -8.60 10.71
N HIS A 17 0.66 -8.83 9.43
CA HIS A 17 1.64 -9.75 8.87
C HIS A 17 2.55 -9.01 7.87
N ASP A 18 3.76 -9.52 7.66
CA ASP A 18 4.70 -8.92 6.71
C ASP A 18 4.33 -9.44 5.30
N TYR A 19 4.63 -8.62 4.30
CA TYR A 19 4.35 -8.88 2.89
C TYR A 19 5.50 -8.51 1.96
N THR A 20 6.10 -9.51 1.32
CA THR A 20 7.12 -9.33 0.27
C THR A 20 6.53 -9.16 -1.12
N ALA A 21 6.80 -8.02 -1.76
CA ALA A 21 6.31 -7.68 -3.08
C ALA A 21 6.99 -8.50 -4.19
N THR A 22 6.21 -8.77 -5.23
CA THR A 22 6.67 -9.37 -6.50
C THR A 22 6.83 -8.36 -7.64
N ASP A 23 6.01 -7.30 -7.66
CA ASP A 23 5.92 -6.32 -8.75
C ASP A 23 6.50 -4.92 -8.48
N THR A 24 6.89 -4.20 -9.54
CA THR A 24 7.50 -2.85 -9.46
C THR A 24 6.61 -1.73 -8.92
N ASP A 25 5.29 -1.98 -8.84
CA ASP A 25 4.30 -1.14 -8.13
C ASP A 25 3.62 -1.77 -6.89
N GLU A 26 3.99 -2.98 -6.49
CA GLU A 26 3.60 -3.50 -5.18
C GLU A 26 4.40 -2.84 -4.04
N LEU A 27 3.74 -2.59 -2.91
CA LEU A 27 4.32 -2.04 -1.69
C LEU A 27 4.82 -3.19 -0.80
N GLN A 28 6.05 -3.11 -0.29
CA GLN A 28 6.58 -4.05 0.68
C GLN A 28 6.19 -3.67 2.12
N LEU A 29 5.67 -4.62 2.90
CA LEU A 29 5.26 -4.41 4.30
C LEU A 29 6.01 -5.34 5.26
N LYS A 30 6.17 -4.87 6.50
CA LYS A 30 6.65 -5.62 7.67
C LYS A 30 5.56 -5.67 8.73
N ALA A 31 5.37 -6.80 9.42
CA ALA A 31 4.41 -6.93 10.52
C ALA A 31 4.66 -5.83 11.59
N GLY A 32 3.77 -4.83 11.64
CA GLY A 32 3.89 -3.63 12.48
C GLY A 32 4.04 -2.32 11.69
N ASP A 33 4.19 -2.36 10.36
CA ASP A 33 4.23 -1.16 9.52
C ASP A 33 2.92 -0.39 9.49
N VAL A 34 2.94 0.86 9.93
CA VAL A 34 1.90 1.80 9.54
C VAL A 34 2.05 2.17 8.06
N VAL A 35 0.93 2.18 7.32
CA VAL A 35 0.85 2.60 5.92
C VAL A 35 -0.17 3.70 5.74
N LEU A 36 0.27 4.80 5.16
CA LEU A 36 -0.56 5.97 4.89
C LEU A 36 -1.28 5.74 3.55
N VAL A 37 -2.55 5.33 3.61
CA VAL A 37 -3.41 5.18 2.41
C VAL A 37 -3.65 6.48 1.65
N ILE A 38 -3.43 6.46 0.33
CA ILE A 38 -3.61 7.59 -0.61
C ILE A 38 -4.57 7.17 -1.76
N PRO A 39 -5.28 8.13 -2.39
CA PRO A 39 -6.19 7.88 -3.50
C PRO A 39 -5.41 7.51 -4.78
N PHE A 40 -5.88 6.48 -5.48
CA PHE A 40 -5.20 5.94 -6.67
C PHE A 40 -4.97 6.89 -7.85
N GLN A 41 -3.78 6.83 -8.46
CA GLN A 41 -3.42 7.67 -9.61
C GLN A 41 -4.17 7.30 -10.92
N ASN A 42 -4.66 6.06 -11.05
CA ASN A 42 -5.42 5.55 -12.20
C ASN A 42 -6.50 4.53 -11.78
N PRO A 43 -7.64 4.45 -12.50
CA PRO A 43 -8.71 3.50 -12.19
C PRO A 43 -8.31 2.03 -12.43
N GLU A 44 -7.55 1.76 -13.50
CA GLU A 44 -7.02 0.42 -13.82
C GLU A 44 -5.91 -0.06 -12.85
N GLU A 45 -5.28 0.85 -12.13
CA GLU A 45 -4.25 0.52 -11.14
C GLU A 45 -4.83 0.01 -9.81
N GLN A 46 -6.10 0.32 -9.51
CA GLN A 46 -6.87 -0.33 -8.44
C GLN A 46 -7.11 -1.82 -8.75
N ASP A 47 -7.14 -2.62 -7.69
CA ASP A 47 -7.46 -4.04 -7.68
C ASP A 47 -8.30 -4.50 -6.48
N GLU A 48 -9.13 -5.54 -6.62
CA GLU A 48 -10.07 -5.96 -5.57
C GLU A 48 -9.34 -6.68 -4.42
N GLY A 49 -9.56 -6.22 -3.18
CA GLY A 49 -8.78 -6.63 -2.01
C GLY A 49 -7.45 -5.87 -1.84
N TRP A 50 -7.06 -5.05 -2.81
CA TRP A 50 -5.83 -4.25 -2.79
C TRP A 50 -6.08 -2.79 -2.38
N LEU A 51 -5.06 -2.12 -1.85
CA LEU A 51 -5.08 -0.70 -1.46
C LEU A 51 -3.73 -0.03 -1.76
N MET A 52 -3.71 1.28 -2.01
CA MET A 52 -2.50 2.05 -2.31
C MET A 52 -2.11 3.00 -1.19
N GLY A 53 -0.81 3.12 -0.91
CA GLY A 53 -0.28 3.98 0.14
C GLY A 53 1.24 4.06 0.14
N VAL A 54 1.78 4.69 1.18
CA VAL A 54 3.22 4.76 1.47
C VAL A 54 3.48 4.42 2.93
N LYS A 55 4.59 3.71 3.23
CA LYS A 55 4.99 3.42 4.60
C LYS A 55 5.18 4.68 5.42
N GLU A 56 4.60 4.73 6.62
CA GLU A 56 4.79 5.87 7.51
C GLU A 56 6.26 6.02 7.90
N SER A 57 6.99 4.92 8.18
CA SER A 57 8.42 4.95 8.49
C SER A 57 9.26 5.59 7.37
N ASP A 58 8.80 5.39 6.13
CA ASP A 58 9.42 5.96 4.94
C ASP A 58 9.12 7.45 4.71
N TRP A 59 7.85 7.82 4.85
CA TRP A 59 7.36 9.20 4.75
C TRP A 59 7.86 10.10 5.89
N ASN A 60 7.94 9.58 7.12
CA ASN A 60 8.47 10.28 8.30
C ASN A 60 9.98 10.59 8.13
N GLN A 61 10.70 9.75 7.36
CA GLN A 61 12.09 9.97 6.94
C GLN A 61 12.26 10.69 5.59
N HIS A 62 11.17 11.19 4.99
CA HIS A 62 11.13 11.97 3.74
C HIS A 62 11.77 11.26 2.52
N LYS A 63 11.64 9.93 2.46
CA LYS A 63 12.08 9.10 1.32
C LYS A 63 11.16 9.27 0.10
N GLU A 64 11.66 9.01 -1.10
CA GLU A 64 10.97 9.31 -2.36
C GLU A 64 9.57 8.68 -2.52
N LEU A 65 8.53 9.49 -2.34
CA LEU A 65 7.12 9.07 -2.38
C LEU A 65 6.77 8.32 -3.67
N GLU A 66 7.19 8.83 -4.83
CA GLU A 66 6.90 8.27 -6.17
C GLU A 66 7.45 6.86 -6.43
N LYS A 67 8.41 6.39 -5.60
CA LYS A 67 9.08 5.08 -5.71
C LYS A 67 8.76 4.18 -4.51
N CYS A 68 8.66 4.76 -3.32
CA CYS A 68 8.30 4.09 -2.07
C CYS A 68 6.82 3.64 -2.04
N ARG A 69 5.92 4.38 -2.72
CA ARG A 69 4.48 4.04 -2.83
C ARG A 69 4.25 2.69 -3.51
N GLY A 70 3.08 2.11 -3.26
CA GLY A 70 2.64 0.89 -3.94
C GLY A 70 1.27 0.41 -3.53
N VAL A 71 0.82 -0.66 -4.21
CA VAL A 71 -0.36 -1.44 -3.82
C VAL A 71 0.04 -2.57 -2.86
N PHE A 72 -0.79 -2.82 -1.86
CA PHE A 72 -0.67 -3.94 -0.91
C PHE A 72 -2.01 -4.65 -0.68
N PRO A 73 -2.00 -5.94 -0.28
CA PRO A 73 -3.22 -6.63 0.15
C PRO A 73 -3.75 -6.02 1.45
N GLU A 74 -4.93 -5.38 1.42
CA GLU A 74 -5.51 -4.73 2.60
C GLU A 74 -5.76 -5.72 3.75
N ASN A 75 -5.95 -7.01 3.41
CA ASN A 75 -6.14 -8.13 4.33
C ASN A 75 -4.87 -8.55 5.10
N PHE A 76 -3.70 -8.01 4.75
CA PHE A 76 -2.49 -8.03 5.60
C PHE A 76 -2.40 -6.98 6.70
N THR A 77 -3.26 -5.96 6.66
CA THR A 77 -3.23 -4.79 7.54
C THR A 77 -4.59 -4.59 8.20
N GLU A 78 -4.66 -3.71 9.20
CA GLU A 78 -5.92 -3.32 9.85
C GLU A 78 -6.12 -1.81 9.70
N ARG A 79 -7.37 -1.39 9.48
CA ARG A 79 -7.76 0.02 9.42
C ARG A 79 -7.56 0.66 10.81
N VAL A 80 -6.89 1.81 10.87
CA VAL A 80 -6.60 2.57 12.09
C VAL A 80 -7.20 3.99 11.95
N PRO A 81 -7.43 4.72 13.06
CA PRO A 81 -8.11 6.03 13.05
C PRO A 81 -7.24 7.19 12.53
N SER B 1 -1.47 -21.49 10.85
CA SER B 1 -2.91 -21.29 10.61
C SER B 1 -3.28 -19.82 10.65
N THR B 2 -4.46 -19.49 10.11
CA THR B 2 -5.08 -18.14 10.15
C THR B 2 -4.34 -17.01 9.44
N VAL B 3 -3.34 -17.36 8.63
CA VAL B 3 -2.56 -16.38 7.84
C VAL B 3 -3.33 -15.81 6.66
N PRO B 4 -3.16 -14.51 6.32
CA PRO B 4 -3.73 -13.92 5.12
C PRO B 4 -2.96 -14.32 3.85
N VAL B 5 -3.58 -14.13 2.69
CA VAL B 5 -3.01 -14.40 1.35
C VAL B 5 -3.37 -13.27 0.39
N ALA B 6 -2.39 -12.78 -0.38
CA ALA B 6 -2.59 -11.62 -1.26
C ALA B 6 -3.55 -11.96 -2.44
N PRO B 7 -4.56 -11.12 -2.75
CA PRO B 7 -5.51 -11.40 -3.83
C PRO B 7 -4.86 -11.42 -5.22
N PRO B 8 -5.55 -11.94 -6.25
CA PRO B 8 -5.22 -11.69 -7.65
C PRO B 8 -5.26 -10.19 -8.00
N ARG B 9 -4.60 -9.80 -9.10
CA ARG B 9 -4.62 -8.42 -9.63
C ARG B 9 -4.90 -8.39 -11.14
N ARG B 10 -5.05 -7.18 -11.69
CA ARG B 10 -5.27 -6.88 -13.12
C ARG B 10 -4.36 -5.70 -13.49
N ARG B 11 -3.19 -5.98 -14.08
CA ARG B 11 -2.23 -4.93 -14.47
C ARG B 11 -2.78 -4.09 -15.64
N ARG B 12 -2.22 -2.89 -15.82
CA ARG B 12 -2.48 -2.02 -16.99
C ARG B 12 -1.60 -2.37 -18.19
N GLY B 13 -1.58 -3.66 -18.55
CA GLY B 13 -0.43 -4.29 -19.21
C GLY B 13 0.79 -4.35 -18.28
N ARG B 14 1.92 -4.91 -18.73
CA ARG B 14 3.21 -4.93 -18.00
C ARG B 14 3.91 -3.56 -18.04
N ASN B 15 3.20 -2.53 -17.61
CA ASN B 15 3.58 -1.11 -17.70
C ASN B 15 3.74 -0.44 -16.33
N LEU B 16 3.74 -1.20 -15.24
CA LEU B 16 3.95 -0.70 -13.88
C LEU B 16 5.35 -0.07 -13.79
N THR B 17 5.50 0.97 -12.95
CA THR B 17 6.68 1.86 -12.93
C THR B 17 7.92 1.40 -12.18
N GLY A 1 10.61 13.50 13.50
CA GLY A 1 9.14 13.51 13.49
C GLY A 1 8.62 14.70 12.71
N ARG A 2 7.37 14.58 12.21
CA ARG A 2 6.76 15.53 11.26
C ARG A 2 5.26 15.79 11.39
N LEU A 3 4.48 14.87 11.95
CA LEU A 3 3.00 14.77 11.93
C LEU A 3 2.34 14.73 10.52
N ASP A 4 2.77 15.59 9.61
CA ASP A 4 2.37 15.76 8.21
C ASP A 4 2.15 14.50 7.35
N LEU A 5 1.20 14.57 6.41
CA LEU A 5 0.67 13.45 5.62
C LEU A 5 0.61 13.73 4.12
N PRO A 6 0.57 12.68 3.28
CA PRO A 6 0.67 12.78 1.82
C PRO A 6 -0.55 13.45 1.14
N PRO A 7 -0.40 13.93 -0.10
CA PRO A 7 -1.49 14.53 -0.87
C PRO A 7 -2.58 13.50 -1.16
N GLY A 8 -3.84 13.89 -0.92
CA GLY A 8 -4.99 13.00 -1.06
C GLY A 8 -5.15 11.95 0.06
N PHE A 9 -4.28 11.90 1.08
CA PHE A 9 -4.37 10.95 2.18
C PHE A 9 -5.77 10.58 2.68
N MET A 10 -6.11 9.29 2.67
CA MET A 10 -7.43 8.80 3.05
C MET A 10 -7.47 8.37 4.51
N PHE A 11 -6.54 7.48 4.89
CA PHE A 11 -6.46 6.81 6.19
C PHE A 11 -5.14 6.09 6.40
N LYS A 12 -4.83 5.66 7.62
CA LYS A 12 -3.73 4.74 7.90
C LYS A 12 -4.26 3.31 8.08
N VAL A 13 -3.35 2.34 7.96
CA VAL A 13 -3.52 0.93 8.34
C VAL A 13 -2.25 0.45 9.05
N GLN A 14 -2.31 -0.57 9.92
CA GLN A 14 -1.13 -1.18 10.53
C GLN A 14 -1.01 -2.67 10.15
N ALA A 15 0.16 -3.11 9.66
CA ALA A 15 0.39 -4.48 9.22
C ALA A 15 0.25 -5.49 10.37
N GLN A 16 -0.69 -6.41 10.21
CA GLN A 16 -0.94 -7.54 11.11
C GLN A 16 -0.04 -8.75 10.76
N HIS A 17 0.56 -8.74 9.57
CA HIS A 17 1.32 -9.83 8.98
C HIS A 17 2.47 -9.32 8.10
N ASP A 18 3.48 -10.15 7.91
CA ASP A 18 4.64 -9.89 7.04
C ASP A 18 4.39 -10.17 5.54
N TYR A 19 4.62 -9.17 4.68
CA TYR A 19 4.38 -9.26 3.24
C TYR A 19 5.60 -8.78 2.42
N THR A 20 6.20 -9.71 1.68
CA THR A 20 7.26 -9.41 0.70
C THR A 20 6.73 -8.97 -0.65
N ALA A 21 7.17 -7.81 -1.17
CA ALA A 21 6.78 -7.36 -2.50
C ALA A 21 7.33 -8.31 -3.57
N THR A 22 6.48 -8.60 -4.56
CA THR A 22 6.71 -9.60 -5.63
C THR A 22 6.40 -9.11 -7.05
N ASP A 23 6.04 -7.84 -7.20
CA ASP A 23 5.99 -7.08 -8.45
C ASP A 23 6.56 -5.65 -8.39
N THR A 24 6.92 -5.08 -9.53
CA THR A 24 7.64 -3.79 -9.61
C THR A 24 6.92 -2.56 -9.06
N ASP A 25 5.62 -2.69 -8.78
CA ASP A 25 4.73 -1.68 -8.20
C ASP A 25 4.21 -1.97 -6.77
N GLU A 26 4.61 -3.09 -6.17
CA GLU A 26 4.14 -3.55 -4.86
C GLU A 26 4.86 -2.89 -3.67
N LEU A 27 4.10 -2.64 -2.59
CA LEU A 27 4.58 -2.19 -1.29
C LEU A 27 5.02 -3.42 -0.45
N GLN A 28 5.96 -3.20 0.46
CA GLN A 28 6.55 -4.24 1.31
C GLN A 28 6.30 -3.94 2.80
N LEU A 29 5.77 -4.91 3.55
CA LEU A 29 5.25 -4.73 4.90
C LEU A 29 5.84 -5.74 5.89
N LYS A 30 6.02 -5.32 7.15
CA LYS A 30 6.44 -6.12 8.31
C LYS A 30 5.36 -6.06 9.38
N ALA A 31 5.11 -7.15 10.12
CA ALA A 31 4.10 -7.19 11.20
C ALA A 31 4.34 -6.09 12.27
N GLY A 32 3.58 -4.99 12.16
CA GLY A 32 3.70 -3.76 12.95
C GLY A 32 3.86 -2.47 12.15
N ASP A 33 4.02 -2.52 10.81
CA ASP A 33 4.23 -1.34 9.97
C ASP A 33 2.97 -0.49 9.77
N VAL A 34 2.98 0.80 10.13
CA VAL A 34 1.94 1.74 9.67
C VAL A 34 2.12 2.08 8.20
N VAL A 35 1.02 2.06 7.43
CA VAL A 35 0.94 2.51 6.04
C VAL A 35 -0.07 3.62 5.88
N LEU A 36 0.37 4.74 5.34
CA LEU A 36 -0.48 5.87 5.01
C LEU A 36 -1.19 5.57 3.68
N VAL A 37 -2.45 5.11 3.73
CA VAL A 37 -3.29 4.90 2.53
C VAL A 37 -3.59 6.18 1.74
N ILE A 38 -3.39 6.13 0.42
CA ILE A 38 -3.64 7.19 -0.56
C ILE A 38 -4.50 6.63 -1.72
N PRO A 39 -5.22 7.49 -2.47
CA PRO A 39 -5.98 7.09 -3.64
C PRO A 39 -5.07 6.72 -4.83
N PHE A 40 -5.58 5.87 -5.73
CA PHE A 40 -4.89 5.43 -6.94
C PHE A 40 -4.64 6.50 -8.02
N GLN A 41 -3.62 6.29 -8.87
CA GLN A 41 -3.26 7.25 -9.93
C GLN A 41 -4.33 7.42 -11.04
N ASN A 42 -5.22 6.44 -11.19
CA ASN A 42 -6.32 6.42 -12.15
C ASN A 42 -7.36 5.38 -11.69
N PRO A 43 -8.65 5.56 -12.00
CA PRO A 43 -9.74 4.68 -11.53
C PRO A 43 -9.66 3.27 -12.15
N GLU A 44 -9.16 3.16 -13.37
CA GLU A 44 -9.03 1.90 -14.11
C GLU A 44 -7.69 1.17 -13.89
N GLU A 45 -6.71 1.84 -13.28
CA GLU A 45 -5.44 1.20 -12.87
C GLU A 45 -5.62 0.41 -11.55
N GLN A 46 -6.57 0.82 -10.71
CA GLN A 46 -6.88 0.25 -9.40
C GLN A 46 -7.29 -1.23 -9.44
N ASP A 47 -6.53 -2.08 -8.74
CA ASP A 47 -6.73 -3.53 -8.68
C ASP A 47 -7.75 -3.86 -7.58
N GLU A 48 -8.75 -4.69 -7.89
CA GLU A 48 -9.76 -5.11 -6.91
C GLU A 48 -9.14 -5.86 -5.73
N GLY A 49 -9.50 -5.46 -4.51
CA GLY A 49 -8.99 -6.03 -3.25
C GLY A 49 -7.66 -5.45 -2.76
N TRP A 50 -6.97 -4.67 -3.60
CA TRP A 50 -5.70 -4.01 -3.28
C TRP A 50 -5.88 -2.60 -2.71
N LEU A 51 -4.90 -2.12 -1.94
CA LEU A 51 -4.83 -0.73 -1.49
C LEU A 51 -3.47 -0.13 -1.84
N MET A 52 -3.42 1.19 -2.04
CA MET A 52 -2.18 1.94 -2.27
C MET A 52 -1.85 2.83 -1.07
N GLY A 53 -0.56 2.96 -0.77
CA GLY A 53 -0.06 3.80 0.30
C GLY A 53 1.46 3.94 0.28
N VAL A 54 1.97 4.57 1.34
CA VAL A 54 3.41 4.66 1.64
C VAL A 54 3.62 4.35 3.12
N LYS A 55 4.66 3.60 3.49
CA LYS A 55 4.97 3.34 4.89
C LYS A 55 5.19 4.63 5.67
N GLU A 56 4.64 4.73 6.87
CA GLU A 56 4.81 5.93 7.69
C GLU A 56 6.28 6.17 8.02
N SER A 57 7.06 5.13 8.34
CA SER A 57 8.51 5.26 8.59
C SER A 57 9.28 5.78 7.38
N ASP A 58 8.86 5.38 6.17
CA ASP A 58 9.37 5.86 4.89
C ASP A 58 9.06 7.33 4.56
N TRP A 59 7.80 7.70 4.75
CA TRP A 59 7.32 9.09 4.60
C TRP A 59 7.91 10.03 5.67
N ASN A 60 8.15 9.53 6.89
CA ASN A 60 8.87 10.23 7.98
C ASN A 60 10.39 10.32 7.73
N GLN A 61 10.96 9.42 6.91
CA GLN A 61 12.34 9.51 6.39
C GLN A 61 12.47 10.50 5.22
N HIS A 62 11.38 11.16 4.82
CA HIS A 62 11.35 12.24 3.82
C HIS A 62 11.81 11.81 2.43
N LYS A 63 11.55 10.54 2.09
CA LYS A 63 11.84 9.91 0.79
C LYS A 63 10.84 10.32 -0.29
N GLU A 64 11.23 10.21 -1.56
CA GLU A 64 10.34 10.45 -2.71
C GLU A 64 9.15 9.48 -2.79
N LEU A 65 7.95 10.03 -2.60
CA LEU A 65 6.67 9.29 -2.61
C LEU A 65 6.47 8.49 -3.90
N GLU A 66 6.78 9.09 -5.06
CA GLU A 66 6.52 8.51 -6.40
C GLU A 66 7.37 7.27 -6.75
N LYS A 67 8.37 6.93 -5.92
CA LYS A 67 9.08 5.64 -5.95
C LYS A 67 8.77 4.80 -4.72
N CYS A 68 8.71 5.41 -3.54
CA CYS A 68 8.59 4.70 -2.26
C CYS A 68 7.18 4.16 -1.94
N ARG A 69 6.14 4.65 -2.63
CA ARG A 69 4.78 4.09 -2.62
C ARG A 69 4.71 2.69 -3.23
N GLY A 70 3.61 2.01 -2.95
CA GLY A 70 3.24 0.76 -3.59
C GLY A 70 1.80 0.33 -3.34
N VAL A 71 1.39 -0.75 -4.02
CA VAL A 71 0.14 -1.49 -3.76
C VAL A 71 0.39 -2.65 -2.80
N PHE A 72 -0.53 -2.90 -1.87
CA PHE A 72 -0.46 -4.02 -0.93
C PHE A 72 -1.81 -4.73 -0.72
N PRO A 73 -1.81 -6.00 -0.28
CA PRO A 73 -3.03 -6.69 0.14
C PRO A 73 -3.58 -6.05 1.43
N GLU A 74 -4.74 -5.38 1.36
CA GLU A 74 -5.34 -4.70 2.53
C GLU A 74 -5.56 -5.66 3.72
N ASN A 75 -5.80 -6.94 3.42
CA ASN A 75 -6.04 -8.03 4.36
C ASN A 75 -4.80 -8.43 5.19
N PHE A 76 -3.61 -7.98 4.81
CA PHE A 76 -2.41 -8.00 5.65
C PHE A 76 -2.33 -6.94 6.77
N THR A 77 -3.26 -5.97 6.79
CA THR A 77 -3.26 -4.81 7.68
C THR A 77 -4.61 -4.63 8.37
N GLU A 78 -4.66 -3.76 9.38
CA GLU A 78 -5.90 -3.35 10.06
C GLU A 78 -6.03 -1.83 10.02
N ARG A 79 -7.23 -1.32 9.75
CA ARG A 79 -7.57 0.12 9.78
C ARG A 79 -7.27 0.70 11.16
N VAL A 80 -6.69 1.90 11.18
CA VAL A 80 -6.34 2.68 12.39
C VAL A 80 -6.88 4.12 12.26
N PRO A 81 -6.99 4.88 13.37
CA PRO A 81 -7.51 6.25 13.39
C PRO A 81 -6.56 7.31 12.81
N SER B 1 -3.89 -21.59 7.92
CA SER B 1 -4.80 -21.68 9.09
C SER B 1 -5.06 -20.32 9.71
N THR B 2 -4.05 -19.47 9.93
CA THR B 2 -4.17 -18.15 10.59
C THR B 2 -3.67 -16.92 9.83
N VAL B 3 -2.86 -17.11 8.78
CA VAL B 3 -2.32 -16.04 7.93
C VAL B 3 -3.14 -15.75 6.65
N PRO B 4 -3.20 -14.51 6.16
CA PRO B 4 -3.85 -14.15 4.90
C PRO B 4 -3.03 -14.49 3.64
N VAL B 5 -3.65 -14.38 2.48
CA VAL B 5 -3.07 -14.52 1.14
C VAL B 5 -3.52 -13.35 0.28
N ALA B 6 -2.62 -12.74 -0.50
CA ALA B 6 -2.94 -11.58 -1.31
C ALA B 6 -4.02 -11.90 -2.37
N PRO B 7 -4.99 -10.99 -2.62
CA PRO B 7 -6.01 -11.21 -3.63
C PRO B 7 -5.40 -11.14 -5.04
N PRO B 8 -6.06 -11.68 -6.08
CA PRO B 8 -5.58 -11.58 -7.45
C PRO B 8 -5.35 -10.13 -7.87
N ARG B 9 -4.44 -9.91 -8.83
CA ARG B 9 -4.33 -8.64 -9.59
C ARG B 9 -4.89 -8.80 -11.00
N ARG B 10 -5.50 -7.74 -11.53
CA ARG B 10 -6.58 -7.79 -12.55
C ARG B 10 -6.84 -6.42 -13.22
N ARG B 11 -7.75 -6.39 -14.21
CA ARG B 11 -8.33 -5.21 -14.90
C ARG B 11 -7.41 -4.40 -15.82
N ARG B 12 -6.14 -4.21 -15.46
CA ARG B 12 -5.26 -3.16 -16.03
C ARG B 12 -4.93 -3.33 -17.52
N GLY B 13 -5.06 -2.24 -18.27
CA GLY B 13 -4.50 -2.13 -19.62
C GLY B 13 -5.38 -2.72 -20.73
N ARG B 14 -4.76 -3.02 -21.88
CA ARG B 14 -5.41 -3.51 -23.11
C ARG B 14 -6.51 -2.55 -23.62
N ASN B 15 -6.12 -1.30 -23.84
CA ASN B 15 -6.98 -0.25 -24.41
C ASN B 15 -7.19 -0.44 -25.93
N LEU B 16 -6.19 -0.96 -26.63
CA LEU B 16 -6.22 -1.24 -28.07
C LEU B 16 -6.38 -2.75 -28.35
N THR B 17 -6.82 -3.06 -29.57
CA THR B 17 -6.84 -4.42 -30.14
C THR B 17 -5.51 -4.87 -30.73
N GLY A 1 10.13 12.38 13.10
CA GLY A 1 8.85 12.88 13.62
C GLY A 1 8.33 14.02 12.77
N ARG A 2 7.13 13.84 12.20
CA ARG A 2 6.43 14.83 11.36
C ARG A 2 4.92 14.75 11.61
N LEU A 3 4.15 15.72 11.11
CA LEU A 3 2.69 15.79 11.27
C LEU A 3 1.98 15.77 9.90
N ASP A 4 2.59 16.39 8.89
CA ASP A 4 2.08 16.48 7.52
C ASP A 4 2.07 15.12 6.82
N LEU A 5 1.00 14.90 6.06
CA LEU A 5 0.63 13.65 5.39
C LEU A 5 0.64 13.81 3.85
N PRO A 6 0.67 12.68 3.11
CA PRO A 6 0.87 12.69 1.65
C PRO A 6 -0.28 13.31 0.85
N PRO A 7 -0.02 13.69 -0.42
CA PRO A 7 -1.04 14.22 -1.33
C PRO A 7 -2.21 13.24 -1.48
N GLY A 8 -3.43 13.75 -1.28
CA GLY A 8 -4.66 12.99 -1.32
C GLY A 8 -4.94 12.08 -0.11
N PHE A 9 -4.09 12.03 0.93
CA PHE A 9 -4.23 11.13 2.07
C PHE A 9 -5.67 10.86 2.58
N MET A 10 -6.04 9.58 2.70
CA MET A 10 -7.38 9.16 3.10
C MET A 10 -7.42 8.66 4.54
N PHE A 11 -6.55 7.72 4.88
CA PHE A 11 -6.50 7.03 6.17
C PHE A 11 -5.21 6.23 6.36
N LYS A 12 -4.97 5.69 7.55
CA LYS A 12 -3.87 4.75 7.80
C LYS A 12 -4.37 3.30 7.93
N VAL A 13 -3.43 2.35 7.83
CA VAL A 13 -3.57 0.93 8.23
C VAL A 13 -2.33 0.52 9.04
N GLN A 14 -2.40 -0.59 9.79
CA GLN A 14 -1.21 -1.20 10.40
C GLN A 14 -1.07 -2.69 10.03
N ALA A 15 0.10 -3.13 9.58
CA ALA A 15 0.36 -4.53 9.21
C ALA A 15 0.22 -5.46 10.42
N GLN A 16 -0.59 -6.51 10.25
CA GLN A 16 -0.72 -7.63 11.18
C GLN A 16 0.30 -8.74 10.86
N HIS A 17 0.69 -8.86 9.59
CA HIS A 17 1.60 -9.89 9.06
C HIS A 17 2.61 -9.29 8.07
N ASP A 18 3.75 -9.97 7.88
CA ASP A 18 4.80 -9.56 6.95
C ASP A 18 4.58 -9.97 5.48
N TYR A 19 4.74 -9.02 4.55
CA TYR A 19 4.42 -9.19 3.14
C TYR A 19 5.53 -8.68 2.21
N THR A 20 6.12 -9.59 1.44
CA THR A 20 7.17 -9.28 0.44
C THR A 20 6.64 -8.83 -0.92
N ALA A 21 7.09 -7.68 -1.42
CA ALA A 21 6.78 -7.22 -2.77
C ALA A 21 7.52 -8.04 -3.84
N THR A 22 6.84 -8.29 -4.94
CA THR A 22 7.27 -9.11 -6.08
C THR A 22 6.95 -8.55 -7.48
N ASP A 23 6.23 -7.43 -7.55
CA ASP A 23 6.07 -6.55 -8.71
C ASP A 23 6.56 -5.10 -8.53
N THR A 24 6.91 -4.45 -9.64
CA THR A 24 7.40 -3.05 -9.67
C THR A 24 6.49 -1.99 -9.03
N ASP A 25 5.18 -2.24 -8.91
CA ASP A 25 4.21 -1.33 -8.27
C ASP A 25 3.84 -1.68 -6.81
N GLU A 26 4.27 -2.83 -6.30
CA GLU A 26 3.96 -3.30 -4.93
C GLU A 26 4.72 -2.58 -3.80
N LEU A 27 4.13 -2.64 -2.60
CA LEU A 27 4.66 -2.17 -1.32
C LEU A 27 5.17 -3.34 -0.45
N GLN A 28 6.32 -3.18 0.19
CA GLN A 28 6.91 -4.16 1.11
C GLN A 28 6.53 -3.87 2.58
N LEU A 29 5.89 -4.81 3.28
CA LEU A 29 5.40 -4.64 4.67
C LEU A 29 6.06 -5.63 5.65
N LYS A 30 6.22 -5.20 6.90
CA LYS A 30 6.55 -6.00 8.09
C LYS A 30 5.38 -6.01 9.05
N ALA A 31 5.15 -7.12 9.76
CA ALA A 31 4.16 -7.22 10.83
C ALA A 31 4.43 -6.17 11.92
N GLY A 32 3.63 -5.10 11.93
CA GLY A 32 3.78 -3.91 12.76
C GLY A 32 3.92 -2.59 11.98
N ASP A 33 4.09 -2.62 10.66
CA ASP A 33 4.25 -1.41 9.84
C ASP A 33 2.98 -0.55 9.70
N VAL A 34 3.05 0.74 10.04
CA VAL A 34 2.02 1.71 9.66
C VAL A 34 2.11 2.09 8.18
N VAL A 35 0.98 2.15 7.48
CA VAL A 35 0.89 2.56 6.08
C VAL A 35 -0.14 3.65 5.88
N LEU A 36 0.29 4.79 5.36
CA LEU A 36 -0.56 5.92 5.00
C LEU A 36 -1.27 5.61 3.67
N VAL A 37 -2.54 5.19 3.73
CA VAL A 37 -3.38 4.99 2.52
C VAL A 37 -3.61 6.27 1.71
N ILE A 38 -3.39 6.16 0.40
CA ILE A 38 -3.57 7.21 -0.60
C ILE A 38 -4.46 6.69 -1.75
N PRO A 39 -5.13 7.58 -2.51
CA PRO A 39 -5.83 7.21 -3.72
C PRO A 39 -4.85 6.85 -4.86
N PHE A 40 -5.32 6.03 -5.80
CA PHE A 40 -4.59 5.72 -7.03
C PHE A 40 -4.40 6.89 -8.00
N GLN A 41 -3.39 6.82 -8.89
CA GLN A 41 -3.22 7.77 -9.99
C GLN A 41 -4.36 7.68 -11.04
N ASN A 42 -5.01 6.52 -11.16
CA ASN A 42 -6.18 6.27 -12.03
C ASN A 42 -7.16 5.24 -11.41
N PRO A 43 -8.47 5.36 -11.68
CA PRO A 43 -9.49 4.45 -11.18
C PRO A 43 -9.44 3.07 -11.85
N GLU A 44 -9.00 2.97 -13.11
CA GLU A 44 -8.80 1.69 -13.83
C GLU A 44 -7.51 0.96 -13.41
N GLU A 45 -6.50 1.67 -12.91
CA GLU A 45 -5.24 1.09 -12.42
C GLU A 45 -5.40 0.39 -11.06
N GLN A 46 -6.42 0.77 -10.28
CA GLN A 46 -6.81 0.16 -9.02
C GLN A 46 -7.28 -1.30 -9.17
N ASP A 47 -6.83 -2.16 -8.25
CA ASP A 47 -7.07 -3.61 -8.20
C ASP A 47 -7.90 -4.06 -6.98
N GLU A 48 -8.87 -4.96 -7.15
CA GLU A 48 -9.87 -5.27 -6.11
C GLU A 48 -9.28 -6.12 -4.97
N GLY A 49 -9.57 -5.72 -3.72
CA GLY A 49 -8.99 -6.31 -2.50
C GLY A 49 -7.63 -5.72 -2.09
N TRP A 50 -7.03 -4.89 -2.96
CA TRP A 50 -5.80 -4.17 -2.71
C TRP A 50 -6.03 -2.77 -2.13
N LEU A 51 -4.99 -2.19 -1.53
CA LEU A 51 -4.92 -0.78 -1.18
C LEU A 51 -3.57 -0.21 -1.62
N MET A 52 -3.53 1.10 -1.90
CA MET A 52 -2.30 1.84 -2.17
C MET A 52 -1.95 2.75 -0.99
N GLY A 53 -0.67 2.84 -0.66
CA GLY A 53 -0.16 3.75 0.36
C GLY A 53 1.35 3.93 0.31
N VAL A 54 1.86 4.63 1.32
CA VAL A 54 3.28 4.75 1.63
C VAL A 54 3.50 4.45 3.12
N LYS A 55 4.54 3.70 3.46
CA LYS A 55 4.90 3.42 4.86
C LYS A 55 5.10 4.72 5.63
N GLU A 56 4.54 4.83 6.83
CA GLU A 56 4.74 6.03 7.65
C GLU A 56 6.22 6.22 7.99
N SER A 57 6.98 5.14 8.27
CA SER A 57 8.43 5.24 8.51
C SER A 57 9.20 5.67 7.26
N ASP A 58 8.78 5.25 6.05
CA ASP A 58 9.29 5.79 4.79
C ASP A 58 9.07 7.31 4.62
N TRP A 59 7.83 7.75 4.83
CA TRP A 59 7.37 9.13 4.71
C TRP A 59 7.94 10.05 5.82
N ASN A 60 8.15 9.53 7.03
CA ASN A 60 8.78 10.22 8.15
C ASN A 60 10.32 10.26 8.03
N GLN A 61 10.93 9.41 7.22
CA GLN A 61 12.32 9.57 6.75
C GLN A 61 12.44 10.37 5.43
N HIS A 62 11.33 10.92 4.93
CA HIS A 62 11.25 11.86 3.78
C HIS A 62 11.76 11.28 2.44
N LYS A 63 11.70 9.95 2.30
CA LYS A 63 12.08 9.19 1.10
C LYS A 63 11.11 9.46 -0.06
N GLU A 64 11.55 9.29 -1.31
CA GLU A 64 10.80 9.74 -2.50
C GLU A 64 9.45 9.02 -2.70
N LEU A 65 8.34 9.68 -2.40
CA LEU A 65 6.99 9.10 -2.42
C LEU A 65 6.65 8.38 -3.74
N GLU A 66 6.97 8.99 -4.88
CA GLU A 66 6.62 8.51 -6.23
C GLU A 66 7.31 7.19 -6.63
N LYS A 67 8.42 6.81 -5.98
CA LYS A 67 8.97 5.44 -6.05
C LYS A 67 8.60 4.61 -4.81
N CYS A 68 8.66 5.19 -3.62
CA CYS A 68 8.55 4.49 -2.34
C CYS A 68 7.14 3.95 -2.01
N ARG A 69 6.09 4.54 -2.59
CA ARG A 69 4.69 4.05 -2.51
C ARG A 69 4.53 2.67 -3.14
N GLY A 70 3.40 2.03 -2.87
CA GLY A 70 3.02 0.79 -3.51
C GLY A 70 1.65 0.26 -3.11
N VAL A 71 1.19 -0.76 -3.85
CA VAL A 71 -0.01 -1.54 -3.51
C VAL A 71 0.33 -2.68 -2.56
N PHE A 72 -0.60 -2.99 -1.66
CA PHE A 72 -0.53 -4.10 -0.73
C PHE A 72 -1.91 -4.76 -0.50
N PRO A 73 -1.97 -6.05 -0.12
CA PRO A 73 -3.23 -6.69 0.29
C PRO A 73 -3.72 -6.08 1.60
N GLU A 74 -4.85 -5.37 1.59
CA GLU A 74 -5.36 -4.70 2.80
C GLU A 74 -5.63 -5.70 3.96
N ASN A 75 -5.90 -6.96 3.62
CA ASN A 75 -6.11 -8.08 4.55
C ASN A 75 -4.84 -8.52 5.33
N PHE A 76 -3.66 -8.12 4.87
CA PHE A 76 -2.43 -8.14 5.69
C PHE A 76 -2.33 -7.08 6.79
N THR A 77 -3.19 -6.06 6.75
CA THR A 77 -3.22 -4.91 7.65
C THR A 77 -4.60 -4.76 8.31
N GLU A 78 -4.73 -3.78 9.20
CA GLU A 78 -6.03 -3.38 9.76
C GLU A 78 -6.19 -1.85 9.70
N ARG A 79 -7.39 -1.40 9.33
CA ARG A 79 -7.74 0.02 9.16
C ARG A 79 -7.78 0.72 10.53
N VAL A 80 -6.84 1.63 10.76
CA VAL A 80 -6.70 2.40 12.02
C VAL A 80 -7.43 3.75 11.89
N PRO A 81 -7.79 4.41 13.01
CA PRO A 81 -8.55 5.67 13.03
C PRO A 81 -7.73 6.90 12.62
N SER B 1 -1.60 -23.84 7.31
CA SER B 1 -1.42 -22.47 7.81
C SER B 1 -2.78 -21.76 7.94
N THR B 2 -2.79 -20.59 8.58
CA THR B 2 -3.98 -19.71 8.76
C THR B 2 -3.81 -18.22 8.40
N VAL B 3 -2.57 -17.79 8.13
CA VAL B 3 -2.21 -16.40 7.78
C VAL B 3 -2.94 -15.90 6.51
N PRO B 4 -3.12 -14.57 6.34
CA PRO B 4 -3.84 -14.00 5.20
C PRO B 4 -3.21 -14.34 3.84
N VAL B 5 -3.99 -14.22 2.77
CA VAL B 5 -3.60 -14.53 1.38
C VAL B 5 -4.01 -13.41 0.43
N ALA B 6 -3.07 -12.87 -0.33
CA ALA B 6 -3.28 -11.72 -1.20
C ALA B 6 -4.25 -12.02 -2.37
N PRO B 7 -5.13 -11.07 -2.74
CA PRO B 7 -6.01 -11.23 -3.90
C PRO B 7 -5.27 -11.11 -5.24
N PRO B 8 -5.89 -11.49 -6.38
CA PRO B 8 -5.29 -11.32 -7.72
C PRO B 8 -5.01 -9.85 -8.05
N ARG B 9 -4.03 -9.59 -8.94
CA ARG B 9 -3.71 -8.24 -9.48
C ARG B 9 -3.74 -8.24 -11.00
N ARG B 10 -3.99 -7.08 -11.61
CA ARG B 10 -4.28 -6.91 -13.05
C ARG B 10 -3.40 -5.77 -13.63
N ARG B 11 -2.70 -6.01 -14.75
CA ARG B 11 -1.89 -4.96 -15.41
C ARG B 11 -2.75 -3.92 -16.13
N ARG B 12 -2.47 -2.64 -15.87
CA ARG B 12 -3.02 -1.44 -16.53
C ARG B 12 -2.12 -0.24 -16.35
N GLY B 13 -2.14 0.67 -17.31
CA GLY B 13 -1.40 1.93 -17.26
C GLY B 13 0.07 1.80 -17.68
N ARG B 14 0.65 2.89 -18.19
CA ARG B 14 1.91 2.91 -18.96
C ARG B 14 3.08 2.26 -18.21
N ASN B 15 3.93 1.50 -18.90
CA ASN B 15 5.10 0.83 -18.32
C ASN B 15 6.41 0.81 -19.16
N LEU B 16 6.36 1.15 -20.46
CA LEU B 16 7.49 1.09 -21.39
C LEU B 16 8.73 1.87 -20.90
N THR B 17 9.87 1.19 -20.75
CA THR B 17 11.11 1.72 -20.13
C THR B 17 12.00 2.57 -21.02
#